data_4Z5W
#
_entry.id   4Z5W
#
_cell.length_a   66.675
_cell.length_b   75.745
_cell.length_c   93.902
_cell.angle_alpha   111.33
_cell.angle_beta   105.71
_cell.angle_gamma   97.17
#
_symmetry.space_group_name_H-M   'P 1'
#
loop_
_entity.id
_entity.type
_entity.pdbx_description
1 polymer 'Phytosulfokine receptor 1'
2 polymer Phytosulfokine
3 branched 2-acetamido-2-deoxy-beta-D-glucopyranose-(1-4)-2-acetamido-2-deoxy-beta-D-glucopyranose
4 non-polymer 2-acetamido-2-deoxy-beta-D-glucopyranose
5 water water
#
loop_
_entity_poly.entity_id
_entity_poly.type
_entity_poly.pdbx_seq_one_letter_code
_entity_poly.pdbx_strand_id
1 'polypeptide(L)'
;SQNLTCNSNDLKALEGFMRGLESSIDGWKWNESSSFSSNCCDWVGISCKSSVSLGLDDVNESGRVVELELGRRKLSGKLS
ESVAKLDQLKVLNLTHNSLSGSIAASLLNLSNLEVLDLSSNDFSGLFPSLINLPSLRVLNVYENSFHGLIPASLCNNLPR
IREIDLAMNYFDGSIPVGIGNCSSVEYLGLASNNLSGSIPQELFQLSNLSVLALQNNRLSGALSSKLGKLSNLGRLDISS
NKFSGKIPDVFLELNKLWYFSAQSNLFNGEMPRSLSNSRSISLLSLRNNTLSGQIYLNCSAMTNLTSLDLASNSFSGSIP
SNLPNCLRLKTINFAKIKFIAQIPESFKNFQSLTSLSFSNSSIQNISSALEILQHCQNLKTLVLTLNFQKEELPSVPSLQ
FKNLKVLIIASCQLRGTVPQWLSNSPSLQLLDLSWNQLSGTIPPWLGSLNSLFYLDLSNNTFIGEIPHSLTSLQSLVSKE
NAVEEPSPDFPFFKKKNTNAGGLQYNQPSSFPPMIDLSYNSLNGSIWPEFGDLRQLHVLNLKNNNLSGNIPANLSGMTSL
EVLDLSHNNLSGNIPPSLVKLSFLSTFSVAYNKLSGPIPTGVQFQTFPNSSFEGNQGLCGEHASPCHITDQSPHGSHHHH
HH
;
A,B
2 'polypeptide(L)' (TYS)I(TYS)TQ P,Q
#
loop_
_chem_comp.id
_chem_comp.type
_chem_comp.name
_chem_comp.formula
NAG D-saccharide, beta linking 2-acetamido-2-deoxy-beta-D-glucopyranose 'C8 H15 N O6'
#
# COMPACT_ATOMS: atom_id res chain seq x y z
N LEU A 4 -20.97 11.74 -52.24
CA LEU A 4 -20.59 13.15 -52.26
C LEU A 4 -21.66 14.00 -51.57
N THR A 5 -22.93 13.81 -51.93
CA THR A 5 -24.00 14.50 -51.23
C THR A 5 -24.51 13.63 -50.10
N CYS A 6 -24.44 14.13 -48.88
CA CYS A 6 -24.81 13.39 -47.68
C CYS A 6 -26.25 12.93 -47.66
N ASN A 7 -26.44 11.65 -47.37
CA ASN A 7 -27.77 11.08 -47.15
C ASN A 7 -28.39 11.73 -45.94
N SER A 8 -29.68 12.03 -46.01
CA SER A 8 -30.35 12.81 -44.97
C SER A 8 -30.57 12.01 -43.70
N ASN A 9 -30.84 10.72 -43.82
CA ASN A 9 -31.02 9.86 -42.64
C ASN A 9 -29.73 9.66 -41.86
N ASP A 10 -28.62 9.60 -42.59
CA ASP A 10 -27.28 9.55 -41.99
C ASP A 10 -26.98 10.87 -41.24
N LEU A 11 -27.51 11.98 -41.76
CA LEU A 11 -27.28 13.28 -41.11
C LEU A 11 -28.02 13.35 -39.77
N LYS A 12 -29.28 12.91 -39.75
CA LYS A 12 -30.05 12.81 -38.51
C LYS A 12 -29.25 12.00 -37.49
N ALA A 13 -28.78 10.84 -37.93
CA ALA A 13 -27.98 9.94 -37.10
C ALA A 13 -26.73 10.61 -36.53
N LEU A 14 -25.99 11.32 -37.36
CA LEU A 14 -24.79 11.99 -36.92
C LEU A 14 -25.15 13.12 -35.95
N GLU A 15 -26.32 13.73 -36.17
CA GLU A 15 -26.81 14.76 -35.26
C GLU A 15 -27.06 14.20 -33.87
N GLY A 16 -27.66 13.02 -33.81
CA GLY A 16 -27.82 12.30 -32.56
C GLY A 16 -26.46 11.99 -31.93
N PHE A 17 -25.49 11.61 -32.75
CA PHE A 17 -24.14 11.33 -32.28
C PHE A 17 -23.53 12.58 -31.64
N MET A 18 -23.67 13.72 -32.30
CA MET A 18 -23.18 14.96 -31.74
C MET A 18 -23.83 15.28 -30.39
N ARG A 19 -25.15 15.11 -30.28
CA ARG A 19 -25.87 15.38 -29.04
C ARG A 19 -25.29 14.61 -27.83
N GLY A 20 -24.75 13.42 -28.08
CA GLY A 20 -24.19 12.61 -27.00
C GLY A 20 -22.81 13.09 -26.55
N LEU A 21 -22.18 13.91 -27.39
CA LEU A 21 -20.85 14.46 -27.10
C LEU A 21 -20.90 15.70 -26.22
N GLU A 22 -19.86 15.90 -25.43
CA GLU A 22 -19.78 17.06 -24.52
C GLU A 22 -19.35 18.32 -25.27
N SER A 23 -18.44 18.17 -26.21
CA SER A 23 -17.95 19.30 -26.99
C SER A 23 -18.01 19.05 -28.50
N SER A 24 -18.07 20.15 -29.26
CA SER A 24 -18.12 20.08 -30.71
C SER A 24 -16.87 19.50 -31.34
N ILE A 25 -17.07 18.82 -32.47
CA ILE A 25 -15.97 18.40 -33.32
C ILE A 25 -15.75 19.49 -34.36
N ASP A 26 -14.51 19.90 -34.55
CA ASP A 26 -14.20 20.98 -35.46
C ASP A 26 -14.46 20.57 -36.90
N GLY A 27 -15.22 21.38 -37.63
CA GLY A 27 -15.53 21.08 -39.02
C GLY A 27 -16.93 20.54 -39.25
N TRP A 28 -17.58 20.09 -38.17
CA TRP A 28 -18.95 19.56 -38.24
C TRP A 28 -19.96 20.66 -37.98
N LYS A 29 -21.09 20.57 -38.63
CA LYS A 29 -22.12 21.53 -38.45
C LYS A 29 -22.89 21.11 -37.25
N TRP A 30 -22.51 21.73 -36.14
CA TRP A 30 -23.01 21.44 -34.83
C TRP A 30 -24.32 22.09 -34.51
N ASN A 31 -24.56 23.27 -35.04
CA ASN A 31 -25.88 23.86 -34.98
C ASN A 31 -26.36 24.34 -36.37
N GLU A 32 -27.51 24.96 -36.36
CA GLU A 32 -28.27 25.22 -37.55
C GLU A 32 -27.67 26.40 -38.39
N SER A 33 -26.65 27.07 -37.84
CA SER A 33 -25.85 28.18 -38.42
C SER A 33 -24.88 27.92 -39.57
N SER A 34 -25.29 28.24 -40.77
CA SER A 34 -24.51 27.87 -41.96
C SER A 34 -23.03 28.36 -42.09
N SER A 35 -22.18 27.98 -41.14
CA SER A 35 -20.70 28.22 -41.18
C SER A 35 -19.83 27.12 -41.77
N PHE A 36 -19.82 25.98 -41.10
CA PHE A 36 -19.39 24.73 -41.68
C PHE A 36 -20.40 24.24 -42.74
N SER A 37 -19.95 23.41 -43.67
CA SER A 37 -20.87 22.94 -44.71
C SER A 37 -21.86 21.96 -44.13
N SER A 38 -23.02 21.88 -44.77
CA SER A 38 -24.09 21.00 -44.33
C SER A 38 -23.89 19.57 -44.82
N ASN A 39 -22.93 19.36 -45.70
CA ASN A 39 -22.74 18.03 -46.26
C ASN A 39 -21.77 17.23 -45.40
N CYS A 40 -22.33 16.28 -44.66
CA CYS A 40 -21.55 15.52 -43.68
C CYS A 40 -20.40 14.74 -44.32
N CYS A 41 -20.53 14.43 -45.61
CA CYS A 41 -19.45 13.80 -46.36
C CYS A 41 -18.23 14.71 -46.51
N ASP A 42 -18.39 16.00 -46.23
CA ASP A 42 -17.27 16.95 -46.27
C ASP A 42 -16.52 17.06 -44.94
N TRP A 43 -17.15 16.53 -43.90
CA TRP A 43 -16.63 16.66 -42.54
C TRP A 43 -15.42 15.76 -42.31
N VAL A 44 -14.59 16.14 -41.34
CA VAL A 44 -13.39 15.38 -41.01
C VAL A 44 -13.79 14.10 -40.24
N GLY A 45 -13.18 12.97 -40.62
CA GLY A 45 -13.47 11.71 -39.98
C GLY A 45 -14.64 10.94 -40.61
N ILE A 46 -15.34 11.57 -41.53
CA ILE A 46 -16.46 10.92 -42.22
C ILE A 46 -16.09 10.55 -43.65
N SER A 47 -16.21 9.27 -43.98
CA SER A 47 -15.99 8.82 -45.36
C SER A 47 -17.29 8.32 -45.97
N CYS A 48 -17.60 8.79 -47.17
CA CYS A 48 -18.84 8.38 -47.85
C CYS A 48 -18.58 7.55 -49.09
N LYS A 49 -19.55 6.73 -49.46
CA LYS A 49 -19.51 6.02 -50.71
C LYS A 49 -20.89 6.17 -51.33
N SER A 50 -20.99 6.15 -52.65
CA SER A 50 -22.30 6.35 -53.28
C SER A 50 -23.23 5.19 -52.96
N SER A 51 -24.52 5.47 -52.85
CA SER A 51 -25.53 4.46 -52.62
C SER A 51 -25.50 3.39 -53.74
N VAL A 52 -25.17 3.81 -54.96
CA VAL A 52 -25.01 2.88 -56.09
C VAL A 52 -23.92 1.83 -55.81
N SER A 53 -22.76 2.28 -55.36
CA SER A 53 -21.62 1.41 -55.12
C SER A 53 -21.83 0.46 -53.94
N LEU A 54 -22.78 0.81 -53.07
CA LEU A 54 -23.14 -0.04 -51.94
C LEU A 54 -24.28 -0.98 -52.30
N GLY A 55 -24.73 -0.91 -53.55
CA GLY A 55 -25.80 -1.74 -54.02
C GLY A 55 -27.20 -1.43 -53.53
N LEU A 56 -27.44 -0.16 -53.24
CA LEU A 56 -28.75 0.34 -52.86
C LEU A 56 -29.43 0.84 -54.12
N ASP A 57 -30.63 0.34 -54.40
CA ASP A 57 -31.30 0.60 -55.68
C ASP A 57 -32.27 1.78 -55.67
N ASP A 58 -32.26 2.55 -54.59
CA ASP A 58 -33.09 3.76 -54.47
C ASP A 58 -32.91 4.70 -55.65
N VAL A 59 -34.03 5.15 -56.22
CA VAL A 59 -34.02 6.03 -57.40
C VAL A 59 -33.28 7.33 -57.10
N ASN A 60 -33.38 7.79 -55.86
CA ASN A 60 -32.67 8.99 -55.43
C ASN A 60 -31.31 8.59 -54.87
N GLU A 61 -30.23 8.89 -55.59
CA GLU A 61 -28.91 8.50 -55.13
C GLU A 61 -28.45 9.48 -54.07
N SER A 62 -27.56 9.02 -53.20
CA SER A 62 -26.93 9.88 -52.21
C SER A 62 -25.63 9.21 -51.76
N GLY A 63 -24.70 9.99 -51.22
CA GLY A 63 -23.54 9.44 -50.54
C GLY A 63 -23.95 8.95 -49.17
N ARG A 64 -23.47 7.76 -48.80
CA ARG A 64 -23.81 7.14 -47.51
C ARG A 64 -22.56 7.10 -46.65
N VAL A 65 -22.72 7.29 -45.35
CA VAL A 65 -21.56 7.32 -44.46
C VAL A 65 -21.10 5.90 -44.21
N VAL A 66 -19.89 5.59 -44.68
CA VAL A 66 -19.35 4.26 -44.53
C VAL A 66 -18.29 4.13 -43.45
N GLU A 67 -17.72 5.27 -43.06
CA GLU A 67 -16.63 5.27 -42.09
C GLU A 67 -16.72 6.47 -41.17
N LEU A 68 -16.63 6.21 -39.88
CA LEU A 68 -16.48 7.27 -38.92
C LEU A 68 -15.11 7.05 -38.25
N GLU A 69 -14.13 7.89 -38.57
CA GLU A 69 -12.80 7.72 -37.97
C GLU A 69 -12.41 8.95 -37.13
N LEU A 70 -12.62 8.80 -35.83
CA LEU A 70 -12.42 9.84 -34.82
C LEU A 70 -11.24 9.72 -33.84
N GLY A 71 -10.29 8.84 -34.13
CA GLY A 71 -9.21 8.58 -33.20
C GLY A 71 -8.51 9.83 -32.65
N ARG A 72 -8.29 9.85 -31.34
CA ARG A 72 -7.55 10.93 -30.70
C ARG A 72 -8.17 12.30 -30.98
N ARG A 73 -9.49 12.39 -30.84
CA ARG A 73 -10.21 13.65 -31.03
C ARG A 73 -10.59 14.39 -29.74
N LYS A 74 -10.15 13.89 -28.60
CA LYS A 74 -10.59 14.40 -27.30
C LYS A 74 -12.10 14.45 -27.19
N LEU A 75 -12.78 13.44 -27.73
CA LEU A 75 -14.22 13.37 -27.61
C LEU A 75 -14.61 13.00 -26.20
N SER A 76 -15.59 13.71 -25.64
CA SER A 76 -16.08 13.37 -24.31
C SER A 76 -17.60 13.19 -24.34
N GLY A 77 -18.15 12.50 -23.34
CA GLY A 77 -19.56 12.18 -23.34
C GLY A 77 -19.86 10.71 -23.63
N LYS A 78 -21.12 10.42 -23.96
CA LYS A 78 -21.53 9.05 -24.24
C LYS A 78 -21.41 8.74 -25.73
N LEU A 79 -21.56 7.47 -26.07
CA LEU A 79 -21.69 7.10 -27.48
C LEU A 79 -23.17 6.96 -27.72
N SER A 80 -23.73 7.88 -28.48
CA SER A 80 -25.18 7.92 -28.64
C SER A 80 -25.73 6.70 -29.36
N GLU A 81 -26.89 6.26 -28.93
CA GLU A 81 -27.63 5.19 -29.56
C GLU A 81 -27.90 5.49 -31.03
N SER A 82 -27.83 6.77 -31.40
CA SER A 82 -28.09 7.16 -32.77
C SER A 82 -27.06 6.66 -33.79
N VAL A 83 -25.83 6.37 -33.36
CA VAL A 83 -24.80 5.90 -34.30
C VAL A 83 -25.29 4.64 -34.99
N ALA A 84 -26.09 3.86 -34.27
CA ALA A 84 -26.68 2.65 -34.81
C ALA A 84 -27.67 2.95 -35.93
N LYS A 85 -27.99 4.23 -36.14
CA LYS A 85 -28.88 4.59 -37.23
C LYS A 85 -28.12 4.80 -38.53
N LEU A 86 -26.79 4.69 -38.51
CA LEU A 86 -26.07 4.79 -39.76
C LEU A 86 -26.01 3.36 -40.27
N ASP A 87 -26.89 3.05 -41.21
CA ASP A 87 -27.12 1.66 -41.55
C ASP A 87 -26.03 1.12 -42.48
N GLN A 88 -25.35 2.02 -43.19
CA GLN A 88 -24.26 1.61 -44.08
C GLN A 88 -22.87 1.68 -43.45
N LEU A 89 -22.78 2.03 -42.17
CA LEU A 89 -21.48 2.20 -41.54
C LEU A 89 -20.65 0.89 -41.54
N LYS A 90 -19.48 0.93 -42.17
CA LYS A 90 -18.54 -0.19 -42.17
C LYS A 90 -17.47 -0.14 -41.07
N VAL A 91 -17.02 1.07 -40.74
CA VAL A 91 -15.93 1.28 -39.80
C VAL A 91 -16.29 2.33 -38.75
N LEU A 92 -16.32 1.93 -37.48
CA LEU A 92 -16.42 2.89 -36.40
C LEU A 92 -15.12 2.87 -35.62
N ASN A 93 -14.32 3.92 -35.79
CA ASN A 93 -13.07 4.02 -35.05
C ASN A 93 -13.03 5.29 -34.20
N LEU A 94 -13.27 5.08 -32.91
CA LEU A 94 -13.22 6.09 -31.83
C LEU A 94 -11.99 6.01 -30.89
N THR A 95 -10.97 5.23 -31.28
CA THR A 95 -9.85 4.94 -30.38
C THR A 95 -9.21 6.18 -29.71
N HIS A 96 -8.81 6.00 -28.46
CA HIS A 96 -8.03 6.99 -27.71
C HIS A 96 -8.77 8.31 -27.66
N ASN A 97 -9.94 8.29 -27.04
CA ASN A 97 -10.67 9.51 -26.75
C ASN A 97 -11.06 9.43 -25.29
N SER A 98 -11.89 10.37 -24.85
CA SER A 98 -12.37 10.41 -23.47
C SER A 98 -13.80 9.88 -23.23
N LEU A 99 -14.35 9.20 -24.22
CA LEU A 99 -15.75 8.74 -24.19
C LEU A 99 -16.12 7.86 -23.00
N SER A 100 -17.37 7.95 -22.57
CA SER A 100 -17.84 7.13 -21.45
C SER A 100 -19.27 6.63 -21.60
N GLY A 101 -19.77 6.03 -20.53
CA GLY A 101 -21.10 5.47 -20.49
C GLY A 101 -21.06 4.03 -20.94
N SER A 102 -22.22 3.43 -21.11
CA SER A 102 -22.27 2.04 -21.53
C SER A 102 -22.47 2.00 -23.03
N ILE A 103 -22.51 0.80 -23.58
CA ILE A 103 -22.65 0.62 -25.02
C ILE A 103 -24.07 0.19 -25.36
N ALA A 104 -24.71 0.93 -26.24
CA ALA A 104 -26.04 0.55 -26.70
C ALA A 104 -25.98 -0.78 -27.45
N ALA A 105 -26.90 -1.69 -27.09
CA ALA A 105 -27.02 -2.99 -27.75
C ALA A 105 -27.30 -2.82 -29.23
N SER A 106 -27.74 -1.62 -29.61
CA SER A 106 -28.07 -1.27 -30.98
C SER A 106 -26.79 -1.25 -31.83
N LEU A 107 -25.68 -0.87 -31.21
CA LEU A 107 -24.41 -0.74 -31.91
C LEU A 107 -23.91 -2.11 -32.34
N LEU A 108 -24.23 -3.09 -31.51
CA LEU A 108 -23.81 -4.45 -31.76
C LEU A 108 -24.82 -5.14 -32.67
N ASN A 109 -25.77 -4.37 -33.16
CA ASN A 109 -26.71 -4.80 -34.20
C ASN A 109 -26.46 -4.28 -35.64
N LEU A 110 -25.36 -3.55 -35.88
CA LEU A 110 -25.13 -2.96 -37.21
C LEU A 110 -24.72 -4.03 -38.24
N SER A 111 -25.55 -4.21 -39.27
CA SER A 111 -25.34 -5.30 -40.22
C SER A 111 -24.10 -5.18 -41.09
N ASN A 112 -23.67 -3.96 -41.37
CA ASN A 112 -22.55 -3.74 -42.27
C ASN A 112 -21.18 -3.44 -41.64
N LEU A 113 -21.14 -3.40 -40.31
CA LEU A 113 -19.94 -2.98 -39.60
C LEU A 113 -18.80 -4.02 -39.73
N GLU A 114 -17.67 -3.58 -40.28
CA GLU A 114 -16.45 -4.41 -40.34
C GLU A 114 -15.55 -4.23 -39.12
N VAL A 115 -15.42 -2.99 -38.67
CA VAL A 115 -14.50 -2.63 -37.62
C VAL A 115 -15.18 -1.81 -36.52
N LEU A 116 -15.17 -2.34 -35.30
CA LEU A 116 -15.59 -1.53 -34.16
C LEU A 116 -14.36 -1.38 -33.26
N ASP A 117 -13.77 -0.19 -33.27
CA ASP A 117 -12.61 0.07 -32.44
C ASP A 117 -12.99 1.16 -31.43
N LEU A 118 -13.27 0.74 -30.20
CA LEU A 118 -13.55 1.62 -29.07
C LEU A 118 -12.36 1.76 -28.10
N SER A 119 -11.22 1.21 -28.51
CA SER A 119 -10.08 1.06 -27.61
C SER A 119 -9.63 2.38 -26.98
N SER A 120 -9.09 2.28 -25.75
CA SER A 120 -8.64 3.44 -24.96
C SER A 120 -9.71 4.51 -24.78
N ASN A 121 -10.76 4.13 -24.08
CA ASN A 121 -11.77 5.08 -23.67
C ASN A 121 -12.15 4.73 -22.25
N ASP A 122 -13.21 5.36 -21.76
CA ASP A 122 -13.79 5.06 -20.44
C ASP A 122 -15.10 4.25 -20.36
N PHE A 123 -15.49 3.60 -21.46
CA PHE A 123 -16.79 2.92 -21.52
C PHE A 123 -16.99 1.93 -20.36
N SER A 124 -18.23 1.79 -19.90
CA SER A 124 -18.48 0.96 -18.73
C SER A 124 -19.74 0.10 -18.84
N GLY A 125 -20.01 -0.68 -17.79
CA GLY A 125 -21.21 -1.50 -17.75
C GLY A 125 -20.98 -2.93 -18.17
N LEU A 126 -22.08 -3.67 -18.24
CA LEU A 126 -22.02 -5.01 -18.79
C LEU A 126 -21.84 -4.87 -20.29
N PHE A 127 -21.18 -5.85 -20.90
CA PHE A 127 -21.11 -5.86 -22.35
C PHE A 127 -22.39 -6.54 -22.84
N PRO A 128 -23.08 -5.93 -23.81
CA PRO A 128 -24.35 -6.47 -24.33
C PRO A 128 -24.25 -7.94 -24.72
N SER A 129 -25.25 -8.71 -24.27
CA SER A 129 -25.20 -10.16 -24.39
C SER A 129 -25.64 -10.67 -25.75
N LEU A 130 -26.37 -9.85 -26.50
CA LEU A 130 -26.77 -10.24 -27.84
C LEU A 130 -26.02 -9.40 -28.86
N ILE A 131 -25.22 -10.07 -29.67
CA ILE A 131 -24.34 -9.42 -30.63
C ILE A 131 -24.61 -9.93 -32.04
N ASN A 132 -25.14 -9.07 -32.89
CA ASN A 132 -25.35 -9.43 -34.28
C ASN A 132 -24.52 -8.54 -35.18
N LEU A 133 -23.40 -9.06 -35.64
CA LEU A 133 -22.50 -8.30 -36.46
C LEU A 133 -21.94 -9.23 -37.52
N PRO A 134 -22.79 -9.59 -38.49
CA PRO A 134 -22.40 -10.56 -39.51
C PRO A 134 -21.21 -10.12 -40.34
N SER A 135 -20.92 -8.82 -40.41
CA SER A 135 -19.77 -8.38 -41.18
C SER A 135 -18.47 -8.05 -40.39
N LEU A 136 -18.46 -8.22 -39.07
CA LEU A 136 -17.33 -7.73 -38.26
C LEU A 136 -16.02 -8.51 -38.43
N ARG A 137 -14.96 -7.82 -38.83
CA ARG A 137 -13.59 -8.35 -38.76
C ARG A 137 -12.93 -8.08 -37.41
N VAL A 138 -13.22 -6.91 -36.85
CA VAL A 138 -12.50 -6.42 -35.67
C VAL A 138 -13.41 -5.96 -34.55
N LEU A 139 -13.33 -6.64 -33.42
CA LEU A 139 -13.97 -6.16 -32.22
C LEU A 139 -12.85 -5.74 -31.28
N ASN A 140 -12.65 -4.44 -31.15
CA ASN A 140 -11.58 -3.93 -30.29
C ASN A 140 -12.10 -2.98 -29.22
N VAL A 141 -12.24 -3.49 -28.00
CA VAL A 141 -12.61 -2.69 -26.80
C VAL A 141 -11.48 -2.48 -25.77
N TYR A 142 -10.26 -2.82 -26.19
CA TYR A 142 -9.07 -2.80 -25.32
C TYR A 142 -9.00 -1.50 -24.53
N GLU A 143 -8.65 -1.63 -23.26
CA GLU A 143 -8.58 -0.49 -22.31
C GLU A 143 -9.86 0.33 -22.18
N ASN A 144 -10.84 -0.27 -21.52
CA ASN A 144 -12.03 0.41 -21.09
C ASN A 144 -12.38 -0.07 -19.71
N SER A 145 -13.55 0.34 -19.22
CA SER A 145 -14.08 -0.04 -17.91
C SER A 145 -15.18 -1.11 -17.87
N PHE A 146 -15.39 -1.83 -18.97
CA PHE A 146 -16.38 -2.90 -19.01
C PHE A 146 -16.18 -3.93 -17.88
N HIS A 147 -17.29 -4.42 -17.31
CA HIS A 147 -17.23 -5.52 -16.35
C HIS A 147 -18.27 -6.62 -16.60
N GLY A 148 -18.26 -7.65 -15.77
CA GLY A 148 -19.20 -8.73 -15.86
C GLY A 148 -18.73 -9.92 -16.66
N LEU A 149 -19.64 -10.82 -16.99
CA LEU A 149 -19.26 -11.98 -17.76
C LEU A 149 -19.00 -11.54 -19.18
N ILE A 150 -18.07 -12.23 -19.83
CA ILE A 150 -17.95 -12.13 -21.26
C ILE A 150 -19.19 -12.79 -21.81
N PRO A 151 -19.87 -12.12 -22.74
CA PRO A 151 -21.13 -12.68 -23.26
C PRO A 151 -20.96 -14.12 -23.70
N ALA A 152 -21.80 -14.99 -23.16
CA ALA A 152 -21.69 -16.42 -23.42
C ALA A 152 -22.09 -16.68 -24.87
N SER A 153 -22.84 -15.75 -25.42
CA SER A 153 -23.33 -15.84 -26.80
C SER A 153 -22.43 -15.10 -27.78
N LEU A 154 -21.29 -14.62 -27.30
CA LEU A 154 -20.40 -13.72 -28.02
C LEU A 154 -20.18 -14.13 -29.47
N CYS A 155 -19.97 -15.42 -29.69
CA CYS A 155 -19.73 -15.91 -31.02
C CYS A 155 -20.94 -16.48 -31.78
N ASN A 156 -22.14 -16.27 -31.24
CA ASN A 156 -23.35 -16.73 -31.92
C ASN A 156 -23.40 -16.16 -33.33
N ASN A 157 -23.39 -14.84 -33.45
CA ASN A 157 -23.25 -14.24 -34.76
C ASN A 157 -21.97 -13.41 -34.92
N LEU A 158 -20.85 -14.05 -35.23
CA LEU A 158 -19.62 -13.34 -35.62
C LEU A 158 -18.90 -14.17 -36.66
N PRO A 159 -19.54 -14.40 -37.81
CA PRO A 159 -19.01 -15.42 -38.72
C PRO A 159 -17.70 -15.01 -39.36
N ARG A 160 -17.48 -13.71 -39.48
CA ARG A 160 -16.27 -13.19 -40.13
C ARG A 160 -15.15 -12.74 -39.16
N ILE A 161 -15.36 -12.92 -37.86
CA ILE A 161 -14.45 -12.31 -36.87
C ILE A 161 -12.98 -12.76 -37.00
N ARG A 162 -12.08 -11.78 -36.96
CA ARG A 162 -10.63 -11.97 -37.05
C ARG A 162 -9.95 -11.59 -35.72
N GLU A 163 -10.27 -10.40 -35.22
CA GLU A 163 -9.69 -9.92 -33.99
C GLU A 163 -10.74 -9.63 -32.92
N ILE A 164 -10.57 -10.27 -31.77
CA ILE A 164 -11.36 -9.97 -30.60
C ILE A 164 -10.40 -9.47 -29.53
N ASP A 165 -10.48 -8.18 -29.19
CA ASP A 165 -9.59 -7.69 -28.14
C ASP A 165 -10.42 -7.08 -27.00
N LEU A 166 -10.53 -7.84 -25.91
CA LEU A 166 -11.24 -7.44 -24.70
C LEU A 166 -10.29 -7.01 -23.57
N ALA A 167 -8.99 -7.00 -23.86
CA ALA A 167 -7.96 -6.81 -22.85
C ALA A 167 -8.02 -5.48 -22.11
N MET A 168 -7.44 -5.45 -20.92
CA MET A 168 -7.41 -4.25 -20.09
C MET A 168 -8.82 -3.72 -19.79
N ASN A 169 -9.65 -4.60 -19.27
CA ASN A 169 -10.98 -4.27 -18.79
C ASN A 169 -11.20 -4.95 -17.43
N TYR A 170 -12.43 -4.94 -16.94
CA TYR A 170 -12.82 -5.66 -15.73
C TYR A 170 -13.62 -6.97 -15.84
N PHE A 171 -13.67 -7.57 -17.02
CA PHE A 171 -14.48 -8.79 -17.21
C PHE A 171 -14.13 -9.85 -16.16
N ASP A 172 -15.12 -10.62 -15.75
CA ASP A 172 -14.87 -11.69 -14.77
C ASP A 172 -15.54 -13.00 -15.20
N GLY A 173 -15.44 -14.02 -14.35
CA GLY A 173 -16.00 -15.32 -14.65
C GLY A 173 -15.03 -16.15 -15.47
N SER A 174 -15.51 -17.23 -16.08
CA SER A 174 -14.61 -18.02 -16.89
C SER A 174 -14.65 -17.56 -18.33
N ILE A 175 -13.74 -18.09 -19.14
CA ILE A 175 -13.81 -17.86 -20.56
C ILE A 175 -15.01 -18.69 -20.97
N PRO A 176 -16.03 -18.04 -21.57
CA PRO A 176 -17.25 -18.80 -21.89
C PRO A 176 -16.95 -19.93 -22.86
N VAL A 177 -17.60 -21.08 -22.67
CA VAL A 177 -17.45 -22.25 -23.53
C VAL A 177 -17.73 -21.92 -25.00
N GLY A 178 -18.61 -20.95 -25.22
CA GLY A 178 -18.97 -20.52 -26.57
C GLY A 178 -17.85 -19.88 -27.36
N ILE A 179 -16.74 -19.57 -26.69
CA ILE A 179 -15.60 -18.96 -27.35
C ILE A 179 -15.14 -19.87 -28.49
N GLY A 180 -15.33 -21.17 -28.32
CA GLY A 180 -14.97 -22.15 -29.33
C GLY A 180 -15.65 -22.01 -30.69
N ASN A 181 -16.73 -21.26 -30.75
CA ASN A 181 -17.42 -21.01 -32.03
C ASN A 181 -16.92 -19.83 -32.85
N CYS A 182 -15.87 -19.15 -32.39
CA CYS A 182 -15.37 -18.05 -33.20
C CYS A 182 -14.35 -18.78 -34.02
N SER A 183 -14.76 -19.23 -35.19
CA SER A 183 -13.98 -20.22 -35.88
C SER A 183 -12.84 -19.52 -36.60
N SER A 184 -13.16 -18.35 -37.13
CA SER A 184 -12.22 -17.61 -37.95
C SER A 184 -11.26 -16.72 -37.14
N VAL A 185 -11.40 -16.69 -35.83
CA VAL A 185 -10.62 -15.76 -35.04
C VAL A 185 -9.10 -16.03 -35.11
N GLU A 186 -8.35 -14.96 -35.28
CA GLU A 186 -6.91 -15.00 -35.42
C GLU A 186 -6.26 -14.41 -34.18
N TYR A 187 -6.72 -13.23 -33.77
CA TYR A 187 -6.28 -12.58 -32.54
C TYR A 187 -7.31 -12.68 -31.40
N LEU A 188 -6.97 -13.34 -30.30
CA LEU A 188 -7.86 -13.24 -29.14
C LEU A 188 -7.11 -12.69 -27.92
N GLY A 189 -7.33 -11.41 -27.58
CA GLY A 189 -6.85 -10.94 -26.28
C GLY A 189 -7.90 -10.86 -25.19
N LEU A 190 -7.67 -11.57 -24.10
CA LEU A 190 -8.45 -11.47 -22.87
C LEU A 190 -7.65 -10.88 -21.71
N ALA A 191 -6.41 -10.48 -22.00
CA ALA A 191 -5.43 -10.14 -20.98
C ALA A 191 -5.87 -9.01 -20.05
N SER A 192 -5.34 -9.00 -18.83
CA SER A 192 -5.59 -7.91 -17.88
C SER A 192 -7.06 -7.67 -17.57
N ASN A 193 -7.72 -8.74 -17.11
CA ASN A 193 -9.09 -8.71 -16.64
C ASN A 193 -9.17 -9.42 -15.29
N ASN A 194 -10.39 -9.72 -14.85
CA ASN A 194 -10.65 -10.52 -13.65
C ASN A 194 -10.97 -12.00 -13.85
N LEU A 195 -10.72 -12.54 -15.04
CA LEU A 195 -11.14 -13.89 -15.39
C LEU A 195 -10.59 -15.00 -14.48
N SER A 196 -11.37 -16.06 -14.30
CA SER A 196 -11.02 -17.10 -13.36
C SER A 196 -11.31 -18.48 -13.93
N GLY A 197 -10.99 -19.51 -13.15
CA GLY A 197 -11.22 -20.87 -13.58
C GLY A 197 -10.27 -21.34 -14.65
N SER A 198 -10.51 -22.57 -15.12
CA SER A 198 -9.68 -23.19 -16.13
C SER A 198 -10.06 -22.77 -17.55
N ILE A 199 -9.14 -22.94 -18.48
CA ILE A 199 -9.41 -22.65 -19.88
C ILE A 199 -10.35 -23.73 -20.39
N PRO A 200 -11.53 -23.34 -20.91
CA PRO A 200 -12.42 -24.36 -21.46
C PRO A 200 -11.77 -25.07 -22.64
N GLN A 201 -11.93 -26.39 -22.71
CA GLN A 201 -11.31 -27.19 -23.76
C GLN A 201 -11.69 -26.68 -25.15
N GLU A 202 -12.84 -26.01 -25.23
CA GLU A 202 -13.37 -25.50 -26.48
C GLU A 202 -12.50 -24.44 -27.17
N LEU A 203 -11.72 -23.70 -26.38
CA LEU A 203 -10.84 -22.66 -26.94
C LEU A 203 -9.80 -23.27 -27.87
N PHE A 204 -9.45 -24.53 -27.64
CA PHE A 204 -8.40 -25.18 -28.40
C PHE A 204 -8.90 -25.63 -29.78
N GLN A 205 -10.17 -25.36 -30.05
CA GLN A 205 -10.74 -25.60 -31.36
C GLN A 205 -10.56 -24.42 -32.30
N LEU A 206 -9.96 -23.31 -31.83
CA LEU A 206 -9.90 -22.17 -32.72
C LEU A 206 -8.62 -22.32 -33.48
N SER A 207 -8.75 -22.83 -34.70
CA SER A 207 -7.59 -23.36 -35.41
C SER A 207 -6.79 -22.26 -36.08
N ASN A 208 -7.44 -21.13 -36.34
CA ASN A 208 -6.79 -20.01 -37.03
C ASN A 208 -6.11 -19.05 -36.08
N LEU A 209 -6.09 -19.40 -34.79
CA LEU A 209 -5.59 -18.48 -33.77
C LEU A 209 -4.09 -18.31 -33.93
N SER A 210 -3.67 -17.07 -34.19
CA SER A 210 -2.23 -16.76 -34.19
C SER A 210 -1.71 -16.00 -32.96
N VAL A 211 -2.61 -15.36 -32.24
CA VAL A 211 -2.20 -14.66 -31.02
C VAL A 211 -3.20 -14.95 -29.92
N LEU A 212 -2.72 -15.53 -28.82
CA LEU A 212 -3.59 -15.76 -27.70
C LEU A 212 -2.98 -15.08 -26.48
N ALA A 213 -3.63 -14.03 -26.01
CA ALA A 213 -3.09 -13.28 -24.87
C ALA A 213 -4.02 -13.38 -23.66
N LEU A 214 -3.64 -14.21 -22.68
CA LEU A 214 -4.41 -14.40 -21.46
C LEU A 214 -3.79 -13.78 -20.20
N GLN A 215 -2.63 -13.13 -20.34
CA GLN A 215 -1.85 -12.70 -19.17
C GLN A 215 -2.59 -11.76 -18.20
N ASN A 216 -2.19 -11.80 -16.93
CA ASN A 216 -2.78 -10.95 -15.89
C ASN A 216 -4.28 -11.21 -15.63
N ASN A 217 -4.59 -12.45 -15.34
CA ASN A 217 -5.92 -12.84 -14.87
C ASN A 217 -5.78 -13.77 -13.66
N ARG A 218 -6.88 -14.36 -13.24
CA ARG A 218 -6.86 -15.43 -12.23
C ARG A 218 -6.98 -16.87 -12.77
N LEU A 219 -6.76 -17.05 -14.07
CA LEU A 219 -6.96 -18.35 -14.67
C LEU A 219 -6.14 -19.41 -13.93
N SER A 220 -6.66 -20.62 -13.86
CA SER A 220 -6.09 -21.69 -13.04
C SER A 220 -6.24 -23.04 -13.73
N GLY A 221 -5.88 -24.10 -13.02
CA GLY A 221 -5.92 -25.42 -13.61
C GLY A 221 -4.66 -25.69 -14.42
N ALA A 222 -4.69 -26.70 -15.28
CA ALA A 222 -3.52 -27.03 -16.06
C ALA A 222 -3.48 -26.37 -17.40
N LEU A 223 -2.38 -26.58 -18.08
CA LEU A 223 -2.25 -26.12 -19.44
C LEU A 223 -2.37 -27.39 -20.24
N SER A 224 -3.49 -27.58 -20.87
CA SER A 224 -3.79 -28.80 -21.55
C SER A 224 -2.89 -29.18 -22.72
N SER A 225 -2.66 -30.47 -22.92
CA SER A 225 -1.87 -30.92 -24.07
C SER A 225 -2.62 -30.63 -25.37
N LYS A 226 -3.88 -30.29 -25.24
CA LYS A 226 -4.70 -29.85 -26.36
C LYS A 226 -4.19 -28.52 -26.96
N LEU A 227 -3.36 -27.81 -26.20
CA LEU A 227 -2.71 -26.60 -26.71
C LEU A 227 -2.07 -26.90 -28.06
N GLY A 228 -1.55 -28.12 -28.20
CA GLY A 228 -0.91 -28.56 -29.43
C GLY A 228 -1.77 -28.40 -30.66
N LYS A 229 -3.08 -28.33 -30.48
CA LYS A 229 -4.01 -28.15 -31.59
C LYS A 229 -4.03 -26.73 -32.19
N LEU A 230 -3.52 -25.72 -31.47
CA LEU A 230 -3.57 -24.39 -32.06
C LEU A 230 -2.28 -24.26 -32.82
N SER A 231 -2.37 -24.61 -34.10
CA SER A 231 -1.20 -24.87 -34.94
C SER A 231 -0.60 -23.62 -35.57
N ASN A 232 -1.41 -22.57 -35.65
CA ASN A 232 -0.94 -21.28 -36.17
C ASN A 232 -0.40 -20.29 -35.16
N LEU A 233 -0.41 -20.64 -33.87
CA LEU A 233 -0.04 -19.67 -32.83
C LEU A 233 1.36 -19.10 -33.06
N GLY A 234 1.43 -17.80 -33.22
CA GLY A 234 2.68 -17.07 -33.21
C GLY A 234 3.10 -16.65 -31.81
N ARG A 235 2.11 -16.15 -31.07
CA ARG A 235 2.37 -15.50 -29.80
C ARG A 235 1.43 -16.05 -28.75
N LEU A 236 1.98 -16.55 -27.67
CA LEU A 236 1.18 -17.09 -26.58
C LEU A 236 1.61 -16.46 -25.27
N ASP A 237 0.72 -15.74 -24.60
CA ASP A 237 1.08 -15.16 -23.32
C ASP A 237 0.09 -15.58 -22.23
N ILE A 238 0.57 -16.42 -21.32
CA ILE A 238 -0.19 -16.84 -20.14
C ILE A 238 0.32 -16.29 -18.81
N SER A 239 1.24 -15.34 -18.87
CA SER A 239 1.91 -14.82 -17.67
C SER A 239 0.95 -14.30 -16.60
N SER A 240 1.38 -14.40 -15.35
CA SER A 240 0.64 -13.86 -14.21
C SER A 240 -0.79 -14.40 -14.13
N ASN A 241 -0.86 -15.69 -13.86
CA ASN A 241 -2.12 -16.39 -13.65
C ASN A 241 -1.87 -17.41 -12.54
N LYS A 242 -2.84 -18.29 -12.33
CA LYS A 242 -2.78 -19.37 -11.33
C LYS A 242 -2.48 -20.79 -11.86
N PHE A 243 -2.06 -20.91 -13.12
CA PHE A 243 -1.82 -22.22 -13.73
C PHE A 243 -0.85 -23.11 -12.99
N SER A 244 -1.11 -24.41 -12.97
CA SER A 244 -0.25 -25.34 -12.25
C SER A 244 -0.01 -26.60 -13.07
N GLY A 245 0.93 -27.43 -12.61
CA GLY A 245 1.28 -28.64 -13.33
C GLY A 245 2.48 -28.45 -14.25
N LYS A 246 2.55 -29.28 -15.28
CA LYS A 246 3.70 -29.23 -16.17
C LYS A 246 3.33 -28.55 -17.48
N ILE A 247 4.31 -27.91 -18.09
CA ILE A 247 4.10 -27.35 -19.42
C ILE A 247 4.08 -28.49 -20.41
N PRO A 248 3.00 -28.61 -21.19
CA PRO A 248 2.85 -29.75 -22.12
C PRO A 248 3.93 -29.77 -23.21
N ASP A 249 4.16 -30.96 -23.74
CA ASP A 249 5.30 -31.28 -24.63
C ASP A 249 4.99 -31.01 -26.11
N VAL A 250 3.99 -30.16 -26.35
CA VAL A 250 3.37 -29.96 -27.65
C VAL A 250 4.10 -29.02 -28.63
N PHE A 251 5.30 -28.55 -28.28
CA PHE A 251 5.93 -27.50 -29.08
C PHE A 251 6.47 -27.90 -30.46
N LEU A 252 6.51 -29.19 -30.74
CA LEU A 252 6.81 -29.64 -32.09
C LEU A 252 5.63 -29.26 -32.97
N GLU A 253 4.42 -29.38 -32.42
CA GLU A 253 3.21 -29.07 -33.16
C GLU A 253 3.01 -27.56 -33.38
N LEU A 254 3.47 -26.73 -32.44
CA LEU A 254 3.34 -25.31 -32.70
C LEU A 254 4.65 -24.81 -33.25
N ASN A 255 4.74 -24.85 -34.58
CA ASN A 255 6.00 -24.59 -35.26
C ASN A 255 6.08 -23.18 -35.81
N LYS A 256 5.03 -22.40 -35.57
CA LYS A 256 5.10 -20.98 -35.81
C LYS A 256 5.32 -20.14 -34.55
N LEU A 257 5.44 -20.78 -33.39
CA LEU A 257 5.43 -20.02 -32.15
C LEU A 257 6.77 -19.34 -31.90
N TRP A 258 6.80 -18.03 -32.04
CA TRP A 258 8.02 -17.27 -31.81
C TRP A 258 8.08 -16.58 -30.44
N TYR A 259 6.96 -16.50 -29.75
CA TYR A 259 6.85 -15.78 -28.46
C TYR A 259 6.10 -16.62 -27.46
N PHE A 260 6.76 -17.03 -26.39
CA PHE A 260 6.07 -17.77 -25.34
C PHE A 260 6.42 -17.22 -23.94
N SER A 261 5.40 -16.73 -23.25
CA SER A 261 5.57 -16.22 -21.91
C SER A 261 4.58 -16.88 -20.96
N ALA A 262 5.10 -17.71 -20.07
CA ALA A 262 4.35 -18.33 -18.97
C ALA A 262 4.70 -17.83 -17.56
N GLN A 263 5.44 -16.74 -17.46
CA GLN A 263 6.04 -16.33 -16.20
C GLN A 263 5.02 -16.05 -15.10
N SER A 264 5.46 -16.19 -13.84
CA SER A 264 4.63 -15.89 -12.67
C SER A 264 3.36 -16.75 -12.62
N ASN A 265 3.55 -18.05 -12.77
CA ASN A 265 2.50 -19.03 -12.57
C ASN A 265 3.01 -20.01 -11.53
N LEU A 266 2.29 -21.11 -11.35
CA LEU A 266 2.67 -22.19 -10.44
C LEU A 266 3.29 -23.43 -11.11
N PHE A 267 3.66 -23.32 -12.38
CA PHE A 267 4.22 -24.45 -13.13
C PHE A 267 5.39 -25.12 -12.44
N ASN A 268 5.47 -26.44 -12.57
CA ASN A 268 6.55 -27.22 -12.01
C ASN A 268 7.03 -28.26 -13.01
N GLY A 269 7.97 -29.12 -12.59
CA GLY A 269 8.55 -30.10 -13.49
C GLY A 269 9.56 -29.48 -14.45
N GLU A 270 10.08 -30.31 -15.35
CA GLU A 270 11.06 -29.88 -16.34
C GLU A 270 10.40 -29.15 -17.48
N MET A 271 11.20 -28.34 -18.17
CA MET A 271 10.78 -27.79 -19.44
C MET A 271 10.63 -28.96 -20.39
N PRO A 272 9.52 -29.00 -21.12
CA PRO A 272 9.33 -30.08 -22.11
C PRO A 272 10.46 -30.07 -23.13
N ARG A 273 10.89 -31.27 -23.52
CA ARG A 273 11.99 -31.41 -24.44
C ARG A 273 11.69 -30.76 -25.80
N SER A 274 10.43 -30.78 -26.21
CA SER A 274 10.06 -30.17 -27.49
C SER A 274 10.30 -28.65 -27.47
N LEU A 275 10.08 -28.02 -26.32
CA LEU A 275 10.38 -26.59 -26.19
C LEU A 275 11.89 -26.40 -26.35
N SER A 276 12.68 -27.31 -25.78
CA SER A 276 14.14 -27.30 -25.94
C SER A 276 14.58 -27.55 -27.38
N ASN A 277 13.70 -28.13 -28.19
CA ASN A 277 13.97 -28.29 -29.61
C ASN A 277 13.28 -27.34 -30.58
N SER A 278 12.53 -26.36 -30.05
CA SER A 278 11.70 -25.53 -30.92
C SER A 278 12.54 -24.68 -31.85
N ARG A 279 12.26 -24.82 -33.14
CA ARG A 279 12.99 -24.12 -34.18
C ARG A 279 12.55 -22.67 -34.27
N SER A 280 11.28 -22.41 -33.94
CA SER A 280 10.70 -21.10 -34.14
C SER A 280 10.81 -20.12 -32.96
N ILE A 281 11.04 -20.64 -31.76
CA ILE A 281 10.88 -19.79 -30.58
C ILE A 281 11.96 -18.72 -30.47
N SER A 282 11.52 -17.49 -30.26
CA SER A 282 12.42 -16.35 -30.22
C SER A 282 12.48 -15.81 -28.81
N LEU A 283 11.32 -15.44 -28.27
CA LEU A 283 11.23 -14.97 -26.90
C LEU A 283 10.60 -16.04 -26.01
N LEU A 284 11.35 -16.46 -25.01
CA LEU A 284 10.87 -17.45 -24.04
C LEU A 284 11.01 -16.89 -22.64
N SER A 285 9.91 -16.79 -21.90
CA SER A 285 10.02 -16.39 -20.51
C SER A 285 9.23 -17.32 -19.63
N LEU A 286 9.94 -18.12 -18.87
CA LEU A 286 9.34 -19.03 -17.91
C LEU A 286 9.51 -18.60 -16.46
N ARG A 287 10.04 -17.41 -16.24
CA ARG A 287 10.50 -17.03 -14.90
C ARG A 287 9.41 -17.06 -13.85
N ASN A 288 9.82 -17.18 -12.60
CA ASN A 288 8.91 -17.14 -11.46
C ASN A 288 7.89 -18.28 -11.48
N ASN A 289 8.40 -19.50 -11.63
CA ASN A 289 7.58 -20.71 -11.53
C ASN A 289 8.29 -21.64 -10.54
N THR A 290 7.85 -22.88 -10.44
CA THR A 290 8.59 -23.92 -9.73
C THR A 290 9.42 -24.91 -10.59
N LEU A 291 9.61 -24.58 -11.87
CA LEU A 291 10.30 -25.47 -12.81
C LEU A 291 11.66 -25.95 -12.31
N SER A 292 12.00 -27.20 -12.64
CA SER A 292 13.16 -27.87 -12.02
C SER A 292 13.98 -28.72 -12.98
N GLY A 293 15.02 -29.35 -12.44
CA GLY A 293 15.86 -30.23 -13.22
C GLY A 293 17.07 -29.52 -13.79
N GLN A 294 17.84 -30.25 -14.56
CA GLN A 294 18.95 -29.67 -15.31
C GLN A 294 18.38 -28.87 -16.48
N ILE A 295 18.83 -27.63 -16.64
CA ILE A 295 18.38 -26.86 -17.79
C ILE A 295 19.00 -27.44 -19.05
N TYR A 296 18.14 -27.83 -20.00
CA TYR A 296 18.64 -28.36 -21.27
C TYR A 296 18.09 -27.60 -22.45
N LEU A 297 18.99 -27.10 -23.29
CA LEU A 297 18.62 -26.37 -24.47
C LEU A 297 19.40 -26.93 -25.64
N ASN A 298 18.68 -27.26 -26.69
CA ASN A 298 19.33 -27.79 -27.87
C ASN A 298 19.62 -26.64 -28.83
N CYS A 299 20.87 -26.19 -28.89
CA CYS A 299 21.17 -24.95 -29.61
C CYS A 299 21.32 -25.14 -31.13
N SER A 300 21.48 -26.38 -31.56
CA SER A 300 21.44 -26.70 -32.99
C SER A 300 20.01 -26.55 -33.48
N ALA A 301 19.06 -26.87 -32.61
CA ALA A 301 17.65 -26.78 -32.94
C ALA A 301 17.08 -25.36 -32.79
N MET A 302 17.42 -24.66 -31.70
CA MET A 302 16.71 -23.42 -31.46
C MET A 302 17.54 -22.29 -32.00
N THR A 303 17.34 -22.03 -33.29
CA THR A 303 18.21 -21.12 -34.03
C THR A 303 17.59 -19.75 -34.04
N ASN A 304 16.36 -19.68 -33.57
CA ASN A 304 15.65 -18.42 -33.45
C ASN A 304 15.71 -17.83 -32.05
N LEU A 305 16.28 -18.55 -31.09
CA LEU A 305 16.17 -18.15 -29.70
C LEU A 305 16.97 -16.87 -29.48
N THR A 306 16.26 -15.79 -29.14
CA THR A 306 16.91 -14.50 -28.90
C THR A 306 16.92 -13.99 -27.44
N SER A 307 15.98 -14.45 -26.64
CA SER A 307 15.85 -14.01 -25.25
C SER A 307 15.37 -15.15 -24.41
N LEU A 308 16.09 -15.41 -23.33
CA LEU A 308 15.75 -16.52 -22.46
C LEU A 308 15.65 -16.03 -21.03
N ASP A 309 14.50 -16.24 -20.42
CA ASP A 309 14.37 -15.88 -19.03
C ASP A 309 13.81 -17.07 -18.28
N LEU A 310 14.70 -17.76 -17.57
CA LEU A 310 14.35 -18.91 -16.74
C LEU A 310 14.40 -18.56 -15.25
N ALA A 311 14.57 -17.27 -14.96
CA ALA A 311 14.98 -16.81 -13.65
C ALA A 311 14.00 -17.22 -12.57
N SER A 312 14.46 -17.25 -11.32
CA SER A 312 13.55 -17.39 -10.20
C SER A 312 12.75 -18.68 -10.33
N ASN A 313 13.48 -19.78 -10.54
CA ASN A 313 12.91 -21.10 -10.70
C ASN A 313 13.70 -22.12 -9.87
N SER A 314 13.23 -23.35 -9.89
CA SER A 314 13.72 -24.42 -9.02
C SER A 314 14.80 -25.30 -9.68
N PHE A 315 15.26 -24.88 -10.85
CA PHE A 315 16.28 -25.63 -11.60
C PHE A 315 17.52 -25.88 -10.74
N SER A 316 18.23 -26.96 -11.06
CA SER A 316 19.53 -27.24 -10.45
C SER A 316 20.46 -27.83 -11.51
N GLY A 317 21.61 -28.32 -11.08
CA GLY A 317 22.58 -28.85 -12.02
C GLY A 317 23.56 -27.76 -12.38
N SER A 318 24.18 -27.88 -13.55
CA SER A 318 25.14 -26.87 -13.96
C SER A 318 24.50 -25.80 -14.84
N ILE A 319 25.29 -24.79 -15.18
CA ILE A 319 24.96 -23.82 -16.20
C ILE A 319 25.26 -24.50 -17.54
N PRO A 320 24.27 -24.56 -18.45
CA PRO A 320 24.49 -25.32 -19.69
C PRO A 320 25.65 -24.72 -20.50
N SER A 321 26.62 -25.56 -20.85
CA SER A 321 27.83 -25.09 -21.51
C SER A 321 27.68 -24.98 -23.02
N ASN A 322 26.60 -25.53 -23.57
CA ASN A 322 26.31 -25.40 -25.00
C ASN A 322 25.65 -24.07 -25.42
N LEU A 323 25.21 -23.28 -24.43
CA LEU A 323 24.50 -22.02 -24.67
C LEU A 323 25.12 -21.05 -25.68
N PRO A 324 26.45 -20.90 -25.67
CA PRO A 324 27.02 -20.02 -26.70
C PRO A 324 26.69 -20.46 -28.14
N ASN A 325 26.32 -21.73 -28.33
CA ASN A 325 25.96 -22.20 -29.66
C ASN A 325 24.56 -21.78 -30.15
N CYS A 326 23.76 -21.17 -29.27
CA CYS A 326 22.47 -20.64 -29.70
C CYS A 326 22.89 -19.28 -30.18
N LEU A 327 22.99 -19.14 -31.49
CA LEU A 327 23.78 -18.09 -32.09
C LEU A 327 23.04 -16.77 -32.19
N ARG A 328 21.74 -16.81 -31.95
CA ARG A 328 20.94 -15.58 -31.89
C ARG A 328 20.67 -15.10 -30.47
N LEU A 329 21.14 -15.84 -29.47
CA LEU A 329 20.69 -15.59 -28.10
C LEU A 329 21.39 -14.34 -27.55
N LYS A 330 20.61 -13.28 -27.33
CA LYS A 330 21.20 -12.02 -26.87
C LYS A 330 21.03 -11.70 -25.40
N THR A 331 20.05 -12.32 -24.76
CA THR A 331 19.75 -11.95 -23.38
C THR A 331 19.33 -13.15 -22.56
N ILE A 332 19.96 -13.27 -21.45
CA ILE A 332 19.75 -14.38 -20.58
C ILE A 332 19.52 -13.90 -19.16
N ASN A 333 18.36 -14.19 -18.58
CA ASN A 333 18.12 -13.86 -17.19
C ASN A 333 18.04 -15.18 -16.44
N PHE A 334 19.16 -15.51 -15.81
CA PHE A 334 19.37 -16.72 -15.03
C PHE A 334 19.37 -16.53 -13.51
N ALA A 335 18.93 -15.34 -13.09
CA ALA A 335 18.87 -14.96 -11.67
C ALA A 335 18.02 -15.90 -10.82
N LYS A 336 18.39 -16.05 -9.56
CA LYS A 336 17.66 -16.90 -8.62
C LYS A 336 17.44 -18.35 -9.09
N ILE A 337 18.45 -18.90 -9.75
CA ILE A 337 18.55 -20.33 -9.99
C ILE A 337 19.78 -20.78 -9.22
N LYS A 338 19.66 -21.73 -8.32
CA LYS A 338 20.80 -22.05 -7.49
C LYS A 338 21.75 -23.06 -8.14
N PHE A 339 22.63 -22.57 -8.98
CA PHE A 339 23.61 -23.35 -9.64
C PHE A 339 24.69 -23.98 -8.70
N ILE A 340 25.18 -23.24 -7.73
CA ILE A 340 26.22 -23.74 -6.86
C ILE A 340 27.32 -24.24 -7.79
N ALA A 341 27.77 -23.35 -8.68
CA ALA A 341 28.71 -23.62 -9.78
C ALA A 341 29.45 -22.40 -10.35
N GLN A 342 30.42 -22.66 -11.20
CA GLN A 342 31.18 -21.64 -11.87
C GLN A 342 30.64 -21.44 -13.27
N ILE A 343 30.87 -20.31 -13.87
CA ILE A 343 30.53 -20.12 -15.27
C ILE A 343 31.47 -20.94 -16.15
N PRO A 344 30.89 -21.70 -17.09
CA PRO A 344 31.67 -22.54 -18.01
C PRO A 344 32.58 -21.70 -18.90
N GLU A 345 33.76 -22.26 -19.22
CA GLU A 345 34.74 -21.59 -20.07
C GLU A 345 34.22 -21.28 -21.46
N SER A 346 33.28 -22.10 -21.95
CA SER A 346 32.72 -21.87 -23.27
C SER A 346 32.12 -20.46 -23.44
N PHE A 347 31.66 -19.88 -22.33
CA PHE A 347 31.07 -18.54 -22.36
C PHE A 347 32.00 -17.47 -22.93
N LYS A 348 33.31 -17.71 -22.93
CA LYS A 348 34.24 -16.81 -23.63
C LYS A 348 33.90 -16.76 -25.13
N ASN A 349 33.23 -17.79 -25.64
CA ASN A 349 32.84 -17.80 -27.04
C ASN A 349 31.42 -17.26 -27.33
N PHE A 350 30.74 -16.71 -26.33
CA PHE A 350 29.33 -16.35 -26.54
C PHE A 350 29.31 -14.94 -27.09
N GLN A 351 29.32 -14.83 -28.41
CA GLN A 351 29.52 -13.53 -29.04
C GLN A 351 28.21 -12.84 -29.40
N SER A 352 27.11 -13.57 -29.31
CA SER A 352 25.81 -12.98 -29.51
C SER A 352 25.30 -12.30 -28.23
N LEU A 353 25.89 -12.65 -27.08
CA LEU A 353 25.36 -12.23 -25.78
C LEU A 353 25.52 -10.72 -25.55
N THR A 354 24.42 -10.00 -25.37
CA THR A 354 24.52 -8.61 -24.93
C THR A 354 24.11 -8.32 -23.49
N SER A 355 23.37 -9.24 -22.87
CA SER A 355 22.85 -9.01 -21.53
C SER A 355 22.82 -10.28 -20.72
N LEU A 356 23.39 -10.23 -19.52
CA LEU A 356 23.48 -11.43 -18.71
C LEU A 356 23.24 -11.14 -17.23
N SER A 357 22.36 -11.91 -16.62
CA SER A 357 22.21 -11.84 -15.17
C SER A 357 22.26 -13.20 -14.49
N PHE A 358 23.25 -13.32 -13.60
CA PHE A 358 23.38 -14.43 -12.67
C PHE A 358 22.98 -14.13 -11.22
N SER A 359 22.27 -13.00 -11.04
CA SER A 359 21.95 -12.45 -9.74
C SER A 359 21.41 -13.51 -8.78
N ASN A 360 22.05 -13.62 -7.62
CA ASN A 360 21.56 -14.46 -6.54
C ASN A 360 21.45 -15.92 -6.97
N SER A 361 22.37 -16.33 -7.86
CA SER A 361 22.41 -17.69 -8.40
C SER A 361 23.46 -18.68 -7.84
N SER A 362 24.17 -18.28 -6.78
CA SER A 362 25.23 -19.12 -6.21
C SER A 362 26.33 -19.40 -7.23
N ILE A 363 26.82 -18.34 -7.85
CA ILE A 363 27.96 -18.45 -8.74
C ILE A 363 29.21 -18.31 -7.87
N GLN A 364 30.21 -19.15 -8.16
CA GLN A 364 31.46 -19.15 -7.41
C GLN A 364 32.60 -18.69 -8.30
N ASN A 365 33.67 -18.21 -7.66
CA ASN A 365 34.88 -17.85 -8.38
C ASN A 365 34.71 -16.68 -9.34
N ILE A 366 34.58 -15.48 -8.77
CA ILE A 366 34.46 -14.27 -9.57
C ILE A 366 35.71 -14.09 -10.45
N SER A 367 36.84 -14.60 -9.96
CA SER A 367 38.10 -14.50 -10.68
C SER A 367 38.02 -15.13 -12.05
N SER A 368 37.59 -16.38 -12.07
CA SER A 368 37.40 -17.10 -13.30
C SER A 368 36.25 -16.48 -14.11
N ALA A 369 35.13 -16.24 -13.45
CA ALA A 369 33.92 -15.71 -14.10
C ALA A 369 34.21 -14.49 -14.98
N LEU A 370 34.91 -13.50 -14.43
CA LEU A 370 35.26 -12.29 -15.18
C LEU A 370 36.33 -12.49 -16.25
N GLU A 371 37.30 -13.37 -15.99
CA GLU A 371 38.33 -13.63 -16.97
C GLU A 371 37.69 -14.23 -18.24
N ILE A 372 36.63 -15.02 -18.04
CA ILE A 372 35.86 -15.60 -19.13
C ILE A 372 35.00 -14.57 -19.89
N LEU A 373 34.16 -13.86 -19.13
CA LEU A 373 33.10 -13.03 -19.70
C LEU A 373 33.64 -11.80 -20.42
N GLN A 374 34.88 -11.43 -20.12
CA GLN A 374 35.53 -10.30 -20.77
C GLN A 374 35.62 -10.52 -22.27
N HIS A 375 35.58 -11.78 -22.68
CA HIS A 375 35.75 -12.13 -24.09
C HIS A 375 34.45 -12.09 -24.89
N CYS A 376 33.35 -11.76 -24.24
CA CYS A 376 32.10 -11.63 -24.98
C CYS A 376 32.06 -10.20 -25.44
N GLN A 377 32.31 -9.99 -26.72
CA GLN A 377 32.61 -8.66 -27.21
C GLN A 377 31.41 -7.72 -27.19
N ASN A 378 30.22 -8.30 -27.26
CA ASN A 378 28.99 -7.50 -27.30
C ASN A 378 28.27 -7.33 -25.97
N LEU A 379 28.87 -7.79 -24.88
CA LEU A 379 28.20 -7.75 -23.60
C LEU A 379 28.10 -6.29 -23.21
N LYS A 380 26.87 -5.78 -23.10
CA LYS A 380 26.64 -4.43 -22.60
C LYS A 380 26.15 -4.34 -21.15
N THR A 381 25.57 -5.42 -20.63
CA THR A 381 25.06 -5.38 -19.26
C THR A 381 25.29 -6.68 -18.54
N LEU A 382 25.83 -6.58 -17.34
CA LEU A 382 26.18 -7.76 -16.57
C LEU A 382 25.74 -7.64 -15.11
N VAL A 383 24.95 -8.60 -14.64
CA VAL A 383 24.49 -8.56 -13.27
C VAL A 383 24.95 -9.81 -12.52
N LEU A 384 25.90 -9.61 -11.61
CA LEU A 384 26.46 -10.67 -10.76
C LEU A 384 26.07 -10.61 -9.29
N THR A 385 25.10 -9.74 -8.99
CA THR A 385 24.66 -9.46 -7.63
C THR A 385 24.39 -10.72 -6.83
N LEU A 386 24.79 -10.69 -5.55
CA LEU A 386 24.48 -11.78 -4.60
C LEU A 386 25.12 -13.13 -4.98
N ASN A 387 26.39 -13.11 -5.37
CA ASN A 387 27.17 -14.33 -5.62
C ASN A 387 28.55 -14.15 -4.98
N PHE A 388 29.46 -15.09 -5.24
CA PHE A 388 30.87 -14.91 -4.90
C PHE A 388 31.08 -14.45 -3.47
N GLN A 389 30.35 -15.02 -2.52
CA GLN A 389 30.32 -14.45 -1.17
C GLN A 389 31.71 -14.40 -0.54
N LYS A 390 32.11 -13.21 -0.08
CA LYS A 390 33.39 -13.03 0.61
C LYS A 390 34.63 -13.22 -0.25
N GLU A 391 34.46 -13.47 -1.54
CA GLU A 391 35.62 -13.66 -2.41
C GLU A 391 36.31 -12.32 -2.65
N GLU A 392 37.43 -12.37 -3.39
CA GLU A 392 38.18 -11.15 -3.65
C GLU A 392 37.83 -10.67 -5.04
N LEU A 393 37.60 -9.36 -5.19
CA LEU A 393 37.34 -8.79 -6.51
C LEU A 393 38.67 -8.61 -7.21
N PRO A 394 38.91 -9.41 -8.26
CA PRO A 394 40.24 -9.50 -8.91
C PRO A 394 40.72 -8.16 -9.43
N SER A 395 41.99 -7.87 -9.15
CA SER A 395 42.65 -6.68 -9.67
C SER A 395 43.51 -6.96 -10.90
N VAL A 396 43.46 -8.20 -11.40
CA VAL A 396 44.27 -8.60 -12.55
C VAL A 396 44.00 -7.67 -13.74
N PRO A 397 45.04 -6.93 -14.15
CA PRO A 397 44.99 -5.83 -15.13
C PRO A 397 44.62 -6.25 -16.56
N SER A 398 44.63 -7.56 -16.82
CA SER A 398 44.42 -8.02 -18.19
C SER A 398 42.94 -8.09 -18.54
N LEU A 399 42.09 -7.76 -17.56
CA LEU A 399 40.63 -7.74 -17.76
C LEU A 399 40.13 -6.53 -18.57
N GLN A 400 39.43 -6.77 -19.68
CA GLN A 400 38.83 -5.66 -20.41
C GLN A 400 37.39 -5.94 -20.86
N PHE A 401 36.44 -5.20 -20.32
CA PHE A 401 35.07 -5.28 -20.85
C PHE A 401 34.82 -4.00 -21.61
N LYS A 402 34.96 -4.07 -22.92
CA LYS A 402 35.12 -2.88 -23.74
C LYS A 402 33.82 -2.13 -24.02
N ASN A 403 32.76 -2.88 -24.29
CA ASN A 403 31.48 -2.29 -24.63
C ASN A 403 30.51 -2.19 -23.47
N LEU A 404 30.98 -2.57 -22.29
CA LEU A 404 30.14 -2.66 -21.09
C LEU A 404 29.48 -1.31 -20.77
N LYS A 405 28.16 -1.36 -20.62
CA LYS A 405 27.35 -0.21 -20.25
C LYS A 405 26.96 -0.30 -18.77
N VAL A 406 26.50 -1.48 -18.38
CA VAL A 406 25.95 -1.69 -17.06
C VAL A 406 26.69 -2.79 -16.33
N LEU A 407 27.24 -2.45 -15.17
CA LEU A 407 27.93 -3.47 -14.39
C LEU A 407 27.44 -3.47 -12.97
N ILE A 408 26.85 -4.58 -12.56
CA ILE A 408 26.29 -4.66 -11.24
C ILE A 408 26.73 -5.92 -10.53
N ILE A 409 27.59 -5.77 -9.53
CA ILE A 409 27.93 -6.85 -8.65
C ILE A 409 27.80 -6.29 -7.25
N ALA A 410 26.66 -6.55 -6.62
CA ALA A 410 26.39 -5.93 -5.34
C ALA A 410 26.03 -7.02 -4.37
N SER A 411 26.23 -6.73 -3.09
CA SER A 411 25.86 -7.63 -2.00
C SER A 411 26.57 -8.99 -2.17
N CYS A 412 27.82 -8.93 -2.59
CA CYS A 412 28.69 -10.10 -2.62
C CYS A 412 29.71 -10.13 -1.46
N GLN A 413 29.72 -9.08 -0.64
CA GLN A 413 30.75 -8.90 0.41
C GLN A 413 32.19 -9.02 -0.11
N LEU A 414 32.48 -8.38 -1.24
CA LEU A 414 33.76 -8.56 -1.92
C LEU A 414 34.90 -7.79 -1.27
N ARG A 415 36.01 -8.50 -1.05
CA ARG A 415 37.26 -7.90 -0.59
C ARG A 415 38.05 -7.34 -1.77
N GLY A 416 38.92 -6.36 -1.51
CA GLY A 416 39.70 -5.77 -2.57
C GLY A 416 39.33 -4.31 -2.76
N THR A 417 39.87 -3.72 -3.83
CA THR A 417 39.61 -2.31 -4.13
C THR A 417 38.87 -2.20 -5.44
N VAL A 418 38.48 -0.98 -5.80
CA VAL A 418 37.89 -0.75 -7.10
C VAL A 418 39.01 -0.96 -8.12
N PRO A 419 38.88 -2.02 -8.95
CA PRO A 419 40.01 -2.41 -9.79
C PRO A 419 40.18 -1.45 -10.97
N GLN A 420 41.42 -1.15 -11.34
CA GLN A 420 41.66 -0.14 -12.36
C GLN A 420 41.29 -0.63 -13.76
N TRP A 421 41.25 -1.95 -13.95
CA TRP A 421 40.85 -2.48 -15.25
C TRP A 421 39.43 -2.05 -15.67
N LEU A 422 38.62 -1.62 -14.71
CA LEU A 422 37.30 -1.06 -15.04
C LEU A 422 37.41 0.16 -15.94
N SER A 423 38.55 0.84 -15.90
CA SER A 423 38.78 1.97 -16.80
C SER A 423 38.81 1.51 -18.26
N ASN A 424 38.85 0.19 -18.48
CA ASN A 424 38.79 -0.37 -19.84
C ASN A 424 37.35 -0.46 -20.34
N SER A 425 36.41 0.05 -19.55
CA SER A 425 35.01 0.10 -19.98
C SER A 425 34.59 1.55 -20.09
N PRO A 426 35.07 2.24 -21.13
CA PRO A 426 34.93 3.69 -21.24
C PRO A 426 33.49 4.17 -21.45
N SER A 427 32.63 3.26 -21.89
CA SER A 427 31.21 3.59 -22.15
C SER A 427 30.26 3.24 -21.00
N LEU A 428 30.81 2.88 -19.84
CA LEU A 428 30.02 2.52 -18.66
C LEU A 428 28.98 3.60 -18.32
N GLN A 429 27.75 3.17 -18.18
CA GLN A 429 26.62 4.01 -17.78
C GLN A 429 26.31 3.85 -16.28
N LEU A 430 26.15 2.59 -15.88
CA LEU A 430 25.71 2.28 -14.54
C LEU A 430 26.72 1.36 -13.85
N LEU A 431 27.19 1.77 -12.68
CA LEU A 431 28.09 0.94 -11.89
C LEU A 431 27.58 0.76 -10.46
N ASP A 432 27.33 -0.48 -10.07
CA ASP A 432 26.89 -0.75 -8.71
C ASP A 432 27.79 -1.82 -8.09
N LEU A 433 28.68 -1.37 -7.21
CA LEU A 433 29.54 -2.22 -6.39
C LEU A 433 29.11 -2.28 -4.92
N SER A 434 27.91 -1.77 -4.64
CA SER A 434 27.45 -1.53 -3.28
C SER A 434 27.29 -2.82 -2.47
N TRP A 435 27.25 -2.67 -1.15
CA TRP A 435 27.07 -3.78 -0.22
C TRP A 435 28.18 -4.84 -0.30
N ASN A 436 29.42 -4.38 -0.48
CA ASN A 436 30.58 -5.28 -0.43
C ASN A 436 31.53 -4.87 0.70
N GLN A 437 32.65 -5.56 0.78
CA GLN A 437 33.72 -5.29 1.74
C GLN A 437 34.83 -4.39 1.19
N LEU A 438 34.61 -3.81 0.01
CA LEU A 438 35.67 -3.08 -0.71
C LEU A 438 36.37 -1.97 0.08
N SER A 439 37.68 -1.90 -0.08
CA SER A 439 38.53 -1.00 0.69
C SER A 439 39.41 -0.17 -0.23
N GLY A 440 40.34 0.58 0.35
CA GLY A 440 41.21 1.46 -0.40
C GLY A 440 40.56 2.82 -0.58
N THR A 441 41.06 3.60 -1.52
CA THR A 441 40.43 4.88 -1.79
C THR A 441 39.57 4.75 -3.03
N ILE A 442 38.85 5.82 -3.33
CA ILE A 442 38.00 5.86 -4.51
C ILE A 442 38.80 6.45 -5.67
N PRO A 443 39.04 5.63 -6.70
CA PRO A 443 39.93 5.99 -7.81
C PRO A 443 39.43 7.21 -8.59
N PRO A 444 40.31 8.21 -8.77
CA PRO A 444 40.04 9.45 -9.52
C PRO A 444 39.61 9.22 -10.97
N TRP A 445 40.00 8.10 -11.58
CA TRP A 445 39.70 7.88 -12.99
C TRP A 445 38.20 7.65 -13.24
N LEU A 446 37.45 7.38 -12.18
CA LEU A 446 36.00 7.23 -12.29
C LEU A 446 35.38 8.48 -12.89
N GLY A 447 35.94 9.64 -12.55
CA GLY A 447 35.48 10.90 -13.11
C GLY A 447 35.71 11.00 -14.60
N SER A 448 36.50 10.09 -15.15
CA SER A 448 36.84 10.13 -16.57
C SER A 448 35.86 9.36 -17.42
N LEU A 449 34.84 8.79 -16.79
CA LEU A 449 33.87 8.00 -17.54
C LEU A 449 32.77 8.94 -17.98
N ASN A 450 32.72 9.25 -19.27
CA ASN A 450 31.88 10.32 -19.79
C ASN A 450 30.42 9.97 -19.90
N SER A 451 30.12 8.67 -19.98
CA SER A 451 28.73 8.22 -20.03
C SER A 451 28.14 7.81 -18.68
N LEU A 452 28.94 7.82 -17.62
CA LEU A 452 28.46 7.31 -16.34
C LEU A 452 27.51 8.31 -15.71
N PHE A 453 26.24 7.94 -15.53
CA PHE A 453 25.30 8.72 -14.73
C PHE A 453 24.90 8.14 -13.37
N TYR A 454 25.26 6.89 -13.11
CA TYR A 454 24.79 6.24 -11.89
C TYR A 454 25.92 5.46 -11.24
N LEU A 455 26.32 5.90 -10.05
CA LEU A 455 27.42 5.26 -9.34
C LEU A 455 27.00 4.88 -7.93
N ASP A 456 26.90 3.59 -7.65
CA ASP A 456 26.56 3.17 -6.29
C ASP A 456 27.75 2.45 -5.71
N LEU A 457 28.48 3.16 -4.86
CA LEU A 457 29.61 2.64 -4.09
C LEU A 457 29.26 2.41 -2.62
N SER A 458 27.99 2.58 -2.28
CA SER A 458 27.56 2.63 -0.88
C SER A 458 27.78 1.33 -0.13
N ASN A 459 27.81 1.43 1.20
CA ASN A 459 27.98 0.24 2.05
C ASN A 459 29.26 -0.55 1.76
N ASN A 460 30.39 0.14 1.69
CA ASN A 460 31.69 -0.52 1.64
C ASN A 460 32.60 -0.01 2.75
N THR A 461 33.85 -0.42 2.73
CA THR A 461 34.86 0.08 3.67
C THR A 461 35.76 1.21 3.17
N PHE A 462 35.39 1.83 2.05
CA PHE A 462 36.26 2.84 1.42
C PHE A 462 36.73 3.95 2.37
N ILE A 463 38.01 4.30 2.22
CA ILE A 463 38.61 5.39 2.99
C ILE A 463 39.15 6.51 2.09
N GLY A 464 39.75 7.53 2.69
CA GLY A 464 40.33 8.61 1.92
C GLY A 464 39.34 9.63 1.38
N GLU A 465 39.81 10.46 0.46
CA GLU A 465 39.00 11.57 -0.07
C GLU A 465 38.02 11.18 -1.17
N ILE A 466 36.97 11.98 -1.32
CA ILE A 466 36.16 11.95 -2.53
C ILE A 466 37.00 12.54 -3.64
N PRO A 467 37.29 11.75 -4.69
CA PRO A 467 38.08 12.26 -5.81
C PRO A 467 37.41 13.45 -6.49
N HIS A 468 38.19 14.48 -6.74
CA HIS A 468 37.70 15.74 -7.32
C HIS A 468 37.08 15.53 -8.70
N SER A 469 37.55 14.52 -9.40
CA SER A 469 37.09 14.27 -10.76
C SER A 469 35.60 13.97 -10.85
N LEU A 470 35.01 13.52 -9.74
CA LEU A 470 33.57 13.24 -9.70
C LEU A 470 32.73 14.48 -9.99
N THR A 471 33.28 15.66 -9.69
CA THR A 471 32.55 16.91 -9.93
C THR A 471 32.60 17.31 -11.39
N SER A 472 33.50 16.70 -12.14
CA SER A 472 33.60 16.94 -13.58
C SER A 472 32.95 15.86 -14.45
N LEU A 473 32.27 14.90 -13.84
CA LEU A 473 31.64 13.80 -14.58
C LEU A 473 30.71 14.35 -15.65
N GLN A 474 31.00 13.97 -16.90
CA GLN A 474 30.39 14.62 -18.06
C GLN A 474 28.88 14.43 -18.15
N SER A 475 28.43 13.20 -17.97
CA SER A 475 27.00 12.92 -18.07
C SER A 475 26.22 13.52 -16.91
N LEU A 476 26.90 13.74 -15.78
CA LEU A 476 26.32 14.46 -14.65
C LEU A 476 26.36 15.97 -14.83
N VAL A 477 27.31 16.48 -15.62
CA VAL A 477 27.40 17.91 -15.88
C VAL A 477 26.40 18.39 -16.94
N SER A 478 26.34 17.66 -18.05
CA SER A 478 25.52 18.04 -19.18
C SER A 478 24.60 16.90 -19.64
N LYS A 479 23.63 17.23 -20.46
CA LYS A 479 22.64 16.27 -20.92
C LYS A 479 23.20 15.32 -21.93
N PRO A 488 14.45 -3.40 -26.38
CA PRO A 488 15.23 -4.04 -25.31
C PRO A 488 14.49 -4.23 -23.96
N ASP A 489 14.51 -5.46 -23.42
CA ASP A 489 13.68 -5.93 -22.30
C ASP A 489 14.40 -6.99 -21.41
N PHE A 490 14.54 -6.63 -20.15
CA PHE A 490 15.18 -7.36 -19.08
C PHE A 490 15.36 -6.30 -17.99
N PRO A 491 14.39 -6.24 -17.12
CA PRO A 491 14.25 -5.17 -16.14
C PRO A 491 15.03 -5.38 -14.86
N PHE A 492 15.25 -4.32 -14.09
CA PHE A 492 16.05 -4.41 -12.89
C PHE A 492 15.14 -4.12 -11.69
N PHE A 493 15.54 -4.62 -10.52
CA PHE A 493 14.84 -4.32 -9.29
C PHE A 493 15.83 -3.72 -8.30
N LYS A 494 15.38 -2.75 -7.52
CA LYS A 494 16.25 -2.12 -6.53
C LYS A 494 15.82 -2.47 -5.12
N LYS A 495 16.78 -2.95 -4.33
CA LYS A 495 16.53 -3.37 -2.95
C LYS A 495 17.13 -2.38 -1.95
N GLY A 502 10.89 -4.56 -3.55
CA GLY A 502 11.58 -4.42 -4.82
C GLY A 502 10.86 -3.51 -5.81
N LEU A 503 11.50 -2.40 -6.13
CA LEU A 503 10.96 -1.47 -7.10
C LEU A 503 11.55 -1.72 -8.49
N GLN A 504 10.68 -1.86 -9.49
CA GLN A 504 11.08 -2.21 -10.84
C GLN A 504 11.56 -1.00 -11.64
N TYR A 505 12.62 -1.21 -12.40
CA TYR A 505 13.15 -0.23 -13.33
C TYR A 505 13.36 -0.96 -14.64
N ASN A 506 12.75 -0.46 -15.71
CA ASN A 506 12.71 -1.18 -16.98
C ASN A 506 14.02 -1.21 -17.75
N GLN A 507 14.79 -0.14 -17.68
CA GLN A 507 16.08 -0.09 -18.35
C GLN A 507 17.06 0.77 -17.54
N PRO A 508 18.35 0.79 -17.92
CA PRO A 508 19.29 1.57 -17.11
C PRO A 508 18.90 3.04 -16.96
N SER A 509 18.35 3.65 -18.01
CA SER A 509 17.99 5.06 -17.98
C SER A 509 16.76 5.34 -17.09
N SER A 510 16.11 4.29 -16.59
CA SER A 510 15.00 4.49 -15.67
C SER A 510 15.55 4.93 -14.31
N PHE A 511 16.83 4.66 -14.07
CA PHE A 511 17.46 5.15 -12.84
C PHE A 511 17.88 6.62 -12.96
N PRO A 512 17.37 7.47 -12.06
CA PRO A 512 17.78 8.88 -12.08
C PRO A 512 19.24 9.01 -11.69
N PRO A 513 19.98 9.92 -12.36
CA PRO A 513 21.42 10.10 -12.10
C PRO A 513 21.73 10.29 -10.62
N MET A 514 22.73 9.53 -10.16
CA MET A 514 22.98 9.38 -8.74
C MET A 514 24.45 9.17 -8.41
N ILE A 515 24.90 9.79 -7.32
CA ILE A 515 26.14 9.39 -6.66
C ILE A 515 25.78 8.95 -5.25
N ASP A 516 25.98 7.66 -4.96
CA ASP A 516 25.80 7.18 -3.60
C ASP A 516 27.12 6.66 -3.05
N LEU A 517 27.75 7.46 -2.19
CA LEU A 517 28.99 7.11 -1.49
C LEU A 517 28.78 6.72 -0.04
N SER A 518 27.51 6.58 0.34
CA SER A 518 27.11 6.42 1.73
C SER A 518 27.63 5.14 2.39
N TYR A 519 27.69 5.15 3.72
CA TYR A 519 28.13 4.02 4.53
C TYR A 519 29.53 3.55 4.15
N ASN A 520 30.43 4.53 4.08
CA ASN A 520 31.87 4.31 4.01
C ASN A 520 32.59 5.13 5.08
N SER A 521 33.91 5.11 5.01
CA SER A 521 34.78 5.93 5.88
C SER A 521 35.34 7.22 5.27
N LEU A 522 34.80 7.67 4.14
CA LEU A 522 35.34 8.82 3.43
C LEU A 522 35.58 10.05 4.30
N ASN A 523 36.67 10.76 4.01
CA ASN A 523 37.04 11.97 4.75
C ASN A 523 37.30 13.17 3.85
N GLY A 524 37.64 14.30 4.45
CA GLY A 524 37.87 15.53 3.70
C GLY A 524 36.57 16.30 3.60
N SER A 525 36.46 17.20 2.62
CA SER A 525 35.26 18.03 2.50
C SER A 525 34.49 17.73 1.22
N ILE A 526 33.31 18.35 1.11
CA ILE A 526 32.53 18.33 -0.11
C ILE A 526 33.01 19.45 -1.03
N TRP A 527 33.41 19.11 -2.24
CA TRP A 527 33.96 20.11 -3.15
C TRP A 527 32.87 21.03 -3.68
N PRO A 528 33.17 22.34 -3.74
CA PRO A 528 32.27 23.33 -4.34
C PRO A 528 31.93 22.99 -5.78
N GLU A 529 32.87 22.31 -6.46
CA GLU A 529 32.71 22.00 -7.88
C GLU A 529 31.57 21.03 -8.16
N PHE A 530 31.00 20.45 -7.11
CA PHE A 530 29.81 19.61 -7.25
C PHE A 530 28.67 20.40 -7.86
N GLY A 531 28.68 21.72 -7.63
CA GLY A 531 27.67 22.60 -8.19
C GLY A 531 27.71 22.63 -9.70
N ASP A 532 28.78 22.08 -10.28
CA ASP A 532 28.85 21.94 -11.72
C ASP A 532 28.01 20.78 -12.22
N LEU A 533 27.57 19.89 -11.33
CA LEU A 533 26.84 18.73 -11.81
C LEU A 533 25.37 19.11 -11.80
N ARG A 534 24.87 19.52 -12.96
CA ARG A 534 23.53 20.10 -13.03
C ARG A 534 22.48 19.08 -13.40
N GLN A 535 22.93 17.91 -13.82
CA GLN A 535 22.04 16.80 -14.15
C GLN A 535 21.93 15.77 -13.03
N LEU A 536 22.60 16.02 -11.91
CA LEU A 536 22.56 15.05 -10.82
C LEU A 536 21.24 15.15 -10.06
N HIS A 537 20.49 14.04 -10.03
CA HIS A 537 19.27 13.93 -9.22
C HIS A 537 19.50 13.54 -7.76
N VAL A 538 20.41 12.61 -7.53
CA VAL A 538 20.60 12.05 -6.18
C VAL A 538 22.07 12.10 -5.72
N LEU A 539 22.31 12.79 -4.60
CA LEU A 539 23.64 12.76 -3.98
C LEU A 539 23.53 12.26 -2.54
N ASN A 540 24.01 11.04 -2.29
CA ASN A 540 23.92 10.46 -0.95
C ASN A 540 25.31 10.24 -0.37
N LEU A 541 25.71 11.14 0.52
CA LEU A 541 26.96 11.04 1.25
C LEU A 541 26.86 10.54 2.69
N LYS A 542 25.68 10.07 3.10
CA LYS A 542 25.42 9.80 4.50
C LYS A 542 26.32 8.72 5.10
N ASN A 543 26.49 8.76 6.41
CA ASN A 543 27.35 7.81 7.13
C ASN A 543 28.77 7.73 6.60
N ASN A 544 29.42 8.88 6.56
CA ASN A 544 30.87 8.94 6.32
C ASN A 544 31.54 9.76 7.42
N ASN A 545 32.84 10.00 7.25
CA ASN A 545 33.62 10.87 8.12
C ASN A 545 33.87 12.30 7.62
N LEU A 546 33.10 12.71 6.61
CA LEU A 546 33.30 14.02 5.94
C LEU A 546 33.33 15.20 6.90
N SER A 547 34.15 16.20 6.57
CA SER A 547 34.32 17.39 7.42
C SER A 547 34.31 18.68 6.62
N GLY A 548 34.52 19.80 7.30
CA GLY A 548 34.52 21.08 6.62
C GLY A 548 33.13 21.68 6.50
N ASN A 549 33.00 22.62 5.57
CA ASN A 549 31.73 23.31 5.39
C ASN A 549 30.88 22.63 4.32
N ILE A 550 29.65 23.13 4.18
CA ILE A 550 28.83 22.76 3.04
C ILE A 550 28.90 23.92 2.06
N PRO A 551 29.49 23.67 0.88
CA PRO A 551 29.69 24.72 -0.12
C PRO A 551 28.39 25.41 -0.51
N ALA A 552 28.41 26.70 -0.67
CA ALA A 552 27.29 27.40 -1.23
C ALA A 552 27.08 27.04 -2.67
N ASN A 553 28.12 26.58 -3.30
CA ASN A 553 28.00 26.11 -4.67
C ASN A 553 27.09 24.90 -4.87
N LEU A 554 26.74 24.20 -3.80
CA LEU A 554 25.78 23.11 -3.90
C LEU A 554 24.46 23.61 -4.47
N SER A 555 24.23 24.92 -4.35
CA SER A 555 23.06 25.57 -4.93
C SER A 555 23.11 25.51 -6.45
N GLY A 556 24.26 25.10 -6.98
CA GLY A 556 24.47 25.00 -8.40
C GLY A 556 23.95 23.74 -9.06
N MET A 557 23.55 22.74 -8.26
CA MET A 557 23.10 21.49 -8.87
C MET A 557 21.60 21.60 -9.11
N THR A 558 21.22 21.91 -10.33
CA THR A 558 19.88 22.39 -10.59
C THR A 558 18.85 21.26 -10.60
N SER A 559 19.31 20.04 -10.87
CA SER A 559 18.41 18.88 -10.95
C SER A 559 18.30 18.13 -9.64
N LEU A 560 18.94 18.62 -8.59
CA LEU A 560 19.06 17.83 -7.37
C LEU A 560 17.72 17.67 -6.67
N GLU A 561 17.36 16.40 -6.45
CA GLU A 561 16.17 16.00 -5.72
C GLU A 561 16.50 15.57 -4.30
N VAL A 562 17.49 14.68 -4.19
CA VAL A 562 17.86 14.11 -2.91
C VAL A 562 19.30 14.48 -2.57
N LEU A 563 19.49 15.09 -1.41
CA LEU A 563 20.81 15.39 -0.92
C LEU A 563 20.87 14.97 0.54
N ASP A 564 21.63 13.92 0.83
CA ASP A 564 21.71 13.43 2.19
C ASP A 564 23.15 13.45 2.69
N LEU A 565 23.44 14.41 3.54
CA LEU A 565 24.76 14.60 4.15
C LEU A 565 24.81 14.08 5.58
N SER A 566 23.74 13.41 6.01
CA SER A 566 23.58 13.05 7.42
C SER A 566 24.69 12.11 7.92
N HIS A 567 24.87 12.09 9.23
CA HIS A 567 25.90 11.26 9.86
C HIS A 567 27.30 11.54 9.34
N ASN A 568 27.68 12.82 9.37
CA ASN A 568 29.03 13.22 9.04
C ASN A 568 29.58 14.20 10.06
N ASN A 569 30.79 14.69 9.84
CA ASN A 569 31.44 15.63 10.74
C ASN A 569 31.33 17.11 10.33
N LEU A 570 30.50 17.40 9.34
CA LEU A 570 30.39 18.74 8.75
C LEU A 570 30.09 19.85 9.75
N SER A 571 30.61 21.05 9.46
CA SER A 571 30.39 22.21 10.31
C SER A 571 30.09 23.46 9.48
N GLY A 572 29.93 24.59 10.17
CA GLY A 572 29.62 25.86 9.53
C GLY A 572 28.14 26.16 9.47
N ASN A 573 27.75 27.00 8.52
CA ASN A 573 26.36 27.35 8.30
C ASN A 573 25.83 26.63 7.06
N ILE A 574 24.54 26.29 7.07
CA ILE A 574 23.87 25.81 5.86
C ILE A 574 23.68 26.99 4.94
N PRO A 575 24.35 26.97 3.77
CA PRO A 575 24.28 28.14 2.88
C PRO A 575 22.85 28.41 2.46
N PRO A 576 22.39 29.66 2.64
CA PRO A 576 21.04 30.06 2.23
C PRO A 576 20.86 29.93 0.73
N SER A 577 21.96 29.96 -0.01
CA SER A 577 21.94 29.90 -1.46
C SER A 577 21.30 28.62 -1.96
N LEU A 578 21.39 27.55 -1.18
CA LEU A 578 20.88 26.26 -1.60
C LEU A 578 19.36 26.27 -1.75
N VAL A 579 18.74 27.36 -1.29
CA VAL A 579 17.31 27.59 -1.47
C VAL A 579 16.99 27.67 -2.97
N LYS A 580 18.03 27.92 -3.76
CA LYS A 580 17.94 28.01 -5.22
C LYS A 580 17.74 26.64 -5.90
N LEU A 581 17.73 25.56 -5.13
CA LEU A 581 17.51 24.26 -5.73
C LEU A 581 16.02 24.01 -5.72
N SER A 582 15.42 24.16 -6.89
CA SER A 582 13.96 24.24 -6.99
C SER A 582 13.29 22.87 -7.02
N PHE A 583 14.06 21.82 -7.29
CA PHE A 583 13.55 20.45 -7.27
C PHE A 583 13.90 19.63 -6.03
N LEU A 584 14.57 20.25 -5.06
CA LEU A 584 15.14 19.49 -3.97
C LEU A 584 14.00 18.99 -3.11
N SER A 585 13.79 17.68 -3.11
CA SER A 585 12.67 17.10 -2.37
C SER A 585 13.01 16.40 -1.06
N THR A 586 14.28 16.05 -0.86
CA THR A 586 14.68 15.42 0.38
C THR A 586 16.06 15.93 0.80
N PHE A 587 16.14 16.35 2.06
CA PHE A 587 17.31 17.04 2.57
C PHE A 587 17.59 16.53 3.97
N SER A 588 18.81 16.08 4.23
CA SER A 588 19.18 15.76 5.60
C SER A 588 20.62 16.15 5.94
N VAL A 589 20.76 17.02 6.94
CA VAL A 589 22.05 17.33 7.55
C VAL A 589 22.25 16.63 8.89
N ALA A 590 21.32 15.76 9.24
CA ALA A 590 21.25 15.18 10.57
C ALA A 590 22.54 14.61 11.11
N TYR A 591 22.70 14.71 12.42
CA TYR A 591 23.85 14.15 13.12
C TYR A 591 25.19 14.59 12.52
N ASN A 592 25.31 15.90 12.39
CA ASN A 592 26.58 16.55 12.12
C ASN A 592 26.81 17.45 13.31
N LYS A 593 27.86 18.26 13.26
CA LYS A 593 27.99 19.35 14.21
C LYS A 593 27.87 20.67 13.44
N LEU A 594 26.70 21.32 13.52
CA LEU A 594 26.44 22.49 12.70
C LEU A 594 25.80 23.61 13.55
N SER A 595 25.86 24.84 13.05
CA SER A 595 25.40 25.97 13.84
C SER A 595 24.88 27.12 12.98
N GLY A 596 24.07 27.98 13.58
CA GLY A 596 23.55 29.14 12.88
C GLY A 596 22.13 28.95 12.39
N PRO A 597 21.63 29.94 11.63
CA PRO A 597 20.26 29.97 11.14
C PRO A 597 20.04 29.03 9.96
N ILE A 598 18.77 28.73 9.68
CA ILE A 598 18.38 27.93 8.53
C ILE A 598 17.60 28.86 7.62
N PRO A 599 17.80 28.74 6.29
CA PRO A 599 17.14 29.61 5.31
C PRO A 599 15.61 29.64 5.45
N PHE A 604 11.80 25.50 3.16
CA PHE A 604 12.84 24.98 4.06
C PHE A 604 12.39 24.80 5.50
N GLN A 605 11.35 25.53 5.88
CA GLN A 605 10.66 25.27 7.15
C GLN A 605 9.94 23.93 7.02
N THR A 606 9.87 23.45 5.78
CA THR A 606 9.06 22.30 5.40
C THR A 606 9.77 20.94 5.52
N PHE A 607 11.06 20.96 5.86
CA PHE A 607 11.78 19.70 6.07
C PHE A 607 11.54 19.28 7.51
N PRO A 608 11.32 17.98 7.74
CA PRO A 608 11.03 17.50 9.10
C PRO A 608 12.21 17.69 10.04
N ASN A 609 11.95 17.60 11.34
CA ASN A 609 13.01 17.78 12.32
C ASN A 609 14.07 16.70 12.23
N SER A 610 13.69 15.52 11.77
CA SER A 610 14.65 14.42 11.68
C SER A 610 15.77 14.76 10.70
N SER A 611 15.52 15.75 9.86
CA SER A 611 16.49 16.23 8.88
C SER A 611 17.57 17.13 9.49
N PHE A 612 17.20 17.93 10.48
CA PHE A 612 18.17 18.83 11.12
C PHE A 612 18.72 18.36 12.46
N GLU A 613 18.18 17.26 12.98
CA GLU A 613 18.47 16.84 14.36
C GLU A 613 19.90 16.36 14.57
N GLY A 614 20.37 16.47 15.82
CA GLY A 614 21.69 16.02 16.22
C GLY A 614 22.75 17.05 15.98
N ASN A 615 22.30 18.19 15.50
CA ASN A 615 23.07 19.39 15.54
C ASN A 615 22.73 20.31 16.72
N GLN A 616 23.66 21.18 17.03
CA GLN A 616 23.54 22.13 18.11
C GLN A 616 23.75 23.51 17.58
N GLY A 617 22.67 24.22 17.55
CA GLY A 617 22.53 25.31 16.63
C GLY A 617 21.64 24.75 15.54
N LEU B 4 28.00 1.59 46.59
CA LEU B 4 28.11 0.22 47.09
C LEU B 4 29.00 -0.59 46.18
N THR B 5 29.77 -1.50 46.77
CA THR B 5 30.70 -2.34 46.03
C THR B 5 30.06 -3.63 45.57
N CYS B 6 30.11 -3.87 44.27
CA CYS B 6 29.45 -5.02 43.69
C CYS B 6 29.97 -6.33 44.25
N ASN B 7 29.05 -7.19 44.64
CA ASN B 7 29.39 -8.55 45.04
C ASN B 7 29.96 -9.29 43.83
N SER B 8 30.98 -10.12 44.06
CA SER B 8 31.68 -10.77 42.95
C SER B 8 30.83 -11.83 42.25
N ASN B 9 30.00 -12.53 43.02
CA ASN B 9 29.08 -13.48 42.40
C ASN B 9 28.01 -12.81 41.56
N ASP B 10 27.54 -11.65 41.98
CA ASP B 10 26.55 -10.92 41.18
C ASP B 10 27.14 -10.46 39.85
N LEU B 11 28.43 -10.14 39.84
CA LEU B 11 29.12 -9.73 38.61
C LEU B 11 29.27 -10.90 37.62
N LYS B 12 29.52 -12.08 38.11
CA LYS B 12 29.70 -13.14 37.21
C LYS B 12 28.37 -13.51 36.54
N ALA B 13 27.31 -13.51 37.32
CA ALA B 13 25.97 -13.73 36.78
C ALA B 13 25.62 -12.70 35.68
N LEU B 14 25.99 -11.44 35.92
CA LEU B 14 25.72 -10.37 34.96
C LEU B 14 26.53 -10.50 33.68
N GLU B 15 27.76 -11.01 33.82
CA GLU B 15 28.63 -11.26 32.66
C GLU B 15 27.98 -12.29 31.74
N GLY B 16 27.38 -13.31 32.33
CA GLY B 16 26.60 -14.29 31.58
C GLY B 16 25.44 -13.64 30.85
N PHE B 17 24.75 -12.73 31.53
CA PHE B 17 23.66 -12.00 30.90
C PHE B 17 24.19 -11.17 29.74
N MET B 18 25.33 -10.52 29.95
CA MET B 18 25.99 -9.70 28.94
C MET B 18 26.32 -10.51 27.69
N ARG B 19 26.93 -11.67 27.88
CA ARG B 19 27.32 -12.57 26.80
C ARG B 19 26.13 -12.96 25.94
N GLY B 20 24.96 -13.05 26.56
CA GLY B 20 23.75 -13.46 25.85
C GLY B 20 23.18 -12.37 24.99
N LEU B 21 23.59 -11.12 25.23
CA LEU B 21 23.12 -9.99 24.44
C LEU B 21 23.93 -9.84 23.16
N GLU B 22 23.30 -9.37 22.11
CA GLU B 22 23.98 -9.20 20.85
C GLU B 22 24.81 -7.99 20.81
N SER B 23 24.40 -6.97 21.51
CA SER B 23 25.13 -5.76 21.50
C SER B 23 25.31 -5.26 22.88
N SER B 24 26.13 -4.25 23.00
CA SER B 24 26.59 -3.74 24.25
C SER B 24 25.67 -2.69 24.82
N ILE B 25 25.76 -2.55 26.14
CA ILE B 25 24.90 -1.65 26.87
C ILE B 25 25.77 -0.54 27.41
N ASP B 26 25.36 0.66 27.15
CA ASP B 26 26.15 1.82 27.54
C ASP B 26 26.06 2.04 29.04
N GLY B 27 27.21 2.19 29.68
CA GLY B 27 27.28 2.34 31.12
C GLY B 27 27.77 1.06 31.78
N TRP B 28 27.67 -0.04 31.05
CA TRP B 28 28.17 -1.32 31.56
C TRP B 28 29.57 -1.51 31.03
N LYS B 29 30.46 -2.06 31.85
CA LYS B 29 31.82 -2.28 31.40
C LYS B 29 31.90 -3.65 30.76
N TRP B 30 32.00 -3.64 29.43
CA TRP B 30 32.01 -4.86 28.63
C TRP B 30 33.41 -5.46 28.58
N ASN B 31 34.41 -4.57 28.56
CA ASN B 31 35.80 -4.94 28.32
C ASN B 31 35.95 -5.82 27.07
N PHE B 36 33.95 2.74 31.10
CA PHE B 36 32.94 2.37 32.07
C PHE B 36 33.55 1.69 33.31
N SER B 37 32.90 1.89 34.45
CA SER B 37 33.39 1.45 35.75
C SER B 37 33.39 -0.07 35.97
N SER B 38 34.26 -0.54 36.85
CA SER B 38 34.35 -1.96 37.16
C SER B 38 33.31 -2.40 38.19
N ASN B 39 32.65 -1.43 38.81
CA ASN B 39 31.66 -1.71 39.84
C ASN B 39 30.26 -1.74 39.24
N CYS B 40 29.65 -2.92 39.18
CA CYS B 40 28.36 -3.10 38.50
C CYS B 40 27.25 -2.26 39.12
N CYS B 41 27.39 -1.96 40.41
CA CYS B 41 26.42 -1.10 41.11
C CYS B 41 26.43 0.33 40.54
N ASP B 42 27.45 0.64 39.75
CA ASP B 42 27.50 1.94 39.08
C ASP B 42 26.85 1.92 37.70
N TRP B 43 26.60 0.74 37.15
CA TRP B 43 26.09 0.64 35.79
C TRP B 43 24.64 1.10 35.73
N VAL B 44 24.20 1.59 34.57
CA VAL B 44 22.85 2.07 34.44
C VAL B 44 21.88 0.88 34.45
N GLY B 45 20.78 1.05 35.15
CA GLY B 45 19.75 0.02 35.22
C GLY B 45 19.97 -0.97 36.35
N ILE B 46 21.12 -0.90 36.99
CA ILE B 46 21.40 -1.79 38.11
C ILE B 46 21.24 -1.04 39.44
N SER B 47 20.33 -1.53 40.29
CA SER B 47 20.20 -1.02 41.64
C SER B 47 20.75 -2.07 42.61
N CYS B 48 21.60 -1.61 43.51
CA CYS B 48 22.23 -2.45 44.52
C CYS B 48 21.76 -2.08 45.92
N LYS B 49 21.79 -3.06 46.83
CA LYS B 49 21.51 -2.83 48.24
C LYS B 49 22.55 -3.57 49.08
N SER B 50 22.83 -3.07 50.28
CA SER B 50 23.83 -3.70 51.13
C SER B 50 23.36 -5.09 51.55
N SER B 51 24.31 -6.00 51.71
CA SER B 51 24.01 -7.35 52.19
C SER B 51 23.38 -7.30 53.57
N VAL B 52 23.81 -6.35 54.39
CA VAL B 52 23.22 -6.17 55.72
C VAL B 52 21.72 -5.83 55.62
N SER B 53 21.35 -4.90 54.75
CA SER B 53 19.95 -4.52 54.64
C SER B 53 19.11 -5.67 54.11
N LEU B 54 19.73 -6.64 53.45
CA LEU B 54 19.01 -7.81 52.95
C LEU B 54 19.01 -8.90 53.99
N GLY B 55 19.66 -8.62 55.12
CA GLY B 55 19.72 -9.55 56.23
C GLY B 55 20.62 -10.75 55.96
N LEU B 56 21.69 -10.54 55.20
CA LEU B 56 22.66 -11.59 54.93
C LEU B 56 23.76 -11.51 55.98
N VAL B 59 30.32 -11.93 57.42
CA VAL B 59 31.24 -10.88 57.83
C VAL B 59 31.72 -10.04 56.67
N ASN B 60 31.84 -10.64 55.48
CA ASN B 60 32.28 -9.85 54.35
C ASN B 60 31.04 -9.27 53.67
N GLU B 61 30.85 -7.96 53.86
CA GLU B 61 29.69 -7.26 53.34
C GLU B 61 29.90 -6.90 51.87
N SER B 62 28.81 -6.73 51.15
CA SER B 62 28.88 -6.34 49.76
C SER B 62 27.58 -5.71 49.31
N GLY B 63 27.63 -4.96 48.22
CA GLY B 63 26.42 -4.51 47.56
C GLY B 63 25.86 -5.68 46.77
N ARG B 64 24.54 -5.87 46.86
CA ARG B 64 23.93 -6.98 46.12
C ARG B 64 23.01 -6.43 45.05
N VAL B 65 22.98 -7.09 43.89
CA VAL B 65 22.16 -6.58 42.81
C VAL B 65 20.72 -6.97 43.09
N VAL B 66 19.91 -5.96 43.36
CA VAL B 66 18.52 -6.14 43.71
C VAL B 66 17.53 -5.81 42.58
N GLU B 67 17.99 -5.04 41.60
CA GLU B 67 17.13 -4.61 40.49
C GLU B 67 17.90 -4.54 39.19
N LEU B 68 17.34 -5.12 38.13
CA LEU B 68 17.84 -4.94 36.78
C LEU B 68 16.74 -4.32 35.95
N GLU B 69 16.87 -3.04 35.61
CA GLU B 69 15.83 -2.39 34.83
C GLU B 69 16.37 -1.90 33.49
N LEU B 70 16.13 -2.70 32.46
CA LEU B 70 16.62 -2.46 31.09
C LEU B 70 15.57 -2.05 30.04
N GLY B 71 14.37 -1.66 30.49
CA GLY B 71 13.27 -1.35 29.60
C GLY B 71 13.60 -0.38 28.47
N ARG B 72 13.16 -0.72 27.26
CA ARG B 72 13.33 0.13 26.08
C ARG B 72 14.78 0.49 25.82
N ARG B 73 15.64 -0.51 25.91
CA ARG B 73 17.06 -0.32 25.66
C ARG B 73 17.51 -0.82 24.28
N LYS B 74 16.58 -1.27 23.45
CA LYS B 74 16.90 -1.98 22.20
C LYS B 74 17.83 -3.19 22.43
N LEU B 75 17.51 -3.98 23.45
CA LEU B 75 18.22 -5.22 23.74
C LEU B 75 17.87 -6.31 22.72
N SER B 76 18.88 -7.02 22.23
CA SER B 76 18.68 -8.16 21.33
C SER B 76 19.40 -9.38 21.89
N GLY B 77 19.05 -10.56 21.40
CA GLY B 77 19.65 -11.78 21.92
C GLY B 77 18.77 -12.64 22.81
N LYS B 78 19.43 -13.54 23.53
CA LYS B 78 18.77 -14.50 24.41
C LYS B 78 18.80 -13.98 25.84
N LEU B 79 17.86 -14.42 26.68
CA LEU B 79 17.94 -14.11 28.10
C LEU B 79 18.68 -15.25 28.78
N SER B 80 19.91 -14.95 29.21
CA SER B 80 20.79 -15.99 29.71
C SER B 80 20.29 -16.58 31.01
N GLU B 81 20.47 -17.89 31.16
CA GLU B 81 20.12 -18.57 32.41
C GLU B 81 20.97 -18.01 33.56
N SER B 82 22.04 -17.31 33.19
CA SER B 82 22.93 -16.69 34.15
C SER B 82 22.24 -15.61 35.00
N VAL B 83 21.15 -15.02 34.48
CA VAL B 83 20.43 -14.03 35.28
C VAL B 83 19.88 -14.69 36.56
N ALA B 84 19.60 -15.99 36.49
CA ALA B 84 19.09 -16.74 37.62
C ALA B 84 20.12 -16.87 38.74
N LYS B 85 21.35 -16.45 38.46
CA LYS B 85 22.38 -16.51 39.48
C LYS B 85 22.45 -15.25 40.34
N LEU B 86 21.63 -14.25 40.05
CA LEU B 86 21.58 -13.13 40.99
C LEU B 86 20.51 -13.57 41.96
N ASP B 87 20.93 -14.08 43.11
CA ASP B 87 20.01 -14.74 44.00
C ASP B 87 19.21 -13.71 44.83
N GLN B 88 19.71 -12.49 44.91
CA GLN B 88 19.01 -11.41 45.59
C GLN B 88 18.15 -10.51 44.69
N LEU B 89 18.04 -10.84 43.40
CA LEU B 89 17.27 -10.00 42.49
C LEU B 89 15.79 -9.93 42.89
N LYS B 90 15.29 -8.73 43.14
CA LYS B 90 13.87 -8.48 43.39
C LYS B 90 13.04 -8.06 42.16
N VAL B 91 13.68 -7.35 41.25
CA VAL B 91 13.01 -6.80 40.07
C VAL B 91 13.83 -7.11 38.82
N LEU B 92 13.22 -7.83 37.89
CA LEU B 92 13.76 -7.98 36.54
C LEU B 92 12.80 -7.32 35.58
N ASN B 93 13.20 -6.18 35.04
CA ASN B 93 12.35 -5.49 34.11
C ASN B 93 13.09 -5.31 32.80
N LEU B 94 12.74 -6.14 31.82
CA LEU B 94 13.28 -6.13 30.46
C LEU B 94 12.34 -5.59 29.41
N THR B 95 11.26 -4.95 29.85
CA THR B 95 10.15 -4.60 28.98
C THR B 95 10.54 -3.85 27.69
N HIS B 96 9.81 -4.14 26.61
CA HIS B 96 9.97 -3.41 25.35
C HIS B 96 11.40 -3.50 24.85
N ASN B 97 11.83 -4.71 24.54
CA ASN B 97 13.10 -4.90 23.87
C ASN B 97 12.89 -5.93 22.75
N SER B 98 13.97 -6.36 22.14
CA SER B 98 13.93 -7.38 21.09
C SER B 98 14.34 -8.80 21.49
N LEU B 99 14.48 -9.08 22.77
CA LEU B 99 14.97 -10.38 23.23
C LEU B 99 14.12 -11.54 22.71
N SER B 100 14.76 -12.68 22.48
CA SER B 100 14.04 -13.84 21.96
C SER B 100 14.51 -15.13 22.62
N GLY B 101 14.04 -16.24 22.08
CA GLY B 101 14.39 -17.54 22.63
C GLY B 101 13.36 -17.95 23.66
N SER B 102 13.69 -19.00 24.41
CA SER B 102 12.78 -19.48 25.42
C SER B 102 13.16 -18.91 26.77
N ILE B 103 12.36 -19.22 27.78
CA ILE B 103 12.61 -18.75 29.13
C ILE B 103 13.20 -19.89 29.93
N ALA B 104 14.37 -19.69 30.50
CA ALA B 104 14.99 -20.73 31.32
C ALA B 104 14.11 -20.98 32.53
N ALA B 105 13.89 -22.25 32.83
CA ALA B 105 13.11 -22.65 33.99
C ALA B 105 13.71 -22.15 35.31
N SER B 106 14.99 -21.83 35.30
CA SER B 106 15.68 -21.36 36.50
C SER B 106 15.19 -19.98 36.92
N LEU B 107 14.78 -19.20 35.94
CA LEU B 107 14.33 -17.85 36.19
C LEU B 107 13.00 -17.87 36.93
N LEU B 108 12.21 -18.92 36.70
CA LEU B 108 10.93 -19.05 37.39
C LEU B 108 11.15 -19.77 38.72
N ASN B 109 12.42 -19.98 39.08
CA ASN B 109 12.83 -20.47 40.40
C ASN B 109 13.43 -19.47 41.42
N LEU B 110 13.47 -18.18 41.09
CA LEU B 110 14.14 -17.20 41.95
C LEU B 110 13.35 -16.83 43.21
N SER B 111 13.94 -17.09 44.38
CA SER B 111 13.22 -16.92 45.65
C SER B 111 12.88 -15.50 46.07
N ASN B 112 13.67 -14.53 45.65
CA ASN B 112 13.43 -13.15 46.07
C ASN B 112 12.74 -12.23 45.04
N LEU B 113 12.48 -12.76 43.86
CA LEU B 113 12.01 -11.95 42.75
C LEU B 113 10.60 -11.47 43.04
N GLU B 114 10.42 -10.16 43.08
CA GLU B 114 9.10 -9.53 43.19
C GLU B 114 8.42 -9.25 41.85
N VAL B 115 9.21 -8.80 40.88
CA VAL B 115 8.69 -8.37 39.60
C VAL B 115 9.43 -9.01 38.45
N LEU B 116 8.69 -9.74 37.63
CA LEU B 116 9.25 -10.22 36.39
C LEU B 116 8.47 -9.57 35.27
N ASP B 117 9.10 -8.61 34.61
CA ASP B 117 8.47 -7.95 33.48
C ASP B 117 9.29 -8.23 32.22
N LEU B 118 8.80 -9.16 31.42
CA LEU B 118 9.35 -9.52 30.12
C LEU B 118 8.52 -8.95 28.95
N SER B 119 7.56 -8.10 29.29
CA SER B 119 6.55 -7.65 28.33
C SER B 119 7.13 -6.96 27.08
N SER B 120 6.43 -7.10 25.96
CA SER B 120 6.87 -6.56 24.66
C SER B 120 8.29 -6.96 24.29
N ASN B 121 8.47 -8.26 24.10
CA ASN B 121 9.69 -8.83 23.56
C ASN B 121 9.31 -9.87 22.52
N ASP B 122 10.31 -10.60 22.04
CA ASP B 122 10.07 -11.71 21.12
C ASP B 122 10.12 -13.12 21.72
N PHE B 123 10.06 -13.26 23.05
CA PHE B 123 10.17 -14.58 23.66
C PHE B 123 9.14 -15.55 23.09
N SER B 124 9.53 -16.81 22.94
CA SER B 124 8.65 -17.79 22.27
C SER B 124 8.74 -19.16 22.92
N GLY B 125 8.00 -20.12 22.37
CA GLY B 125 8.04 -21.47 22.88
C GLY B 125 6.91 -21.72 23.88
N LEU B 126 6.93 -22.89 24.51
CA LEU B 126 5.99 -23.18 25.58
C LEU B 126 6.41 -22.36 26.80
N PHE B 127 5.45 -21.99 27.64
CA PHE B 127 5.78 -21.32 28.89
C PHE B 127 6.16 -22.36 29.95
N PRO B 128 7.25 -22.10 30.68
CA PRO B 128 7.72 -23.04 31.71
C PRO B 128 6.61 -23.44 32.66
N SER B 129 6.46 -24.74 32.88
CA SER B 129 5.31 -25.24 33.59
C SER B 129 5.49 -25.26 35.10
N LEU B 130 6.74 -25.16 35.54
CA LEU B 130 7.05 -25.14 36.97
C LEU B 130 7.49 -23.76 37.42
N ILE B 131 6.71 -23.16 38.31
CA ILE B 131 7.00 -21.80 38.73
C ILE B 131 7.06 -21.73 40.25
N ASN B 132 8.27 -21.52 40.76
CA ASN B 132 8.44 -21.33 42.20
C ASN B 132 8.95 -19.93 42.44
N LEU B 133 8.03 -19.03 42.78
CA LEU B 133 8.37 -17.62 42.96
C LEU B 133 7.56 -17.10 44.13
N PRO B 134 7.91 -17.54 45.34
CA PRO B 134 7.15 -17.21 46.55
C PRO B 134 7.12 -15.72 46.85
N SER B 135 8.02 -14.94 46.28
CA SER B 135 7.97 -13.51 46.51
C SER B 135 7.35 -12.65 45.35
N LEU B 136 6.88 -13.28 44.28
CA LEU B 136 6.41 -12.56 43.09
C LEU B 136 5.05 -11.87 43.26
N ARG B 137 5.02 -10.54 43.06
CA ARG B 137 3.81 -9.75 42.90
C ARG B 137 3.30 -9.60 41.48
N VAL B 138 4.25 -9.47 40.56
CA VAL B 138 3.96 -9.11 39.17
C VAL B 138 4.58 -10.13 38.19
N LEU B 139 3.74 -10.84 37.46
CA LEU B 139 4.21 -11.63 36.34
C LEU B 139 3.68 -10.99 35.07
N ASN B 140 4.56 -10.30 34.35
CA ASN B 140 4.13 -9.61 33.14
C ASN B 140 4.93 -10.14 31.96
N VAL B 141 4.29 -11.02 31.20
CA VAL B 141 4.83 -11.57 29.97
C VAL B 141 4.12 -11.05 28.71
N TYR B 142 3.28 -10.04 28.91
CA TYR B 142 2.43 -9.46 27.88
C TYR B 142 3.20 -9.19 26.58
N GLU B 143 2.54 -9.46 25.46
CA GLU B 143 3.14 -9.18 24.15
C GLU B 143 4.45 -9.91 23.87
N ASN B 144 4.33 -11.22 23.77
CA ASN B 144 5.40 -12.06 23.31
C ASN B 144 4.77 -13.13 22.41
N SER B 145 5.57 -14.10 22.01
CA SER B 145 5.12 -15.22 21.16
C SER B 145 4.85 -16.57 21.85
N PHE B 146 4.75 -16.60 23.17
CA PHE B 146 4.49 -17.86 23.88
C PHE B 146 3.30 -18.62 23.31
N HIS B 147 3.41 -19.94 23.22
CA HIS B 147 2.28 -20.76 22.78
C HIS B 147 2.02 -21.90 23.74
N GLY B 148 0.97 -22.68 23.48
CA GLY B 148 0.68 -23.81 24.35
C GLY B 148 -0.26 -23.42 25.47
N LEU B 149 -0.35 -24.30 26.46
CA LEU B 149 -1.21 -24.08 27.60
C LEU B 149 -0.64 -23.02 28.56
N ILE B 150 -1.53 -22.32 29.25
CA ILE B 150 -1.18 -21.57 30.44
C ILE B 150 -0.87 -22.63 31.49
N PRO B 151 0.26 -22.50 32.22
CA PRO B 151 0.69 -23.56 33.14
C PRO B 151 -0.41 -24.00 34.11
N ALA B 152 -0.66 -25.30 34.19
CA ALA B 152 -1.76 -25.83 35.00
C ALA B 152 -1.53 -25.62 36.49
N SER B 153 -0.26 -25.57 36.87
CA SER B 153 0.13 -25.40 38.26
C SER B 153 0.47 -23.95 38.57
N LEU B 154 0.16 -23.05 37.64
CA LEU B 154 0.67 -21.68 37.65
C LEU B 154 0.64 -21.02 39.04
N CYS B 155 -0.44 -21.20 39.77
CA CYS B 155 -0.58 -20.56 41.08
C CYS B 155 -0.28 -21.39 42.33
N ASN B 156 0.24 -22.60 42.14
CA ASN B 156 0.63 -23.43 43.27
C ASN B 156 1.73 -22.82 44.14
N ASN B 157 2.77 -22.31 43.49
CA ASN B 157 3.85 -21.58 44.17
C ASN B 157 3.91 -20.06 43.93
N LEU B 158 2.76 -19.41 43.73
CA LEU B 158 2.72 -17.95 43.67
C LEU B 158 1.85 -17.27 44.76
N PRO B 159 2.25 -17.40 46.04
CA PRO B 159 1.43 -16.96 47.19
C PRO B 159 1.24 -15.45 47.31
N ARG B 160 2.17 -14.66 46.80
CA ARG B 160 2.03 -13.21 46.94
C ARG B 160 1.48 -12.54 45.69
N ILE B 161 1.14 -13.33 44.67
CA ILE B 161 0.79 -12.77 43.35
C ILE B 161 -0.39 -11.75 43.34
N ARG B 162 -0.16 -10.61 42.69
CA ARG B 162 -1.16 -9.56 42.51
C ARG B 162 -1.59 -9.46 41.07
N GLU B 163 -0.61 -9.38 40.19
CA GLU B 163 -0.88 -9.23 38.77
C GLU B 163 -0.28 -10.33 37.90
N ILE B 164 -1.15 -10.92 37.11
CA ILE B 164 -0.75 -11.86 36.09
C ILE B 164 -1.18 -11.31 34.72
N ASP B 165 -0.21 -10.97 33.88
CA ASP B 165 -0.56 -10.47 32.55
C ASP B 165 0.08 -11.36 31.46
N LEU B 166 -0.74 -12.23 30.88
CA LEU B 166 -0.34 -13.15 29.81
C LEU B 166 -0.84 -12.70 28.44
N ALA B 167 -1.46 -11.52 28.39
CA ALA B 167 -2.15 -11.05 27.20
C ALA B 167 -1.23 -10.83 25.99
N MET B 168 -1.81 -10.92 24.80
CA MET B 168 -1.07 -10.75 23.55
C MET B 168 0.05 -11.78 23.37
N ASN B 169 -0.35 -13.04 23.51
CA ASN B 169 0.49 -14.18 23.20
C ASN B 169 -0.33 -15.18 22.38
N TYR B 170 0.22 -16.38 22.23
CA TYR B 170 -0.45 -17.50 21.57
C TYR B 170 -1.02 -18.62 22.46
N PHE B 171 -1.19 -18.36 23.75
CA PHE B 171 -1.69 -19.42 24.64
C PHE B 171 -2.98 -20.02 24.14
N ASP B 172 -3.13 -21.33 24.33
CA ASP B 172 -4.33 -22.01 23.90
C ASP B 172 -4.91 -22.94 24.94
N GLY B 173 -5.95 -23.66 24.56
CA GLY B 173 -6.65 -24.58 25.45
C GLY B 173 -7.64 -23.80 26.29
N SER B 174 -8.22 -24.41 27.32
CA SER B 174 -9.08 -23.62 28.15
C SER B 174 -8.28 -23.06 29.33
N ILE B 175 -8.92 -22.16 30.08
CA ILE B 175 -8.30 -21.54 31.24
C ILE B 175 -8.18 -22.63 32.27
N PRO B 176 -6.97 -22.87 32.78
CA PRO B 176 -6.72 -23.99 33.70
C PRO B 176 -7.57 -23.92 34.95
N VAL B 177 -8.09 -25.07 35.37
CA VAL B 177 -8.87 -25.12 36.61
C VAL B 177 -8.04 -24.61 37.79
N GLY B 178 -6.71 -24.79 37.72
CA GLY B 178 -5.82 -24.30 38.75
C GLY B 178 -5.80 -22.79 38.94
N ILE B 179 -6.38 -22.04 38.00
CA ILE B 179 -6.43 -20.56 38.09
C ILE B 179 -7.13 -20.10 39.37
N GLY B 180 -8.10 -20.88 39.83
CA GLY B 180 -8.79 -20.57 41.08
C GLY B 180 -7.90 -20.57 42.30
N ASN B 181 -6.69 -21.11 42.16
CA ASN B 181 -5.76 -21.14 43.27
C ASN B 181 -4.83 -19.91 43.43
N CYS B 182 -5.01 -18.88 42.61
CA CYS B 182 -4.17 -17.72 42.82
C CYS B 182 -5.02 -16.79 43.67
N SER B 183 -4.91 -16.95 44.97
CA SER B 183 -5.95 -16.46 45.86
C SER B 183 -5.82 -14.96 45.99
N SER B 184 -4.57 -14.50 46.01
CA SER B 184 -4.31 -13.09 46.25
C SER B 184 -4.38 -12.26 44.95
N VAL B 185 -4.68 -12.88 43.81
CA VAL B 185 -4.60 -12.16 42.53
C VAL B 185 -5.65 -11.07 42.39
N GLU B 186 -5.19 -9.94 41.86
CA GLU B 186 -5.98 -8.73 41.69
C GLU B 186 -6.22 -8.41 40.22
N TYR B 187 -5.13 -8.44 39.44
CA TYR B 187 -5.17 -8.28 37.99
C TYR B 187 -4.91 -9.61 37.25
N LEU B 188 -5.88 -10.08 36.48
CA LEU B 188 -5.62 -11.23 35.60
C LEU B 188 -5.90 -10.84 34.15
N GLY B 189 -4.86 -10.59 33.35
CA GLY B 189 -5.08 -10.48 31.92
C GLY B 189 -4.68 -11.71 31.16
N LEU B 190 -5.64 -12.29 30.45
CA LEU B 190 -5.46 -13.36 29.45
C LEU B 190 -5.77 -12.90 28.01
N ALA B 191 -6.04 -11.61 27.84
CA ALA B 191 -6.59 -11.09 26.58
C ALA B 191 -5.71 -11.37 25.36
N SER B 192 -6.32 -11.44 24.17
CA SER B 192 -5.56 -11.62 22.93
C SER B 192 -4.71 -12.87 22.93
N ASN B 193 -5.37 -13.99 23.17
CA ASN B 193 -4.72 -15.29 23.05
C ASN B 193 -5.56 -16.19 22.18
N ASN B 194 -5.23 -17.47 22.19
CA ASN B 194 -6.00 -18.49 21.51
C ASN B 194 -6.96 -19.31 22.41
N LEU B 195 -7.26 -18.77 23.60
CA LEU B 195 -8.00 -19.51 24.62
C LEU B 195 -9.39 -19.95 24.18
N SER B 196 -9.86 -21.05 24.77
CA SER B 196 -11.10 -21.65 24.33
C SER B 196 -11.87 -22.32 25.46
N GLY B 197 -13.01 -22.89 25.14
CA GLY B 197 -13.82 -23.57 26.12
C GLY B 197 -14.49 -22.56 27.03
N SER B 198 -15.22 -23.07 28.02
CA SER B 198 -15.93 -22.18 28.89
C SER B 198 -15.03 -21.78 30.06
N ILE B 199 -15.49 -20.81 30.84
CA ILE B 199 -14.76 -20.32 31.99
C ILE B 199 -14.90 -21.32 33.12
N PRO B 200 -13.78 -21.82 33.65
CA PRO B 200 -13.85 -22.77 34.77
C PRO B 200 -14.46 -22.07 36.01
N GLN B 201 -15.33 -22.78 36.72
CA GLN B 201 -16.02 -22.22 37.89
C GLN B 201 -15.03 -21.74 38.94
N GLU B 202 -13.82 -22.30 38.90
CA GLU B 202 -12.79 -21.95 39.85
C GLU B 202 -12.33 -20.52 39.73
N LEU B 203 -12.48 -19.95 38.54
CA LEU B 203 -12.06 -18.57 38.32
C LEU B 203 -12.87 -17.65 39.22
N PHE B 204 -14.08 -18.08 39.54
CA PHE B 204 -14.99 -17.24 40.31
C PHE B 204 -14.70 -17.28 41.81
N GLN B 205 -13.68 -18.05 42.18
CA GLN B 205 -13.22 -18.04 43.58
C GLN B 205 -12.16 -16.99 43.86
N LEU B 206 -11.77 -16.21 42.86
CA LEU B 206 -10.68 -15.28 43.12
C LEU B 206 -11.31 -14.01 43.65
N SER B 207 -11.29 -13.89 44.96
CA SER B 207 -12.12 -12.92 45.65
C SER B 207 -11.53 -11.51 45.64
N ASN B 208 -10.22 -11.39 45.45
CA ASN B 208 -9.55 -10.09 45.36
C ASN B 208 -9.45 -9.54 43.93
N LEU B 209 -10.02 -10.24 42.97
CA LEU B 209 -9.86 -9.84 41.56
C LEU B 209 -10.56 -8.50 41.38
N SER B 210 -9.80 -7.47 40.99
CA SER B 210 -10.42 -6.20 40.61
C SER B 210 -10.48 -5.90 39.11
N VAL B 211 -9.65 -6.59 38.34
CA VAL B 211 -9.59 -6.44 36.89
C VAL B 211 -9.49 -7.81 36.23
N LEU B 212 -10.44 -8.12 35.35
CA LEU B 212 -10.41 -9.37 34.63
C LEU B 212 -10.53 -9.05 33.14
N ALA B 213 -9.44 -9.26 32.42
CA ALA B 213 -9.45 -8.95 31.00
C ALA B 213 -9.29 -10.24 30.19
N LEU B 214 -10.40 -10.72 29.64
CA LEU B 214 -10.45 -11.91 28.78
C LEU B 214 -10.64 -11.66 27.28
N GLN B 215 -10.71 -10.40 26.86
CA GLN B 215 -11.13 -10.07 25.49
C GLN B 215 -10.25 -10.69 24.38
N ASN B 216 -10.85 -10.89 23.21
CA ASN B 216 -10.12 -11.41 22.06
C ASN B 216 -9.57 -12.83 22.24
N ASN B 217 -10.46 -13.73 22.63
CA ASN B 217 -10.18 -15.16 22.66
C ASN B 217 -11.34 -15.89 21.99
N ARG B 218 -11.34 -17.20 22.09
CA ARG B 218 -12.42 -18.08 21.63
C ARG B 218 -13.33 -18.62 22.75
N LEU B 219 -13.31 -17.99 23.92
CA LEU B 219 -14.09 -18.49 25.06
C LEU B 219 -15.56 -18.64 24.75
N SER B 220 -16.21 -19.65 25.32
CA SER B 220 -17.58 -19.96 24.92
C SER B 220 -18.44 -20.40 26.06
N GLY B 221 -19.69 -20.71 25.75
CA GLY B 221 -20.64 -21.07 26.77
C GLY B 221 -21.25 -19.87 27.49
N ALA B 222 -21.90 -20.13 28.60
CA ALA B 222 -22.61 -19.11 29.34
C ALA B 222 -21.68 -18.23 30.17
N LEU B 223 -22.13 -17.02 30.46
CA LEU B 223 -21.50 -16.19 31.47
C LEU B 223 -22.28 -16.53 32.73
N SER B 224 -21.63 -17.24 33.63
CA SER B 224 -22.30 -17.81 34.79
C SER B 224 -22.65 -16.76 35.83
N SER B 225 -23.74 -16.98 36.55
CA SER B 225 -24.13 -16.10 37.64
C SER B 225 -23.09 -16.15 38.78
N LYS B 226 -22.16 -17.10 38.70
CA LYS B 226 -21.03 -17.12 39.63
C LYS B 226 -20.14 -15.90 39.48
N LEU B 227 -20.28 -15.20 38.37
CA LEU B 227 -19.59 -13.93 38.18
C LEU B 227 -19.88 -13.03 39.38
N GLY B 228 -21.10 -13.17 39.92
CA GLY B 228 -21.53 -12.40 41.07
C GLY B 228 -20.64 -12.55 42.28
N LYS B 229 -19.88 -13.65 42.33
CA LYS B 229 -18.96 -13.92 43.42
C LYS B 229 -17.73 -13.02 43.40
N LEU B 230 -17.40 -12.41 42.26
CA LEU B 230 -16.20 -11.60 42.31
C LEU B 230 -16.65 -10.22 42.72
N SER B 231 -16.64 -9.99 44.01
CA SER B 231 -17.36 -8.86 44.55
C SER B 231 -16.48 -7.64 44.44
N ASN B 232 -15.18 -7.87 44.27
CA ASN B 232 -14.23 -6.79 44.13
C ASN B 232 -13.97 -6.27 42.71
N LEU B 233 -14.59 -6.86 41.69
CA LEU B 233 -14.28 -6.46 40.31
C LEU B 233 -14.53 -4.99 40.04
N GLY B 234 -13.49 -4.27 39.62
CA GLY B 234 -13.66 -2.94 39.05
C GLY B 234 -13.92 -2.92 37.55
N ARG B 235 -13.14 -3.72 36.83
CA ARG B 235 -13.07 -3.70 35.36
C ARG B 235 -13.18 -5.11 34.82
N LEU B 236 -14.14 -5.36 33.96
CA LEU B 236 -14.30 -6.64 33.32
C LEU B 236 -14.38 -6.49 31.81
N ASP B 237 -13.45 -7.09 31.08
CA ASP B 237 -13.54 -7.08 29.63
C ASP B 237 -13.61 -8.50 29.05
N ILE B 238 -14.78 -8.88 28.53
CA ILE B 238 -15.00 -10.13 27.80
C ILE B 238 -15.20 -10.01 26.29
N SER B 239 -14.96 -8.83 25.76
CA SER B 239 -15.28 -8.50 24.36
C SER B 239 -14.63 -9.45 23.35
N SER B 240 -15.31 -9.65 22.23
CA SER B 240 -14.75 -10.41 21.13
C SER B 240 -14.40 -11.87 21.55
N ASN B 241 -15.44 -12.60 21.88
CA ASN B 241 -15.37 -13.99 22.27
C ASN B 241 -16.62 -14.67 21.70
N LYS B 242 -16.87 -15.88 22.15
CA LYS B 242 -18.01 -16.71 21.77
C LYS B 242 -19.12 -16.88 22.79
N PHE B 243 -19.15 -16.04 23.83
CA PHE B 243 -20.18 -16.16 24.86
C PHE B 243 -21.59 -16.05 24.30
N SER B 244 -22.52 -16.80 24.88
CA SER B 244 -23.90 -16.84 24.41
C SER B 244 -24.86 -16.89 25.58
N GLY B 245 -26.14 -16.70 25.30
CA GLY B 245 -27.15 -16.74 26.34
C GLY B 245 -27.38 -15.35 26.87
N LYS B 246 -27.86 -15.27 28.10
CA LYS B 246 -28.23 -14.00 28.71
C LYS B 246 -27.12 -13.49 29.63
N ILE B 247 -27.01 -12.17 29.72
CA ILE B 247 -26.11 -11.57 30.68
C ILE B 247 -26.77 -11.79 32.04
N PRO B 248 -26.07 -12.47 32.95
CA PRO B 248 -26.64 -12.86 34.25
C PRO B 248 -27.01 -11.62 35.07
N ASP B 249 -27.92 -11.79 36.02
CA ASP B 249 -28.59 -10.70 36.78
C ASP B 249 -27.82 -10.23 38.03
N VAL B 250 -26.52 -10.49 38.04
CA VAL B 250 -25.68 -10.35 39.22
C VAL B 250 -25.12 -8.97 39.58
N PHE B 251 -25.50 -7.93 38.87
CA PHE B 251 -24.87 -6.63 39.06
C PHE B 251 -25.15 -5.86 40.37
N LEU B 252 -26.11 -6.30 41.17
CA LEU B 252 -26.23 -5.70 42.51
C LEU B 252 -25.04 -6.15 43.35
N GLU B 253 -24.60 -7.38 43.18
CA GLU B 253 -23.45 -7.80 43.96
C GLU B 253 -22.12 -7.25 43.47
N LEU B 254 -22.02 -6.89 42.19
CA LEU B 254 -20.73 -6.35 41.80
C LEU B 254 -20.91 -4.86 41.97
N ASN B 255 -20.57 -4.37 43.16
CA ASN B 255 -20.90 -2.99 43.46
C ASN B 255 -19.73 -2.06 43.32
N LYS B 256 -18.60 -2.63 42.94
CA LYS B 256 -17.43 -1.84 42.57
C LYS B 256 -17.18 -1.79 41.05
N LEU B 257 -18.05 -2.42 40.26
CA LEU B 257 -17.75 -2.56 38.85
C LEU B 257 -18.04 -1.25 38.14
N TRP B 258 -16.98 -0.60 37.68
CA TRP B 258 -17.11 0.64 36.91
C TRP B 258 -16.91 0.49 35.41
N TYR B 259 -16.36 -0.65 34.97
CA TYR B 259 -16.06 -0.86 33.56
C TYR B 259 -16.54 -2.24 33.14
N PHE B 260 -17.51 -2.26 32.24
CA PHE B 260 -18.00 -3.53 31.73
C PHE B 260 -18.10 -3.49 30.21
N SER B 261 -17.29 -4.33 29.56
CA SER B 261 -17.26 -4.40 28.11
C SER B 261 -17.41 -5.86 27.69
N ALA B 262 -18.58 -6.15 27.12
CA ALA B 262 -18.99 -7.42 26.51
C ALA B 262 -19.14 -7.47 24.98
N GLN B 263 -18.52 -6.56 24.24
CA GLN B 263 -18.79 -6.39 22.80
C GLN B 263 -18.53 -7.66 21.96
N SER B 264 -19.24 -7.78 20.84
CA SER B 264 -18.88 -8.81 19.85
C SER B 264 -18.89 -10.24 20.39
N ASN B 265 -19.99 -10.59 21.03
CA ASN B 265 -20.26 -11.94 21.52
C ASN B 265 -21.59 -12.38 20.91
N LEU B 266 -22.14 -13.48 21.40
CA LEU B 266 -23.51 -13.91 21.07
C LEU B 266 -24.63 -13.68 22.08
N PHE B 267 -24.42 -12.78 23.05
CA PHE B 267 -25.44 -12.53 24.08
C PHE B 267 -26.80 -12.16 23.49
N ASN B 268 -27.86 -12.64 24.13
CA ASN B 268 -29.23 -12.30 23.71
C ASN B 268 -30.10 -12.05 24.91
N GLY B 269 -31.39 -11.95 24.67
CA GLY B 269 -32.30 -11.63 25.76
C GLY B 269 -32.15 -10.16 26.08
N GLU B 270 -32.84 -9.74 27.14
CA GLU B 270 -32.82 -8.37 27.60
C GLU B 270 -31.59 -8.08 28.48
N MET B 271 -31.19 -6.82 28.58
CA MET B 271 -30.21 -6.44 29.60
C MET B 271 -30.84 -6.71 30.96
N PRO B 272 -30.08 -7.33 31.86
CA PRO B 272 -30.58 -7.64 33.21
C PRO B 272 -30.94 -6.35 33.94
N ARG B 273 -32.01 -6.40 34.73
CA ARG B 273 -32.52 -5.26 35.48
C ARG B 273 -31.45 -4.68 36.41
N SER B 274 -30.64 -5.56 37.01
CA SER B 274 -29.64 -5.10 37.96
C SER B 274 -28.58 -4.23 37.28
N LEU B 275 -28.28 -4.54 36.03
CA LEU B 275 -27.35 -3.71 35.27
C LEU B 275 -27.94 -2.32 35.03
N SER B 276 -29.24 -2.29 34.77
CA SER B 276 -29.95 -1.03 34.62
C SER B 276 -29.99 -0.24 35.92
N ASN B 277 -29.82 -0.93 37.04
CA ASN B 277 -29.76 -0.28 38.35
C ASN B 277 -28.38 -0.10 38.99
N SER B 278 -27.31 -0.44 38.29
CA SER B 278 -25.99 -0.40 38.90
C SER B 278 -25.50 1.02 39.22
N ARG B 279 -25.16 1.22 40.49
CA ARG B 279 -24.63 2.48 40.99
C ARG B 279 -23.20 2.71 40.57
N SER B 280 -22.44 1.63 40.35
CA SER B 280 -21.02 1.79 40.11
C SER B 280 -20.61 1.93 38.65
N ILE B 281 -21.44 1.45 37.74
CA ILE B 281 -20.99 1.31 36.35
C ILE B 281 -20.80 2.69 35.67
N SER B 282 -19.63 2.87 35.09
CA SER B 282 -19.21 4.11 34.44
C SER B 282 -19.18 3.94 32.92
N LEU B 283 -18.38 2.97 32.47
CA LEU B 283 -18.33 2.60 31.06
C LEU B 283 -19.04 1.27 30.84
N LEU B 284 -20.07 1.29 30.01
CA LEU B 284 -20.81 0.08 29.65
C LEU B 284 -20.79 -0.04 28.14
N SER B 285 -20.20 -1.12 27.64
CA SER B 285 -20.22 -1.38 26.22
C SER B 285 -20.69 -2.79 25.97
N LEU B 286 -21.91 -2.91 25.48
CA LEU B 286 -22.53 -4.16 25.06
C LEU B 286 -22.61 -4.33 23.54
N ARG B 287 -21.95 -3.45 22.78
CA ARG B 287 -22.22 -3.36 21.34
C ARG B 287 -21.98 -4.66 20.54
N ASN B 288 -22.69 -4.82 19.43
CA ASN B 288 -22.52 -5.98 18.54
C ASN B 288 -22.80 -7.34 19.19
N ASN B 289 -24.00 -7.46 19.74
CA ASN B 289 -24.49 -8.70 20.32
C ASN B 289 -25.85 -8.89 19.72
N THR B 290 -26.63 -9.80 20.28
CA THR B 290 -28.05 -9.94 19.99
C THR B 290 -29.09 -9.40 20.97
N LEU B 291 -28.69 -8.53 21.88
CA LEU B 291 -29.59 -8.00 22.90
C LEU B 291 -30.85 -7.40 22.28
N SER B 292 -31.97 -7.53 22.98
CA SER B 292 -33.22 -7.21 22.37
C SER B 292 -34.10 -6.53 23.41
N GLY B 293 -35.30 -6.15 22.98
CA GLY B 293 -36.24 -5.52 23.88
C GLY B 293 -36.12 -4.02 23.88
N GLN B 294 -36.95 -3.36 24.69
CA GLN B 294 -36.89 -1.93 24.90
C GLN B 294 -35.69 -1.62 25.78
N ILE B 295 -34.86 -0.69 25.34
CA ILE B 295 -33.72 -0.29 26.15
C ILE B 295 -34.22 0.39 27.43
N TYR B 296 -33.78 -0.10 28.57
CA TYR B 296 -34.16 0.46 29.86
C TYR B 296 -32.95 0.74 30.73
N LEU B 297 -32.85 1.98 31.20
CA LEU B 297 -31.80 2.41 32.10
C LEU B 297 -32.42 3.26 33.19
N ASN B 298 -32.14 2.94 34.46
CA ASN B 298 -32.70 3.70 35.55
C ASN B 298 -31.71 4.82 35.89
N CYS B 299 -32.05 6.04 35.47
CA CYS B 299 -31.12 7.15 35.56
C CYS B 299 -31.11 7.75 36.98
N SER B 300 -32.11 7.40 37.78
CA SER B 300 -32.07 7.74 39.20
C SER B 300 -31.03 6.85 39.88
N ALA B 301 -30.93 5.62 39.38
CA ALA B 301 -29.98 4.63 39.90
C ALA B 301 -28.54 4.70 39.35
N MET B 302 -28.35 4.93 38.04
CA MET B 302 -26.99 4.77 37.54
C MET B 302 -26.32 6.10 37.50
N THR B 303 -25.73 6.46 38.61
CA THR B 303 -25.30 7.82 38.80
C THR B 303 -23.84 7.95 38.47
N ASN B 304 -23.21 6.82 38.18
CA ASN B 304 -21.84 6.83 37.75
C ASN B 304 -21.74 6.77 36.23
N LEU B 305 -22.88 6.64 35.56
CA LEU B 305 -22.84 6.27 34.16
C LEU B 305 -22.28 7.38 33.28
N THR B 306 -21.17 7.08 32.60
CA THR B 306 -20.44 8.04 31.80
C THR B 306 -20.49 7.71 30.28
N SER B 307 -20.22 6.47 29.93
CA SER B 307 -20.09 6.09 28.53
C SER B 307 -20.97 4.87 28.25
N LEU B 308 -21.84 4.99 27.27
CA LEU B 308 -22.80 3.92 26.96
C LEU B 308 -22.73 3.49 25.50
N ASP B 309 -22.44 2.22 25.26
CA ASP B 309 -22.35 1.79 23.88
C ASP B 309 -23.20 0.55 23.76
N LEU B 310 -24.40 0.74 23.21
CA LEU B 310 -25.33 -0.34 22.93
C LEU B 310 -25.46 -0.69 21.46
N ALA B 311 -24.55 -0.15 20.65
CA ALA B 311 -24.71 -0.18 19.20
C ALA B 311 -24.80 -1.60 18.64
N SER B 312 -25.39 -1.71 17.45
CA SER B 312 -25.39 -2.96 16.71
C SER B 312 -26.05 -4.08 17.49
N ASN B 313 -27.27 -3.86 17.96
CA ASN B 313 -28.02 -4.88 18.66
C ASN B 313 -29.44 -4.96 18.11
N SER B 314 -30.23 -5.88 18.65
CA SER B 314 -31.58 -6.15 18.18
C SER B 314 -32.65 -5.43 19.03
N PHE B 315 -32.23 -4.44 19.82
CA PHE B 315 -33.19 -3.63 20.57
C PHE B 315 -34.29 -3.07 19.65
N SER B 316 -35.46 -2.87 20.23
CA SER B 316 -36.61 -2.32 19.51
C SER B 316 -37.31 -1.34 20.44
N GLY B 317 -38.45 -0.80 20.02
CA GLY B 317 -39.10 0.18 20.86
C GLY B 317 -38.58 1.55 20.54
N SER B 318 -38.51 2.40 21.55
CA SER B 318 -38.16 3.79 21.35
C SER B 318 -36.83 4.16 22.01
N ILE B 319 -36.30 5.31 21.62
CA ILE B 319 -35.13 5.88 22.25
C ILE B 319 -35.54 6.33 23.65
N PRO B 320 -34.85 5.83 24.69
CA PRO B 320 -35.32 6.13 26.05
C PRO B 320 -35.27 7.63 26.32
N SER B 321 -36.40 8.19 26.74
CA SER B 321 -36.46 9.63 26.93
C SER B 321 -35.98 10.08 28.32
N ASN B 322 -35.71 9.14 29.23
CA ASN B 322 -35.21 9.50 30.56
C ASN B 322 -33.69 9.71 30.59
N LEU B 323 -33.01 9.33 29.50
CA LEU B 323 -31.55 9.45 29.40
C LEU B 323 -30.94 10.81 29.81
N PRO B 324 -31.60 11.94 29.51
CA PRO B 324 -31.00 13.19 29.99
C PRO B 324 -30.94 13.28 31.51
N ASN B 325 -31.73 12.45 32.19
CA ASN B 325 -31.64 12.36 33.65
C ASN B 325 -30.36 11.67 34.15
N CYS B 326 -29.56 11.08 33.25
CA CYS B 326 -28.29 10.50 33.66
C CYS B 326 -27.27 11.60 33.52
N LEU B 327 -26.95 12.22 34.63
CA LEU B 327 -26.19 13.44 34.73
C LEU B 327 -24.70 13.43 34.41
N ARG B 328 -24.09 12.28 34.54
CA ARG B 328 -22.71 12.11 34.17
C ARG B 328 -22.58 11.51 32.74
N LEU B 329 -23.68 11.25 32.05
CA LEU B 329 -23.63 10.53 30.78
C LEU B 329 -23.14 11.38 29.60
N LYS B 330 -21.86 11.28 29.35
CA LYS B 330 -21.16 11.91 28.24
C LYS B 330 -21.25 11.42 26.79
N THR B 331 -21.24 10.12 26.63
CA THR B 331 -21.12 9.54 25.32
C THR B 331 -22.10 8.41 25.07
N ILE B 332 -22.80 8.45 24.00
CA ILE B 332 -23.77 7.46 23.68
C ILE B 332 -23.55 6.98 22.24
N ASN B 333 -23.34 5.68 22.04
CA ASN B 333 -23.30 5.14 20.70
C ASN B 333 -24.47 4.18 20.55
N PHE B 334 -25.51 4.70 19.90
CA PHE B 334 -26.74 3.97 19.60
C PHE B 334 -26.88 3.55 18.14
N ALA B 335 -25.77 3.58 17.41
CA ALA B 335 -25.74 3.14 16.02
C ALA B 335 -26.28 1.74 15.80
N LYS B 336 -26.81 1.52 14.60
CA LYS B 336 -27.29 0.21 14.14
C LYS B 336 -28.23 -0.44 15.14
N ILE B 337 -29.14 0.36 15.69
CA ILE B 337 -30.27 -0.13 16.48
C ILE B 337 -31.48 0.37 15.71
N LYS B 338 -32.39 -0.51 15.38
CA LYS B 338 -33.47 -0.15 14.52
C LYS B 338 -34.69 0.47 15.24
N PHE B 339 -34.52 1.72 15.65
CA PHE B 339 -35.48 2.48 16.39
C PHE B 339 -36.78 2.78 15.61
N ILE B 340 -36.66 3.15 14.36
CA ILE B 340 -37.77 3.60 13.55
C ILE B 340 -38.52 4.80 14.16
N ALA B 341 -37.79 5.85 14.53
CA ALA B 341 -38.26 6.87 15.44
C ALA B 341 -37.63 8.23 15.29
N GLN B 342 -38.12 9.14 16.09
CA GLN B 342 -37.55 10.46 16.18
C GLN B 342 -36.77 10.57 17.46
N ILE B 343 -35.83 11.45 17.52
CA ILE B 343 -35.17 11.80 18.76
C ILE B 343 -36.19 12.49 19.69
N PRO B 344 -36.27 12.03 20.95
CA PRO B 344 -37.18 12.54 21.99
C PRO B 344 -36.88 13.99 22.39
N GLU B 345 -37.91 14.81 22.63
CA GLU B 345 -37.69 16.23 22.90
C GLU B 345 -36.88 16.47 24.18
N SER B 346 -36.99 15.54 25.13
CA SER B 346 -36.24 15.61 26.39
C SER B 346 -34.73 15.78 26.21
N PHE B 347 -34.22 15.35 25.06
CA PHE B 347 -32.80 15.51 24.78
C PHE B 347 -32.34 16.97 24.81
N LYS B 348 -33.27 17.91 24.75
CA LYS B 348 -32.95 19.33 24.91
C LYS B 348 -32.26 19.59 26.24
N ASN B 349 -32.56 18.75 27.23
CA ASN B 349 -31.95 18.87 28.55
C ASN B 349 -30.68 18.06 28.77
N PHE B 350 -30.13 17.43 27.72
CA PHE B 350 -29.03 16.51 27.98
C PHE B 350 -27.79 17.39 27.93
N GLN B 351 -27.41 17.96 29.07
CA GLN B 351 -26.34 18.96 29.08
C GLN B 351 -24.97 18.29 29.33
N SER B 352 -25.01 17.04 29.76
CA SER B 352 -23.80 16.25 29.97
C SER B 352 -23.27 15.66 28.66
N LEU B 353 -24.13 15.53 27.65
CA LEU B 353 -23.82 14.79 26.44
C LEU B 353 -22.78 15.50 25.59
N THR B 354 -21.61 14.88 25.41
CA THR B 354 -20.62 15.42 24.48
C THR B 354 -20.43 14.66 23.15
N SER B 355 -20.90 13.42 23.08
CA SER B 355 -20.72 12.59 21.90
C SER B 355 -21.94 11.73 21.69
N LEU B 356 -22.48 11.76 20.49
CA LEU B 356 -23.71 11.05 20.20
C LEU B 356 -23.66 10.47 18.83
N SER B 357 -23.99 9.18 18.73
CA SER B 357 -24.16 8.59 17.43
C SER B 357 -25.47 7.83 17.33
N PHE B 358 -26.25 8.24 16.34
CA PHE B 358 -27.39 7.49 15.86
C PHE B 358 -27.20 6.74 14.53
N SER B 359 -25.94 6.61 14.11
CA SER B 359 -25.60 6.12 12.77
C SER B 359 -26.40 4.87 12.38
N ASN B 360 -27.08 4.93 11.25
CA ASN B 360 -27.78 3.77 10.66
C ASN B 360 -28.85 3.21 11.61
N SER B 361 -29.49 4.12 12.34
CA SER B 361 -30.54 3.75 13.30
C SER B 361 -32.00 3.98 12.86
N SER B 362 -32.21 4.30 11.58
CA SER B 362 -33.57 4.58 11.11
C SER B 362 -34.19 5.70 11.91
N ILE B 363 -33.46 6.81 12.03
CA ILE B 363 -34.01 7.98 12.68
C ILE B 363 -34.74 8.79 11.62
N GLN B 364 -35.87 9.35 12.01
CA GLN B 364 -36.67 10.17 11.11
C GLN B 364 -36.66 11.61 11.57
N ASN B 365 -36.96 12.52 10.64
CA ASN B 365 -37.16 13.95 10.92
C ASN B 365 -35.92 14.73 11.37
N ILE B 366 -35.02 14.96 10.42
CA ILE B 366 -33.82 15.72 10.71
C ILE B 366 -34.11 17.17 11.18
N SER B 367 -35.19 17.77 10.69
CA SER B 367 -35.59 19.11 11.10
C SER B 367 -35.80 19.12 12.61
N SER B 368 -36.60 18.21 13.10
CA SER B 368 -36.81 18.08 14.54
C SER B 368 -35.55 17.68 15.30
N ALA B 369 -34.85 16.65 14.80
CA ALA B 369 -33.63 16.16 15.43
C ALA B 369 -32.63 17.28 15.69
N LEU B 370 -32.31 18.07 14.68
CA LEU B 370 -31.40 19.19 14.87
C LEU B 370 -31.99 20.32 15.75
N GLU B 371 -33.30 20.57 15.66
CA GLU B 371 -33.92 21.60 16.50
C GLU B 371 -33.79 21.22 17.97
N ILE B 372 -33.84 19.92 18.26
CA ILE B 372 -33.67 19.42 19.61
C ILE B 372 -32.21 19.44 20.07
N LEU B 373 -31.33 18.86 19.26
CA LEU B 373 -29.97 18.59 19.67
C LEU B 373 -29.10 19.86 19.79
N GLN B 374 -29.53 20.93 19.13
CA GLN B 374 -28.80 22.19 19.19
C GLN B 374 -28.78 22.69 20.64
N HIS B 375 -29.70 22.18 21.46
CA HIS B 375 -29.81 22.63 22.84
C HIS B 375 -28.92 21.88 23.83
N CYS B 376 -28.18 20.87 23.37
CA CYS B 376 -27.22 20.19 24.25
C CYS B 376 -25.95 21.00 24.11
N GLN B 377 -25.65 21.81 25.12
CA GLN B 377 -24.70 22.89 24.96
C GLN B 377 -23.26 22.40 24.86
N ASN B 378 -23.02 21.21 25.41
CA ASN B 378 -21.70 20.60 25.42
C ASN B 378 -21.43 19.55 24.31
N LEU B 379 -22.34 19.41 23.37
CA LEU B 379 -22.21 18.37 22.36
C LEU B 379 -21.02 18.71 21.48
N LYS B 380 -20.00 17.85 21.49
CA LYS B 380 -18.84 18.02 20.62
C LYS B 380 -18.81 17.11 19.40
N THR B 381 -19.56 16.02 19.46
CA THR B 381 -19.51 15.08 18.37
C THR B 381 -20.86 14.56 18.05
N LEU B 382 -21.24 14.67 16.79
CA LEU B 382 -22.56 14.21 16.37
C LEU B 382 -22.51 13.41 15.09
N VAL B 383 -22.99 12.17 15.16
CA VAL B 383 -22.96 11.31 14.00
C VAL B 383 -24.38 10.87 13.66
N LEU B 384 -24.90 11.40 12.56
CA LEU B 384 -26.26 11.11 12.07
C LEU B 384 -26.35 10.24 10.81
N THR B 385 -25.21 9.72 10.40
CA THR B 385 -25.03 8.99 9.14
C THR B 385 -26.08 7.93 8.92
N LEU B 386 -26.52 7.80 7.66
CA LEU B 386 -27.42 6.71 7.25
C LEU B 386 -28.79 6.75 7.95
N ASN B 387 -29.37 7.96 8.05
CA ASN B 387 -30.73 8.17 8.55
C ASN B 387 -31.45 9.15 7.62
N PHE B 388 -32.67 9.53 7.99
CA PHE B 388 -33.40 10.61 7.34
C PHE B 388 -33.41 10.53 5.84
N GLN B 389 -33.58 9.33 5.28
CA GLN B 389 -33.31 9.12 3.84
C GLN B 389 -34.19 10.06 3.00
N LYS B 390 -33.55 10.78 2.08
CA LYS B 390 -34.21 11.74 1.19
C LYS B 390 -34.91 12.94 1.83
N GLU B 391 -34.59 13.25 3.08
CA GLU B 391 -35.13 14.46 3.65
C GLU B 391 -34.32 15.67 3.19
N GLU B 392 -34.76 16.83 3.61
CA GLU B 392 -34.07 18.08 3.32
C GLU B 392 -33.16 18.38 4.48
N LEU B 393 -31.94 18.82 4.18
CA LEU B 393 -31.04 19.28 5.23
C LEU B 393 -31.48 20.67 5.64
N PRO B 394 -31.89 20.84 6.91
CA PRO B 394 -32.53 22.10 7.30
C PRO B 394 -31.63 23.27 6.96
N SER B 395 -32.23 24.32 6.40
CA SER B 395 -31.54 25.59 6.17
C SER B 395 -31.85 26.64 7.23
N VAL B 396 -32.59 26.28 8.28
CA VAL B 396 -32.94 27.25 9.32
C VAL B 396 -31.70 27.92 9.85
N PRO B 397 -31.59 29.25 9.66
CA PRO B 397 -30.36 29.96 10.06
C PRO B 397 -30.15 30.03 11.56
N SER B 398 -31.18 29.73 12.35
CA SER B 398 -31.05 29.88 13.80
C SER B 398 -30.46 28.66 14.53
N LEU B 399 -30.20 27.57 13.81
CA LEU B 399 -29.63 26.36 14.41
C LEU B 399 -28.23 26.69 14.90
N GLN B 400 -27.98 26.41 16.18
CA GLN B 400 -26.69 26.73 16.76
C GLN B 400 -26.13 25.56 17.56
N PHE B 401 -25.03 24.96 17.07
CA PHE B 401 -24.29 23.98 17.86
C PHE B 401 -22.94 24.60 18.17
N LYS B 402 -22.86 25.18 19.36
CA LYS B 402 -21.81 26.16 19.63
C LYS B 402 -20.47 25.49 19.86
N ASN B 403 -20.51 24.35 20.55
CA ASN B 403 -19.30 23.61 20.87
C ASN B 403 -18.95 22.45 19.93
N LEU B 404 -19.73 22.28 18.86
CA LEU B 404 -19.57 21.16 17.93
C LEU B 404 -18.17 21.09 17.29
N LYS B 405 -17.47 20.00 17.47
CA LYS B 405 -16.23 19.80 16.73
C LYS B 405 -16.33 18.81 15.56
N VAL B 406 -17.23 17.86 15.69
CA VAL B 406 -17.34 16.81 14.69
C VAL B 406 -18.77 16.65 14.27
N LEU B 407 -19.02 16.84 12.98
CA LEU B 407 -20.37 16.69 12.47
C LEU B 407 -20.37 15.77 11.27
N ILE B 408 -21.05 14.66 11.40
CA ILE B 408 -21.09 13.67 10.36
C ILE B 408 -22.54 13.33 10.07
N ILE B 409 -23.02 13.78 8.92
CA ILE B 409 -24.33 13.34 8.48
C ILE B 409 -24.10 12.92 7.03
N ALA B 410 -23.81 11.65 6.84
CA ALA B 410 -23.46 11.21 5.51
C ALA B 410 -24.39 10.09 5.08
N SER B 411 -24.51 9.93 3.76
CA SER B 411 -25.25 8.82 3.17
C SER B 411 -26.66 8.82 3.67
N CYS B 412 -27.23 10.03 3.73
CA CYS B 412 -28.64 10.25 4.00
C CYS B 412 -29.47 10.63 2.76
N GLN B 413 -28.83 10.74 1.60
CA GLN B 413 -29.45 11.24 0.38
C GLN B 413 -30.14 12.60 0.67
N LEU B 414 -29.47 13.48 1.42
CA LEU B 414 -30.11 14.73 1.82
C LEU B 414 -30.13 15.75 0.69
N ARG B 415 -31.30 16.37 0.52
CA ARG B 415 -31.47 17.48 -0.43
C ARG B 415 -31.19 18.81 0.25
N GLY B 416 -30.68 19.78 -0.50
CA GLY B 416 -30.44 21.10 0.05
C GLY B 416 -29.11 21.68 -0.37
N THR B 417 -28.73 22.77 0.27
CA THR B 417 -27.46 23.41 0.02
C THR B 417 -26.69 23.38 1.34
N VAL B 418 -25.40 23.69 1.31
CA VAL B 418 -24.65 23.76 2.55
C VAL B 418 -25.15 24.97 3.33
N PRO B 419 -25.78 24.70 4.49
CA PRO B 419 -26.53 25.70 5.26
C PRO B 419 -25.67 26.66 6.10
N GLN B 420 -26.14 27.88 6.20
CA GLN B 420 -25.41 28.91 6.93
C GLN B 420 -25.27 28.62 8.42
N TRP B 421 -26.23 27.91 9.00
CA TRP B 421 -26.18 27.64 10.43
C TRP B 421 -24.93 26.90 10.91
N LEU B 422 -24.24 26.21 9.99
CA LEU B 422 -22.99 25.53 10.30
C LEU B 422 -21.95 26.50 10.80
N SER B 423 -22.04 27.75 10.35
CA SER B 423 -21.11 28.80 10.76
C SER B 423 -21.25 29.09 12.25
N ASN B 424 -22.34 28.61 12.83
CA ASN B 424 -22.58 28.79 14.26
C ASN B 424 -21.83 27.75 15.09
N SER B 425 -21.05 26.93 14.38
CA SER B 425 -20.11 25.99 14.99
C SER B 425 -18.69 26.39 14.57
N PRO B 426 -18.18 27.50 15.12
CA PRO B 426 -16.90 28.06 14.67
C PRO B 426 -15.70 27.17 15.03
N SER B 427 -15.88 26.22 15.94
CA SER B 427 -14.77 25.35 16.28
C SER B 427 -14.77 24.00 15.52
N LEU B 428 -15.66 23.85 14.53
CA LEU B 428 -15.78 22.58 13.80
C LEU B 428 -14.44 22.07 13.28
N GLN B 429 -14.11 20.84 13.64
CA GLN B 429 -12.90 20.20 13.12
C GLN B 429 -13.11 19.32 11.89
N LEU B 430 -14.18 18.55 11.96
CA LEU B 430 -14.47 17.53 10.97
C LEU B 430 -15.89 17.72 10.47
N LEU B 431 -16.05 17.87 9.17
CA LEU B 431 -17.38 17.96 8.61
C LEU B 431 -17.58 16.94 7.49
N ASP B 432 -18.48 16.00 7.67
CA ASP B 432 -18.74 14.99 6.65
C ASP B 432 -20.23 15.05 6.26
N LEU B 433 -20.46 15.64 5.09
CA LEU B 433 -21.77 15.73 4.42
C LEU B 433 -21.92 14.84 3.17
N SER B 434 -20.96 13.93 3.01
CA SER B 434 -20.82 13.10 1.79
C SER B 434 -21.97 12.14 1.54
N TRP B 435 -22.10 11.70 0.30
CA TRP B 435 -23.12 10.70 -0.05
C TRP B 435 -24.54 11.20 0.22
N ASN B 436 -24.76 12.47 -0.07
CA ASN B 436 -26.10 13.03 -0.04
C ASN B 436 -26.43 13.53 -1.43
N GLN B 437 -27.56 14.20 -1.56
CA GLN B 437 -27.93 14.90 -2.79
C GLN B 437 -27.72 16.40 -2.78
N LEU B 438 -26.95 16.91 -1.84
CA LEU B 438 -26.83 18.37 -1.66
C LEU B 438 -26.44 19.05 -2.97
N SER B 439 -26.99 20.23 -3.21
CA SER B 439 -26.81 20.91 -4.50
C SER B 439 -26.33 22.33 -4.29
N GLY B 440 -26.26 23.09 -5.38
CA GLY B 440 -25.83 24.46 -5.31
C GLY B 440 -24.33 24.56 -5.37
N THR B 441 -23.78 25.69 -4.93
CA THR B 441 -22.34 25.82 -4.93
C THR B 441 -21.82 25.59 -3.52
N ILE B 442 -20.50 25.51 -3.40
CA ILE B 442 -19.83 25.29 -2.13
C ILE B 442 -19.48 26.65 -1.55
N PRO B 443 -20.05 26.99 -0.40
CA PRO B 443 -19.95 28.36 0.16
C PRO B 443 -18.53 28.76 0.52
N PRO B 444 -18.08 29.92 0.03
CA PRO B 444 -16.76 30.43 0.38
C PRO B 444 -16.58 30.55 1.90
N TRP B 445 -17.65 30.71 2.67
CA TRP B 445 -17.48 30.90 4.11
C TRP B 445 -16.95 29.66 4.82
N LEU B 446 -16.99 28.52 4.13
CA LEU B 446 -16.42 27.29 4.68
C LEU B 446 -14.96 27.49 5.02
N GLY B 447 -14.28 28.26 4.18
CA GLY B 447 -12.89 28.60 4.43
C GLY B 447 -12.60 29.43 5.68
N SER B 448 -13.64 29.93 6.33
CA SER B 448 -13.46 30.76 7.54
C SER B 448 -13.47 29.91 8.81
N LEU B 449 -13.58 28.60 8.66
CA LEU B 449 -13.64 27.76 9.86
C LEU B 449 -12.21 27.44 10.25
N ASN B 450 -11.76 28.07 11.33
CA ASN B 450 -10.34 28.12 11.67
C ASN B 450 -9.79 26.82 12.20
N SER B 451 -10.67 25.97 12.75
CA SER B 451 -10.28 24.67 13.26
C SER B 451 -10.50 23.52 12.27
N LEU B 452 -11.08 23.79 11.10
CA LEU B 452 -11.47 22.69 10.21
C LEU B 452 -10.25 22.04 9.56
N PHE B 453 -10.02 20.75 9.83
CA PHE B 453 -8.99 20.02 9.08
C PHE B 453 -9.45 18.89 8.16
N TYR B 454 -10.72 18.52 8.26
CA TYR B 454 -11.22 17.39 7.53
C TYR B 454 -12.56 17.80 6.92
N LEU B 455 -12.61 17.89 5.60
CA LEU B 455 -13.84 18.27 4.93
C LEU B 455 -14.20 17.27 3.83
N ASP B 456 -15.28 16.52 4.03
CA ASP B 456 -15.74 15.57 3.03
C ASP B 456 -17.11 15.99 2.48
N LEU B 457 -17.09 16.57 1.29
CA LEU B 457 -18.30 16.95 0.55
C LEU B 457 -18.61 16.01 -0.60
N SER B 458 -17.86 14.92 -0.67
CA SER B 458 -17.85 14.06 -1.85
C SER B 458 -19.18 13.37 -2.15
N ASN B 459 -19.38 12.97 -3.41
CA ASN B 459 -20.59 12.24 -3.78
C ASN B 459 -21.87 13.02 -3.44
N ASN B 460 -21.89 14.27 -3.91
CA ASN B 460 -23.08 15.12 -3.91
C ASN B 460 -23.35 15.65 -5.32
N THR B 461 -24.28 16.60 -5.44
CA THR B 461 -24.53 17.31 -6.70
C THR B 461 -23.92 18.70 -6.86
N PHE B 462 -22.97 19.09 -6.01
CA PHE B 462 -22.45 20.47 -6.05
C PHE B 462 -21.96 20.93 -7.41
N ILE B 463 -22.27 22.18 -7.75
CA ILE B 463 -21.79 22.76 -8.99
C ILE B 463 -20.91 23.96 -8.72
N GLY B 464 -20.39 24.55 -9.80
CA GLY B 464 -19.57 25.73 -9.72
C GLY B 464 -18.13 25.48 -9.30
N GLU B 465 -17.43 26.56 -8.98
CA GLU B 465 -16.02 26.50 -8.66
C GLU B 465 -15.72 26.08 -7.23
N ILE B 466 -14.52 25.55 -7.02
CA ILE B 466 -13.94 25.40 -5.70
C ILE B 466 -13.66 26.79 -5.12
N PRO B 467 -14.18 27.08 -3.94
CA PRO B 467 -13.94 28.38 -3.31
C PRO B 467 -12.46 28.63 -3.05
N HIS B 468 -11.97 29.82 -3.44
CA HIS B 468 -10.56 30.16 -3.21
C HIS B 468 -10.22 30.11 -1.72
N SER B 469 -11.22 30.38 -0.88
CA SER B 469 -11.04 30.45 0.58
C SER B 469 -10.58 29.13 1.20
N LEU B 470 -10.85 28.02 0.52
CA LEU B 470 -10.41 26.72 1.01
C LEU B 470 -8.88 26.66 1.12
N THR B 471 -8.21 27.41 0.25
CA THR B 471 -6.75 27.42 0.24
C THR B 471 -6.15 28.23 1.40
N SER B 472 -6.99 28.98 2.09
CA SER B 472 -6.58 29.71 3.28
C SER B 472 -7.02 29.07 4.59
N LEU B 473 -7.60 27.88 4.54
CA LEU B 473 -8.08 27.26 5.78
C LEU B 473 -6.96 27.21 6.80
N GLN B 474 -7.21 27.84 7.94
CA GLN B 474 -6.15 28.15 8.90
C GLN B 474 -5.44 26.91 9.44
N SER B 475 -6.22 25.89 9.82
CA SER B 475 -5.64 24.67 10.36
C SER B 475 -4.99 23.82 9.27
N LEU B 476 -5.38 24.05 8.02
CA LEU B 476 -4.72 23.37 6.92
C LEU B 476 -3.43 24.09 6.54
N VAL B 477 -3.37 25.40 6.81
CA VAL B 477 -2.16 26.16 6.53
C VAL B 477 -1.08 25.87 7.57
N SER B 478 -1.44 25.94 8.84
CA SER B 478 -0.48 25.67 9.93
C SER B 478 -1.05 24.63 10.87
N LYS B 479 -0.17 23.98 11.63
CA LYS B 479 -0.59 22.93 12.55
C LYS B 479 -1.09 23.52 13.87
N ASP B 489 -12.72 5.77 23.78
CA ASP B 489 -13.87 6.64 24.05
C ASP B 489 -15.01 6.48 23.02
N PHE B 490 -14.76 6.92 21.79
CA PHE B 490 -15.81 6.98 20.76
C PHE B 490 -15.24 6.69 19.35
N PRO B 491 -15.03 5.41 18.99
CA PRO B 491 -14.35 5.16 17.70
C PRO B 491 -15.22 5.31 16.45
N PHE B 492 -14.56 5.66 15.35
CA PHE B 492 -15.21 5.88 14.06
C PHE B 492 -14.72 4.89 13.01
N PHE B 493 -15.53 4.67 11.99
CA PHE B 493 -15.19 3.85 10.84
C PHE B 493 -15.41 4.58 9.51
N LYS B 494 -14.59 4.28 8.51
CA LYS B 494 -14.76 4.82 7.16
C LYS B 494 -15.25 3.74 6.18
N LYS B 495 -16.29 4.08 5.41
CA LYS B 495 -16.86 3.17 4.41
C LYS B 495 -16.50 3.66 3.01
N LEU B 503 -12.79 -0.04 8.55
CA LEU B 503 -11.54 0.64 8.89
C LEU B 503 -11.71 1.60 10.09
N GLN B 504 -11.00 1.34 11.20
CA GLN B 504 -11.23 2.05 12.47
C GLN B 504 -10.39 3.30 12.75
N TYR B 505 -11.03 4.32 13.33
CA TYR B 505 -10.34 5.53 13.81
C TYR B 505 -10.86 5.87 15.21
N ASN B 506 -9.94 5.91 16.17
CA ASN B 506 -10.31 6.01 17.59
C ASN B 506 -10.76 7.39 18.05
N GLN B 507 -10.23 8.45 17.44
CA GLN B 507 -10.64 9.81 17.77
C GLN B 507 -10.61 10.68 16.52
N PRO B 508 -11.28 11.85 16.55
CA PRO B 508 -11.33 12.74 15.37
C PRO B 508 -9.97 13.08 14.81
N SER B 509 -8.98 13.22 15.69
CA SER B 509 -7.62 13.56 15.30
C SER B 509 -6.89 12.43 14.58
N SER B 510 -7.48 11.23 14.59
CA SER B 510 -6.87 10.08 13.92
C SER B 510 -7.03 10.19 12.42
N PHE B 511 -8.02 10.98 11.99
CA PHE B 511 -8.27 11.20 10.56
C PHE B 511 -7.26 12.18 10.00
N PRO B 512 -6.54 11.79 8.94
CA PRO B 512 -5.56 12.70 8.35
C PRO B 512 -6.25 13.91 7.73
N PRO B 513 -5.65 15.09 7.87
CA PRO B 513 -6.28 16.28 7.28
C PRO B 513 -6.61 16.06 5.78
N MET B 514 -7.82 16.44 5.39
CA MET B 514 -8.34 16.10 4.07
C MET B 514 -9.32 17.14 3.53
N ILE B 515 -9.22 17.41 2.23
CA ILE B 515 -10.30 18.02 1.49
C ILE B 515 -10.74 17.03 0.41
N ASP B 516 -11.94 16.47 0.54
CA ASP B 516 -12.51 15.61 -0.48
C ASP B 516 -13.78 16.21 -1.10
N LEU B 517 -13.64 16.73 -2.32
CA LEU B 517 -14.74 17.29 -3.10
C LEU B 517 -15.24 16.35 -4.23
N SER B 518 -14.74 15.11 -4.23
CA SER B 518 -14.89 14.19 -5.37
C SER B 518 -16.33 13.81 -5.69
N TYR B 519 -16.56 13.36 -6.92
CA TYR B 519 -17.90 12.93 -7.32
C TYR B 519 -18.96 14.07 -7.16
N ASN B 520 -18.62 15.21 -7.70
CA ASN B 520 -19.59 16.28 -7.87
C ASN B 520 -19.50 16.76 -9.32
N SER B 521 -20.17 17.87 -9.60
CA SER B 521 -20.09 18.57 -10.88
C SER B 521 -19.16 19.80 -10.91
N LEU B 522 -18.30 19.95 -9.92
CA LEU B 522 -17.46 21.15 -9.83
C LEU B 522 -16.67 21.47 -11.10
N ASN B 523 -16.58 22.75 -11.39
CA ASN B 523 -15.72 23.23 -12.42
C ASN B 523 -14.77 24.29 -12.04
N GLY B 524 -14.17 24.83 -13.07
CA GLY B 524 -13.18 25.83 -12.89
C GLY B 524 -11.83 25.19 -12.82
N SER B 525 -10.92 25.92 -12.25
CA SER B 525 -9.58 25.49 -12.19
C SER B 525 -9.20 25.10 -10.78
N ILE B 526 -8.05 24.50 -10.63
CA ILE B 526 -7.50 24.15 -9.35
C ILE B 526 -6.56 25.29 -8.92
N TRP B 527 -6.83 25.90 -7.79
CA TRP B 527 -6.06 27.06 -7.37
C TRP B 527 -4.63 26.76 -7.05
N PRO B 528 -3.72 27.64 -7.65
CA PRO B 528 -2.33 27.45 -7.23
C PRO B 528 -2.08 27.63 -5.77
N GLU B 529 -2.97 28.36 -5.14
CA GLU B 529 -2.90 28.64 -3.72
C GLU B 529 -3.13 27.43 -2.84
N PHE B 530 -3.57 26.33 -3.41
CA PHE B 530 -3.65 25.07 -2.69
C PHE B 530 -2.28 24.67 -2.16
N GLY B 531 -1.22 25.16 -2.81
CA GLY B 531 0.12 24.91 -2.32
C GLY B 531 0.40 25.54 -0.96
N ASP B 532 -0.50 26.40 -0.50
CA ASP B 532 -0.35 26.99 0.82
C ASP B 532 -0.72 26.01 1.90
N LEU B 533 -1.40 24.92 1.54
CA LEU B 533 -1.91 24.11 2.62
C LEU B 533 -0.85 23.06 2.93
N ARG B 534 -0.04 23.36 3.95
CA ARG B 534 1.14 22.57 4.25
C ARG B 534 0.84 21.45 5.22
N GLN B 535 -0.34 21.48 5.84
CA GLN B 535 -0.74 20.41 6.73
C GLN B 535 -1.68 19.41 6.07
N LEU B 536 -1.99 19.63 4.79
CA LEU B 536 -2.99 18.77 4.16
C LEU B 536 -2.37 17.41 3.80
N HIS B 537 -2.97 16.33 4.30
CA HIS B 537 -2.57 14.96 3.89
C HIS B 537 -3.27 14.43 2.63
N VAL B 538 -4.56 14.77 2.46
CA VAL B 538 -5.37 14.22 1.37
C VAL B 538 -6.10 15.30 0.57
N LEU B 539 -5.85 15.34 -0.72
CA LEU B 539 -6.62 16.21 -1.59
C LEU B 539 -7.28 15.34 -2.64
N ASN B 540 -8.58 15.11 -2.51
CA ASN B 540 -9.30 14.28 -3.48
C ASN B 540 -10.34 15.11 -4.23
N LEU B 541 -9.99 15.47 -5.46
CA LEU B 541 -10.88 16.19 -6.39
C LEU B 541 -11.50 15.31 -7.52
N LYS B 542 -11.35 14.00 -7.44
CA LYS B 542 -11.67 13.14 -8.59
C LYS B 542 -13.14 13.18 -9.07
N ASN B 543 -13.40 12.86 -10.34
CA ASN B 543 -14.77 12.86 -10.87
C ASN B 543 -15.53 14.18 -10.73
N ASN B 544 -14.94 15.23 -11.24
CA ASN B 544 -15.61 16.49 -11.40
C ASN B 544 -15.45 16.94 -12.84
N ASN B 545 -15.82 18.19 -13.08
CA ASN B 545 -15.59 18.86 -14.35
C ASN B 545 -14.38 19.79 -14.40
N LEU B 546 -13.46 19.66 -13.46
CA LEU B 546 -12.32 20.58 -13.37
C LEU B 546 -11.48 20.67 -14.65
N SER B 547 -11.01 21.87 -14.96
CA SER B 547 -10.21 22.08 -16.16
C SER B 547 -9.05 23.04 -15.94
N GLY B 548 -8.32 23.33 -17.00
CA GLY B 548 -7.16 24.19 -16.90
C GLY B 548 -5.99 23.33 -16.51
N ASN B 549 -4.90 23.93 -16.06
CA ASN B 549 -3.72 23.15 -15.75
C ASN B 549 -3.63 22.71 -14.29
N ILE B 550 -2.60 21.91 -14.02
CA ILE B 550 -2.25 21.54 -12.66
C ILE B 550 -1.15 22.50 -12.24
N PRO B 551 -1.47 23.36 -11.26
CA PRO B 551 -0.51 24.37 -10.82
C PRO B 551 0.74 23.71 -10.31
N ALA B 552 1.91 24.18 -10.77
CA ALA B 552 3.19 23.74 -10.23
C ALA B 552 3.25 23.97 -8.74
N ASN B 553 2.47 24.93 -8.27
CA ASN B 553 2.54 25.36 -6.88
C ASN B 553 1.98 24.31 -5.91
N LEU B 554 1.33 23.29 -6.45
CA LEU B 554 0.89 22.16 -5.63
C LEU B 554 2.05 21.46 -4.92
N SER B 555 3.27 21.67 -5.40
CA SER B 555 4.44 21.11 -4.75
C SER B 555 4.66 21.70 -3.38
N GLY B 556 3.92 22.77 -3.09
CA GLY B 556 4.02 23.46 -1.82
C GLY B 556 3.30 22.72 -0.71
N MET B 557 2.50 21.72 -1.04
CA MET B 557 1.82 21.01 0.03
C MET B 557 2.73 19.87 0.47
N THR B 558 3.44 20.11 1.57
CA THR B 558 4.56 19.23 1.90
C THR B 558 4.15 17.94 2.58
N SER B 559 2.98 17.95 3.20
CA SER B 559 2.53 16.81 3.97
C SER B 559 1.66 15.88 3.14
N LEU B 560 1.50 16.20 1.86
CA LEU B 560 0.51 15.51 1.06
C LEU B 560 0.86 14.05 0.81
N GLU B 561 -0.02 13.15 1.27
CA GLU B 561 0.06 11.72 1.02
C GLU B 561 -0.73 11.26 -0.20
N VAL B 562 -1.93 11.83 -0.34
CA VAL B 562 -2.85 11.45 -1.42
C VAL B 562 -3.26 12.65 -2.26
N LEU B 563 -3.03 12.55 -3.56
CA LEU B 563 -3.49 13.54 -4.50
C LEU B 563 -4.19 12.83 -5.63
N ASP B 564 -5.52 12.95 -5.69
CA ASP B 564 -6.28 12.29 -6.74
C ASP B 564 -7.07 13.33 -7.52
N LEU B 565 -6.59 13.60 -8.73
CA LEU B 565 -7.19 14.51 -9.68
C LEU B 565 -7.94 13.79 -10.82
N SER B 566 -8.08 12.47 -10.73
CA SER B 566 -8.55 11.67 -11.87
C SER B 566 -9.98 11.99 -12.32
N HIS B 567 -10.31 11.62 -13.56
CA HIS B 567 -11.65 11.88 -14.10
C HIS B 567 -12.06 13.37 -14.06
N ASN B 568 -11.20 14.22 -14.61
CA ASN B 568 -11.51 15.62 -14.82
C ASN B 568 -11.17 16.03 -16.27
N ASN B 569 -11.24 17.32 -16.53
CA ASN B 569 -10.85 17.91 -17.82
C ASN B 569 -9.45 18.51 -17.87
N LEU B 570 -8.62 18.19 -16.90
CA LEU B 570 -7.32 18.85 -16.79
C LEU B 570 -6.46 18.74 -18.04
N SER B 571 -5.67 19.77 -18.30
CA SER B 571 -4.80 19.79 -19.46
C SER B 571 -3.41 20.29 -19.12
N GLY B 572 -2.52 20.26 -20.09
CA GLY B 572 -1.15 20.69 -19.88
C GLY B 572 -0.25 19.56 -19.41
N ASN B 573 0.83 19.94 -18.75
CA ASN B 573 1.81 18.99 -18.27
C ASN B 573 1.64 18.79 -16.78
N ILE B 574 2.02 17.61 -16.32
CA ILE B 574 2.17 17.39 -14.90
C ILE B 574 3.42 18.15 -14.48
N PRO B 575 3.27 19.15 -13.62
CA PRO B 575 4.43 19.98 -13.23
C PRO B 575 5.55 19.13 -12.66
N PRO B 576 6.77 19.31 -13.17
CA PRO B 576 7.95 18.60 -12.65
C PRO B 576 8.21 18.90 -11.18
N SER B 577 7.73 20.04 -10.69
CA SER B 577 7.95 20.44 -9.31
C SER B 577 7.36 19.43 -8.33
N LEU B 578 6.38 18.68 -8.83
CA LEU B 578 5.62 17.74 -8.00
C LEU B 578 6.48 16.64 -7.40
N VAL B 579 7.72 16.49 -7.86
CA VAL B 579 8.65 15.56 -7.23
C VAL B 579 8.96 16.03 -5.83
N LYS B 580 8.68 17.29 -5.55
CA LYS B 580 8.93 17.83 -4.20
C LYS B 580 7.95 17.32 -3.16
N LEU B 581 6.95 16.56 -3.60
CA LEU B 581 6.02 16.01 -2.63
C LEU B 581 6.60 14.69 -2.21
N SER B 582 7.26 14.69 -1.05
CA SER B 582 8.10 13.57 -0.70
C SER B 582 7.35 12.46 0.02
N PHE B 583 6.17 12.79 0.52
CA PHE B 583 5.35 11.82 1.23
C PHE B 583 4.22 11.27 0.37
N LEU B 584 4.15 11.70 -0.89
CA LEU B 584 2.97 11.37 -1.70
C LEU B 584 3.06 9.90 -2.07
N SER B 585 2.16 9.12 -1.48
CA SER B 585 2.12 7.68 -1.69
C SER B 585 1.00 7.18 -2.61
N THR B 586 0.01 8.03 -2.83
CA THR B 586 -1.09 7.72 -3.73
C THR B 586 -1.36 8.93 -4.60
N PHE B 587 -1.26 8.72 -5.90
CA PHE B 587 -1.36 9.78 -6.89
C PHE B 587 -2.13 9.29 -8.10
N SER B 588 -3.17 10.02 -8.51
CA SER B 588 -3.81 9.72 -9.78
C SER B 588 -4.19 10.93 -10.58
N VAL B 589 -3.68 10.94 -11.80
CA VAL B 589 -4.04 11.85 -12.86
C VAL B 589 -4.95 11.21 -13.95
N ALA B 590 -5.37 9.98 -13.72
CA ALA B 590 -5.99 9.17 -14.78
C ALA B 590 -7.24 9.83 -15.38
N TYR B 591 -7.49 9.59 -16.67
CA TYR B 591 -8.70 10.11 -17.34
C TYR B 591 -8.84 11.62 -17.33
N ASN B 592 -7.77 12.28 -17.77
CA ASN B 592 -7.75 13.70 -18.08
C ASN B 592 -7.28 13.88 -19.53
N LYS B 593 -7.00 15.12 -19.89
CA LYS B 593 -6.43 15.54 -21.17
C LYS B 593 -4.92 15.83 -21.13
N LEU B 594 -4.23 15.34 -20.11
CA LEU B 594 -2.82 15.70 -19.93
C LEU B 594 -1.85 15.13 -20.99
N SER B 595 -0.71 15.80 -21.12
CA SER B 595 0.26 15.45 -22.14
C SER B 595 1.68 15.81 -21.71
N GLY B 596 2.66 15.19 -22.36
CA GLY B 596 4.05 15.47 -22.04
C GLY B 596 4.59 14.38 -21.16
N PRO B 597 5.84 14.54 -20.71
CA PRO B 597 6.54 13.51 -19.93
C PRO B 597 6.08 13.44 -18.49
N ILE B 598 6.36 12.30 -17.85
CA ILE B 598 6.03 12.08 -16.45
C ILE B 598 7.29 12.25 -15.63
N PRO B 599 7.19 12.98 -14.51
CA PRO B 599 8.34 13.22 -13.63
C PRO B 599 8.99 11.92 -13.14
N THR B 600 10.30 11.96 -12.90
CA THR B 600 11.07 10.79 -12.47
C THR B 600 11.41 10.65 -10.98
N GLY B 601 10.92 11.56 -10.15
CA GLY B 601 11.35 11.61 -8.76
C GLY B 601 11.06 10.38 -7.92
N VAL B 602 11.55 10.38 -6.69
CA VAL B 602 11.51 9.19 -5.83
C VAL B 602 10.10 8.58 -5.74
N GLN B 603 9.09 9.38 -5.46
CA GLN B 603 7.75 8.82 -5.26
C GLN B 603 7.12 8.47 -6.60
N PHE B 604 7.43 9.26 -7.62
CA PHE B 604 6.87 9.02 -8.94
C PHE B 604 7.30 7.67 -9.53
N GLN B 605 8.46 7.16 -9.11
CA GLN B 605 8.85 5.83 -9.51
C GLN B 605 7.92 4.77 -8.90
N THR B 606 7.17 5.13 -7.86
CA THR B 606 6.33 4.11 -7.21
C THR B 606 4.90 4.06 -7.73
N PHE B 607 4.49 5.00 -8.57
CA PHE B 607 3.07 5.07 -8.92
C PHE B 607 2.82 4.12 -10.08
N PRO B 608 1.79 3.29 -9.95
CA PRO B 608 1.43 2.28 -10.95
C PRO B 608 0.95 2.97 -12.23
N ASN B 609 0.90 2.21 -13.33
CA ASN B 609 0.52 2.75 -14.63
C ASN B 609 -0.92 3.29 -14.62
N SER B 610 -1.73 2.74 -13.73
CA SER B 610 -3.14 3.13 -13.63
C SER B 610 -3.32 4.58 -13.14
N SER B 611 -2.25 5.18 -12.65
CA SER B 611 -2.29 6.56 -12.19
C SER B 611 -2.30 7.53 -13.36
N PHE B 612 -1.70 7.10 -14.46
CA PHE B 612 -1.59 7.93 -15.66
C PHE B 612 -2.51 7.58 -16.82
N GLU B 613 -3.25 6.48 -16.69
CA GLU B 613 -3.98 5.95 -17.86
C GLU B 613 -5.13 6.85 -18.32
N GLY B 614 -5.42 6.85 -19.62
CA GLY B 614 -6.55 7.61 -20.12
C GLY B 614 -6.17 9.05 -20.40
N ASN B 615 -4.88 9.33 -20.44
CA ASN B 615 -4.37 10.59 -20.98
C ASN B 615 -3.57 10.26 -22.23
N GLN B 616 -4.13 10.58 -23.39
CA GLN B 616 -3.54 10.21 -24.68
C GLN B 616 -2.11 10.72 -24.84
N GLY B 617 -1.87 11.96 -24.44
CA GLY B 617 -0.60 12.61 -24.66
C GLY B 617 0.49 12.42 -23.62
N LEU B 618 0.25 11.61 -22.59
CA LEU B 618 1.29 11.36 -21.59
C LEU B 618 2.30 10.30 -22.04
N CYS B 619 3.57 10.52 -21.69
CA CYS B 619 4.63 9.59 -22.02
C CYS B 619 5.64 9.46 -20.88
N GLY B 620 6.30 8.31 -20.79
CA GLY B 620 7.33 8.10 -19.79
C GLY B 620 7.42 6.68 -19.28
N GLU B 621 8.10 6.51 -18.15
CA GLU B 621 8.35 5.18 -17.55
C GLU B 621 7.09 4.33 -17.36
N HIS B 622 6.05 4.94 -16.81
CA HIS B 622 4.79 4.24 -16.48
C HIS B 622 3.72 4.36 -17.57
N ALA B 623 4.09 4.91 -18.72
CA ALA B 623 3.17 5.08 -19.84
C ALA B 623 3.84 4.72 -21.16
N SER B 624 3.16 4.99 -22.27
CA SER B 624 3.77 4.86 -23.60
C SER B 624 5.05 5.68 -23.61
N PRO B 625 6.13 5.14 -24.22
CA PRO B 625 7.46 5.76 -24.12
C PRO B 625 7.59 7.13 -24.78
N CYS B 626 8.55 7.92 -24.32
CA CYS B 626 8.80 9.25 -24.87
C CYS B 626 9.74 9.18 -26.08
N TYS C 1 -17.48 7.66 3.54
CA TYS C 1 -18.12 8.41 4.62
CB TYS C 1 -19.62 8.51 4.40
CG TYS C 1 -20.33 7.18 4.36
CD1 TYS C 1 -20.81 6.59 5.53
CD2 TYS C 1 -20.55 6.51 3.14
CE1 TYS C 1 -21.48 5.37 5.50
CE2 TYS C 1 -21.23 5.30 3.11
CZ TYS C 1 -21.68 4.73 4.28
OH TYS C 1 -22.31 3.58 4.30
S TYS C 1 -23.21 3.00 3.07
O1 TYS C 1 -24.12 4.09 2.47
O2 TYS C 1 -24.09 1.83 3.55
O3 TYS C 1 -22.24 2.51 2.07
C TYS C 1 -17.84 7.72 5.96
O TYS C 1 -17.47 6.53 6.01
N ILE C 2 -18.01 8.48 7.03
CA ILE C 2 -17.76 8.01 8.38
C ILE C 2 -19.05 7.48 8.99
N TYS C 3 -18.94 6.39 9.73
CA TYS C 3 -20.09 5.87 10.45
CB TYS C 3 -20.83 4.77 9.69
CG TYS C 3 -20.01 3.53 9.44
CD1 TYS C 3 -20.19 2.37 10.20
CD2 TYS C 3 -19.04 3.50 8.45
CE1 TYS C 3 -19.44 1.22 9.97
CE2 TYS C 3 -18.30 2.36 8.20
CZ TYS C 3 -18.50 1.23 8.97
OH TYS C 3 -17.75 0.19 8.76
S TYS C 3 -18.11 -1.00 7.72
O1 TYS C 3 -19.49 -1.56 8.08
O2 TYS C 3 -17.04 -2.08 7.84
O3 TYS C 3 -18.11 -0.42 6.38
C TYS C 3 -19.60 5.33 11.77
O TYS C 3 -18.41 5.36 12.08
N THR C 4 -20.52 4.78 12.54
CA THR C 4 -20.20 4.27 13.85
C THR C 4 -20.91 2.92 13.95
N GLN C 5 -20.45 2.02 14.80
CA GLN C 5 -21.11 0.72 14.90
C GLN C 5 -20.89 0.05 16.24
N TYS D 1 20.63 -1.86 -3.37
CA TYS D 1 21.35 -2.34 -4.53
CB TYS D 1 22.32 -3.45 -4.10
CG TYS D 1 21.65 -4.62 -3.42
CD1 TYS D 1 21.22 -5.70 -4.16
CD2 TYS D 1 21.46 -4.65 -2.04
CE1 TYS D 1 20.61 -6.78 -3.55
CE2 TYS D 1 20.85 -5.72 -1.43
CZ TYS D 1 20.43 -6.80 -2.19
OH TYS D 1 19.84 -7.84 -1.67
S TYS D 1 20.02 -8.31 -0.14
O1 TYS D 1 19.09 -7.50 0.68
O2 TYS D 1 21.46 -8.08 0.34
O3 TYS D 1 19.64 -9.80 -0.05
C TYS D 1 20.40 -2.81 -5.61
O TYS D 1 19.18 -2.85 -5.40
N ILE D 2 20.95 -3.16 -6.76
CA ILE D 2 20.19 -3.65 -7.90
C ILE D 2 20.36 -5.16 -8.05
N TYS D 3 19.26 -5.85 -8.33
CA TYS D 3 19.27 -7.28 -8.62
CB TYS D 3 18.85 -8.09 -7.39
CG TYS D 3 17.43 -7.85 -6.90
CD1 TYS D 3 16.40 -8.72 -7.24
CD2 TYS D 3 17.12 -6.75 -6.08
CE1 TYS D 3 15.11 -8.51 -6.78
CE2 TYS D 3 15.84 -6.54 -5.63
CZ TYS D 3 14.83 -7.41 -5.97
OH TYS D 3 13.60 -7.18 -5.55
S TYS D 3 13.00 -7.91 -4.24
O1 TYS D 3 13.88 -7.54 -3.11
O2 TYS D 3 11.58 -7.42 -3.94
O3 TYS D 3 12.98 -9.44 -4.45
C TYS D 3 18.34 -7.50 -9.82
O TYS D 3 17.70 -6.55 -10.25
N THR D 4 18.31 -8.71 -10.38
CA THR D 4 17.21 -9.08 -11.28
C THR D 4 16.49 -10.27 -10.71
N GLN D 5 15.39 -10.68 -11.32
CA GLN D 5 14.66 -11.85 -10.82
C GLN D 5 13.68 -12.36 -11.84
C1 NAG E . -22.77 7.89 -3.95
C2 NAG E . -22.07 6.57 -4.26
C3 NAG E . -23.04 5.45 -4.67
C4 NAG E . -24.19 5.35 -3.68
C5 NAG E . -24.81 6.72 -3.49
C6 NAG E . -25.93 6.66 -2.47
C7 NAG E . -19.80 6.80 -5.00
C8 NAG E . -18.82 6.89 -6.12
N2 NAG E . -21.08 6.75 -5.31
O3 NAG E . -22.35 4.21 -4.74
O4 NAG E . -25.13 4.42 -4.14
O5 NAG E . -23.82 7.63 -3.04
O6 NAG E . -26.30 7.97 -2.11
O7 NAG E . -19.43 6.79 -3.82
C1 NAG E . -25.36 3.34 -3.22
C2 NAG E . -26.80 2.85 -3.35
C3 NAG E . -27.09 1.54 -2.62
C4 NAG E . -25.96 0.54 -2.81
C5 NAG E . -24.62 1.21 -2.53
C6 NAG E . -23.47 0.24 -2.71
C7 NAG E . -28.41 4.61 -3.76
C8 NAG E . -29.60 5.34 -3.25
N2 NAG E . -27.74 3.86 -2.88
O3 NAG E . -28.28 0.98 -3.12
O4 NAG E . -26.16 -0.54 -1.93
O5 NAG E . -24.44 2.29 -3.44
O6 NAG E . -23.28 0.02 -4.10
O7 NAG E . -28.08 4.68 -4.94
C1 NAG F . -8.24 3.43 -35.57
C2 NAG F . -7.43 2.28 -36.21
C3 NAG F . -5.98 2.36 -35.75
C4 NAG F . -5.41 3.70 -36.20
C5 NAG F . -6.32 4.82 -35.69
C6 NAG F . -5.82 6.16 -36.19
C7 NAG F . -8.19 0.07 -36.86
C8 NAG F . -8.82 -1.20 -36.42
N2 NAG F . -8.01 0.98 -35.93
O3 NAG F . -5.24 1.32 -36.32
O4 NAG F . -4.06 3.88 -35.81
O5 NAG F . -7.66 4.61 -36.11
O6 NAG F . -6.65 7.16 -35.65
O7 NAG F . -7.86 0.23 -38.04
C1 NAG G . 18.29 -14.43 -2.94
C2 NAG G . 16.98 -13.67 -2.69
C3 NAG G . 16.36 -14.02 -1.34
C4 NAG G . 16.29 -15.53 -1.19
C5 NAG G . 17.65 -16.15 -1.45
C6 NAG G . 17.58 -17.67 -1.33
C7 NAG G . 17.11 -11.54 -3.90
C8 NAG G . 17.24 -10.06 -3.78
N2 NAG G . 17.22 -12.23 -2.75
O3 NAG G . 15.06 -13.48 -1.24
O4 NAG G . 15.89 -15.86 0.12
O5 NAG G . 18.09 -15.82 -2.74
O6 NAG G . 16.61 -18.11 -2.25
O7 NAG G . 16.97 -12.07 -5.01
C1 NAG H . 5.78 -14.51 -8.84
C2 NAG H . 5.47 -13.02 -8.69
C3 NAG H . 4.38 -12.76 -7.65
C4 NAG H . 3.15 -13.60 -7.98
C5 NAG H . 3.56 -15.05 -8.07
C6 NAG H . 2.39 -15.93 -8.48
C7 NAG H . 7.31 -11.48 -9.16
C8 NAG H . 8.43 -10.67 -8.60
N2 NAG H . 6.66 -12.27 -8.31
O3 NAG H . 4.02 -11.42 -7.72
O4 NAG H . 2.13 -13.40 -7.02
O5 NAG H . 4.57 -15.20 -9.04
O6 NAG H . 2.88 -17.24 -8.65
O7 NAG H . 7.03 -11.40 -10.37
C1 NAG I . 25.47 -2.98 4.52
C2 NAG I . 24.04 -2.90 5.08
C3 NAG I . 23.73 -4.07 6.01
C4 NAG I . 24.10 -5.37 5.34
C5 NAG I . 25.58 -5.32 4.98
C6 NAG I . 26.05 -6.65 4.40
C7 NAG I . 23.16 -0.62 5.13
C8 NAG I . 22.82 0.55 6.01
N2 NAG I . 23.82 -1.62 5.72
O3 NAG I . 22.36 -4.11 6.29
O4 NAG I . 23.78 -6.47 6.16
O5 NAG I . 25.81 -4.27 4.05
O6 NAG I . 25.05 -7.16 3.55
O7 NAG I . 22.82 -0.62 3.95
C1 NAG J . 19.98 -31.39 -32.24
C2 NAG J . 19.49 -32.80 -31.97
C3 NAG J . 19.59 -33.56 -33.30
C4 NAG J . 18.88 -32.77 -34.41
C5 NAG J . 19.04 -31.25 -34.33
C6 NAG J . 17.99 -30.52 -35.16
C7 NAG J . 19.62 -33.78 -29.75
C8 NAG J . 20.46 -33.89 -28.52
N2 NAG J . 20.23 -33.42 -30.88
O3 NAG J . 18.99 -34.82 -33.16
O4 NAG J . 19.37 -33.24 -35.66
O5 NAG J . 18.97 -30.75 -33.00
O6 NAG J . 16.69 -30.90 -34.77
O7 NAG J . 18.42 -34.02 -29.68
C1 NAG K . -19.68 -8.49 15.60
C2 NAG K . -18.29 -8.39 14.98
C3 NAG K . -17.93 -9.67 14.22
C4 NAG K . -18.10 -10.84 15.16
C5 NAG K . -19.57 -10.91 15.60
C6 NAG K . -19.83 -12.12 16.49
C7 NAG K . -17.57 -6.12 14.37
C8 NAG K . -17.54 -5.07 13.29
N2 NAG K . -18.21 -7.26 14.08
O3 NAG K . -16.59 -9.62 13.78
O4 NAG K . -17.64 -12.03 14.56
O5 NAG K . -19.93 -9.71 16.28
O6 NAG K . -19.06 -12.03 17.66
O7 NAG K . -17.03 -5.91 15.44
C1 NAG L . -26.73 -0.22 7.93
C2 NAG L . -25.45 -1.01 7.66
C3 NAG L . -25.69 -2.08 6.57
C4 NAG L . -26.88 -2.96 6.94
C5 NAG L . -28.06 -2.01 7.13
C6 NAG L . -29.40 -2.72 7.35
C7 NAG L . -23.59 0.48 8.08
C8 NAG L . -22.37 1.16 7.55
N2 NAG L . -24.37 -0.15 7.22
O3 NAG L . -24.53 -2.85 6.37
O4 NAG L . -27.14 -3.85 5.87
O5 NAG L . -27.76 -1.16 8.21
O6 NAG L . -29.47 -3.29 8.64
O7 NAG L . -23.84 0.51 9.27
C1 NAG M . 9.27 -1.69 33.78
C2 NAG M . 8.07 -1.28 34.66
C3 NAG M . 7.17 -0.32 33.89
C4 NAG M . 7.99 0.91 33.51
C5 NAG M . 9.22 0.48 32.73
C6 NAG M . 10.12 1.68 32.43
C7 NAG M . 6.89 -2.59 36.33
C8 NAG M . 6.07 -3.82 36.65
N2 NAG M . 7.33 -2.46 35.09
O3 NAG M . 6.07 0.12 34.67
O4 NAG M . 7.18 1.79 32.76
O5 NAG M . 9.98 -0.51 33.42
O6 NAG M . 11.15 1.25 31.55
O7 NAG M . 7.11 -1.77 37.22
C1 NAG N . -34.74 3.29 39.98
C2 NAG N . -35.70 2.44 40.80
C3 NAG N . -36.14 3.17 42.07
C4 NAG N . -34.91 3.54 42.86
C5 NAG N . -34.13 4.51 41.98
C6 NAG N . -32.90 5.04 42.70
C7 NAG N . -37.07 1.06 39.33
C8 NAG N . -38.14 1.13 38.28
N2 NAG N . -36.88 2.18 39.99
O3 NAG N . -37.01 2.41 42.87
O4 NAG N . -35.28 4.10 44.11
O5 NAG N . -33.72 3.85 40.80
O6 NAG N . -32.26 3.92 43.27
O7 NAG N . -36.44 0.02 39.53
C1 NAG O . -17.54 5.43 39.35
C2 NAG O . -17.25 4.50 40.53
C3 NAG O . -15.80 4.60 40.99
C4 NAG O . -14.84 4.57 39.81
C5 NAG O . -15.22 5.63 38.80
C6 NAG O . -14.26 5.61 37.63
C7 NAG O . -18.71 3.93 42.38
C8 NAG O . -19.72 4.43 43.39
N2 NAG O . -18.11 4.85 41.64
O3 NAG O . -15.51 3.55 41.88
O4 NAG O . -13.53 4.82 40.24
O5 NAG O . -16.54 5.43 38.36
O6 NAG O . -14.80 6.29 36.53
O7 NAG O . -18.48 2.73 42.27
C1 NAG P . -40.96 16.57 12.59
C2 NAG P . -42.35 16.50 11.94
C3 NAG P . -43.25 17.65 12.41
C4 NAG P . -43.26 17.68 13.93
C5 NAG P . -41.85 17.64 14.49
C6 NAG P . -41.88 17.54 16.00
C7 NAG P . -42.79 15.48 9.82
C8 NAG P . -42.80 15.63 8.33
N2 NAG P . -42.28 16.50 10.51
O3 NAG P . -44.56 17.44 11.94
O4 NAG P . -43.88 18.86 14.37
O5 NAG P . -41.17 16.52 13.98
O6 NAG P . -42.50 16.31 16.36
O7 NAG P . -43.21 14.46 10.37
#